data_8XRB
#
_entry.id   8XRB
#
_cell.length_a   1.00
_cell.length_b   1.00
_cell.length_c   1.00
_cell.angle_alpha   90.00
_cell.angle_beta   90.00
_cell.angle_gamma   90.00
#
_symmetry.space_group_name_H-M   'P 1'
#
loop_
_entity.id
_entity.type
_entity.pdbx_description
1 polymer Hemagglutinin
2 branched 2-acetamido-2-deoxy-beta-D-glucopyranose-(1-4)-2-acetamido-2-deoxy-beta-D-glucopyranose
3 non-polymer 2-acetamido-2-deoxy-beta-D-glucopyranose
#
_entity_poly.entity_id   1
_entity_poly.type   'polypeptide(L)'
_entity_poly.pdbx_seq_one_letter_code
;DQICIGYHSNNSTEKVDTILERNVTVTHAQDLLEKTHNGKLCKLNGIPPLELGDCSIAGWLLGNPECDRLLTVPEWSYIM
EKENPRNGLCYPGSFNDYEELKHLLSSVTHFEKVKILPKDRWTQHTTTGGSRACAVSGNPSFFRNMVWLTKKGSNYPVAK
GSYNNTSGEQMLVIWGVHHPNDEAEQRTLYQNVGTYVSVGTSTVNKRSIPEIATRPKVNGQGGRMEFSWTILDMLDTINF
ESTGNLIAPEYGFKISKRGSSGIMKTEGTLENCETKCQTPLGAINTTLPFHNIHPLTIGECPKYVKSEKLVLATGLRNVP
QIESRGLFGAIAGFIEGGWQGMVDGWYGYHHSNDQGSGYAADKESTQKAIDGITNKVNSVIEKMNTQFEAVGKEFSNLEK
RLENLNKKMEDGFLDVWTYNAELLVLMENERTLDFHDSNVKNLYDKVRMQLRDNAKELGNGCFEFYHKCDDECMNSVKNG
TYDYPKYEEESKLNRNE
;
_entity_poly.pdbx_strand_id   A,B,C
#
# COMPACT_ATOMS: atom_id res chain seq x y z
N ASP A 1 61.59 7.59 18.18
CA ASP A 1 61.47 6.14 18.29
C ASP A 1 60.04 5.75 18.65
N GLN A 2 59.06 6.30 17.93
CA GLN A 2 57.67 6.07 18.26
C GLN A 2 56.78 6.44 17.08
N ILE A 3 56.02 5.47 16.58
CA ILE A 3 54.93 5.73 15.65
C ILE A 3 53.63 5.60 16.42
N CYS A 4 52.61 6.33 16.00
CA CYS A 4 51.32 6.26 16.67
C CYS A 4 50.20 6.21 15.65
N ILE A 5 49.08 5.60 16.06
CA ILE A 5 47.93 5.36 15.21
C ILE A 5 46.74 6.10 15.78
N GLY A 6 46.05 6.86 14.94
CA GLY A 6 44.91 7.63 15.40
C GLY A 6 44.03 8.04 14.23
N TYR A 7 43.04 8.87 14.54
CA TYR A 7 42.09 9.31 13.53
C TYR A 7 41.94 10.83 13.63
N HIS A 8 40.99 11.37 12.88
CA HIS A 8 40.89 12.79 12.59
C HIS A 8 39.70 13.43 13.30
N SER A 9 39.91 14.62 13.85
CA SER A 9 38.87 15.39 14.49
C SER A 9 39.00 16.85 14.06
N ASN A 10 37.89 17.58 14.10
CA ASN A 10 37.87 18.95 13.59
C ASN A 10 36.85 19.76 14.38
N ASN A 11 36.44 20.90 13.82
CA ASN A 11 35.61 21.90 14.49
C ASN A 11 34.14 21.81 14.13
N SER A 12 33.70 20.71 13.51
CA SER A 12 32.33 20.61 13.05
C SER A 12 31.36 20.54 14.23
N THR A 13 30.08 20.75 13.92
CA THR A 13 29.03 20.73 14.94
C THR A 13 27.77 20.01 14.48
N GLU A 14 27.78 19.38 13.31
CA GLU A 14 26.60 18.68 12.81
C GLU A 14 26.30 17.46 13.69
N LYS A 15 25.01 17.14 13.80
CA LYS A 15 24.54 16.06 14.66
C LYS A 15 23.71 15.08 13.85
N VAL A 16 23.84 13.79 14.18
CA VAL A 16 23.11 12.73 13.52
C VAL A 16 22.43 11.87 14.58
N ASP A 17 21.49 11.05 14.12
CA ASP A 17 20.72 10.18 14.99
C ASP A 17 21.03 8.72 14.67
N THR A 18 21.03 7.89 15.71
CA THR A 18 21.34 6.48 15.59
C THR A 18 20.29 5.68 16.36
N ILE A 19 20.11 4.42 15.97
CA ILE A 19 19.14 3.56 16.62
C ILE A 19 19.48 3.26 18.07
N LEU A 20 20.73 3.52 18.47
CA LEU A 20 21.17 3.26 19.84
C LEU A 20 21.40 4.52 20.65
N GLU A 21 21.60 5.67 19.99
CA GLU A 21 21.89 6.93 20.67
C GLU A 21 21.36 8.09 19.84
N ARG A 22 21.17 9.22 20.50
CA ARG A 22 20.59 10.40 19.86
C ARG A 22 21.54 11.58 19.98
N ASN A 23 21.56 12.41 18.93
CA ASN A 23 22.30 13.67 18.90
C ASN A 23 23.79 13.43 19.13
N VAL A 24 24.39 12.75 18.17
CA VAL A 24 25.82 12.44 18.17
C VAL A 24 26.53 13.38 17.22
N THR A 25 27.65 13.95 17.67
CA THR A 25 28.42 14.89 16.86
C THR A 25 29.36 14.14 15.93
N VAL A 26 29.33 14.50 14.64
CA VAL A 26 30.14 13.85 13.63
C VAL A 26 30.93 14.90 12.87
N THR A 27 32.05 14.47 12.28
CA THR A 27 32.91 15.39 11.54
C THR A 27 32.24 15.88 10.27
N HIS A 28 31.68 14.97 9.48
CA HIS A 28 31.01 15.32 8.24
C HIS A 28 29.66 14.64 8.18
N ALA A 29 28.69 15.34 7.57
CA ALA A 29 27.35 14.79 7.40
C ALA A 29 26.75 15.37 6.14
N GLN A 30 25.78 14.63 5.59
CA GLN A 30 25.08 15.03 4.37
C GLN A 30 23.59 15.16 4.65
N ASP A 31 23.02 16.29 4.28
CA ASP A 31 21.58 16.50 4.42
C ASP A 31 20.86 16.03 3.17
N LEU A 32 19.71 15.40 3.35
CA LEU A 32 18.93 14.86 2.25
C LEU A 32 17.52 15.44 2.17
N LEU A 33 17.15 16.33 3.08
CA LEU A 33 15.79 16.87 3.15
C LEU A 33 15.80 18.36 2.87
N GLU A 34 14.89 18.81 2.01
CA GLU A 34 14.71 20.22 1.70
C GLU A 34 13.43 20.71 2.33
N LYS A 35 13.54 21.77 3.14
CA LYS A 35 12.42 22.27 3.94
C LYS A 35 12.13 23.74 3.67
N THR A 36 12.45 24.24 2.48
CA THR A 36 12.29 25.65 2.16
C THR A 36 11.56 25.81 0.83
N HIS A 37 10.78 26.89 0.74
CA HIS A 37 10.11 27.28 -0.49
C HIS A 37 9.95 28.79 -0.49
N ASN A 38 9.73 29.36 -1.68
CA ASN A 38 9.63 30.80 -1.83
C ASN A 38 8.22 31.32 -1.59
N GLY A 39 7.24 30.45 -1.41
CA GLY A 39 5.87 30.89 -1.13
C GLY A 39 5.25 31.66 -2.27
N LYS A 40 5.51 31.25 -3.51
CA LYS A 40 5.04 31.97 -4.69
C LYS A 40 4.50 30.98 -5.71
N LEU A 41 3.55 31.46 -6.53
CA LEU A 41 3.04 30.72 -7.67
C LEU A 41 3.68 31.30 -8.93
N CYS A 42 4.43 30.49 -9.65
CA CYS A 42 5.30 30.98 -10.71
C CYS A 42 5.17 30.08 -11.94
N LYS A 43 5.87 30.47 -13.00
CA LYS A 43 5.80 29.75 -14.26
C LYS A 43 6.51 28.41 -14.18
N LEU A 44 6.09 27.50 -15.06
CA LEU A 44 6.66 26.15 -15.13
C LEU A 44 7.31 25.99 -16.51
N ASN A 45 8.64 26.04 -16.55
CA ASN A 45 9.42 25.93 -17.78
C ASN A 45 9.05 27.01 -18.79
N GLY A 46 8.67 28.19 -18.30
CA GLY A 46 8.36 29.31 -19.15
C GLY A 46 6.93 29.42 -19.60
N ILE A 47 6.11 28.42 -19.33
CA ILE A 47 4.71 28.41 -19.73
C ILE A 47 3.87 28.80 -18.51
N PRO A 48 3.19 29.95 -18.54
CA PRO A 48 2.38 30.36 -17.38
C PRO A 48 1.17 29.47 -17.20
N PRO A 49 0.66 29.37 -15.97
CA PRO A 49 -0.54 28.57 -15.73
C PRO A 49 -1.80 29.30 -16.18
N LEU A 50 -2.93 28.62 -16.04
CA LEU A 50 -4.24 29.17 -16.36
C LEU A 50 -4.87 29.69 -15.07
N GLU A 51 -5.00 31.01 -14.96
CA GLU A 51 -5.54 31.65 -13.76
C GLU A 51 -7.05 31.79 -13.91
N LEU A 52 -7.80 30.92 -13.25
CA LEU A 52 -9.25 30.99 -13.30
C LEU A 52 -9.80 32.14 -12.46
N GLY A 53 -9.13 32.48 -11.36
CA GLY A 53 -9.57 33.57 -10.51
C GLY A 53 -10.78 33.22 -9.67
N ASP A 54 -11.90 33.88 -9.93
CA ASP A 54 -13.14 33.65 -9.21
C ASP A 54 -14.09 32.73 -9.96
N CYS A 55 -13.63 32.10 -11.03
CA CYS A 55 -14.46 31.26 -11.88
C CYS A 55 -14.11 29.79 -11.68
N SER A 56 -15.10 28.94 -11.92
CA SER A 56 -14.92 27.50 -11.88
C SER A 56 -14.70 26.97 -13.30
N ILE A 57 -14.43 25.67 -13.39
CA ILE A 57 -14.22 25.04 -14.69
C ILE A 57 -15.51 25.09 -15.51
N ALA A 58 -16.64 24.82 -14.87
CA ALA A 58 -17.92 24.86 -15.57
C ALA A 58 -18.22 26.26 -16.08
N GLY A 59 -17.94 27.29 -15.27
CA GLY A 59 -18.16 28.65 -15.70
C GLY A 59 -17.27 29.06 -16.86
N TRP A 60 -16.04 28.54 -16.90
CA TRP A 60 -15.13 28.85 -17.99
C TRP A 60 -15.57 28.15 -19.28
N LEU A 61 -15.93 26.87 -19.19
CA LEU A 61 -16.27 26.13 -20.40
C LEU A 61 -17.64 26.55 -20.95
N LEU A 62 -18.59 26.88 -20.07
CA LEU A 62 -19.91 27.27 -20.52
C LEU A 62 -19.98 28.73 -20.95
N GLY A 63 -19.06 29.58 -20.49
CA GLY A 63 -19.02 30.96 -20.90
C GLY A 63 -19.80 31.90 -20.00
N ASN A 64 -19.50 31.88 -18.71
CA ASN A 64 -20.16 32.79 -17.79
C ASN A 64 -19.81 34.23 -18.13
N PRO A 65 -20.77 35.16 -18.03
CA PRO A 65 -20.47 36.56 -18.37
C PRO A 65 -19.36 37.17 -17.55
N GLU A 66 -19.17 36.72 -16.31
CA GLU A 66 -18.08 37.26 -15.49
C GLU A 66 -16.72 36.75 -15.93
N CYS A 67 -16.66 35.55 -16.50
CA CYS A 67 -15.41 34.98 -16.99
C CYS A 67 -15.24 35.27 -18.49
N ASP A 68 -15.26 36.57 -18.81
CA ASP A 68 -15.14 37.00 -20.19
C ASP A 68 -13.70 37.17 -20.65
N ARG A 69 -12.73 37.07 -19.73
CA ARG A 69 -11.32 37.12 -20.10
C ARG A 69 -10.76 35.76 -20.46
N LEU A 70 -11.52 34.70 -20.26
CA LEU A 70 -11.08 33.34 -20.58
C LEU A 70 -11.72 32.82 -21.87
N LEU A 71 -12.32 33.71 -22.67
CA LEU A 71 -12.93 33.28 -23.92
C LEU A 71 -11.89 32.69 -24.87
N THR A 72 -10.71 33.31 -24.93
CA THR A 72 -9.58 32.78 -25.68
C THR A 72 -8.39 32.68 -24.74
N VAL A 73 -7.86 31.48 -24.57
CA VAL A 73 -6.77 31.26 -23.62
C VAL A 73 -5.60 30.59 -24.35
N PRO A 74 -4.36 30.94 -24.01
CA PRO A 74 -3.21 30.29 -24.64
C PRO A 74 -2.82 28.98 -23.96
N GLU A 75 -1.69 28.43 -24.36
CA GLU A 75 -1.17 27.22 -23.74
C GLU A 75 -0.91 27.44 -22.26
N TRP A 76 -1.15 26.41 -21.45
CA TRP A 76 -0.96 26.49 -20.01
C TRP A 76 -0.19 25.27 -19.52
N SER A 77 0.46 25.43 -18.37
CA SER A 77 1.20 24.35 -17.73
C SER A 77 0.43 23.68 -16.60
N TYR A 78 -0.41 24.42 -15.88
CA TYR A 78 -1.31 23.87 -14.90
C TYR A 78 -2.45 24.85 -14.68
N ILE A 79 -3.47 24.40 -13.96
CA ILE A 79 -4.69 25.18 -13.73
C ILE A 79 -4.75 25.55 -12.26
N MET A 80 -5.02 26.84 -11.99
CA MET A 80 -5.16 27.35 -10.63
C MET A 80 -6.62 27.62 -10.36
N GLU A 81 -7.17 26.98 -9.33
CA GLU A 81 -8.58 27.06 -9.00
C GLU A 81 -8.75 27.26 -7.50
N LYS A 82 -9.87 27.87 -7.12
CA LYS A 82 -10.19 28.10 -5.72
C LYS A 82 -11.03 26.96 -5.17
N GLU A 83 -11.08 26.88 -3.84
CA GLU A 83 -11.85 25.81 -3.19
C GLU A 83 -13.34 26.00 -3.38
N ASN A 84 -13.83 27.22 -3.22
CA ASN A 84 -15.25 27.54 -3.39
C ASN A 84 -15.36 28.74 -4.32
N PRO A 85 -15.27 28.52 -5.63
CA PRO A 85 -15.39 29.64 -6.57
C PRO A 85 -16.77 30.27 -6.53
N ARG A 86 -16.81 31.57 -6.82
CA ARG A 86 -18.04 32.34 -6.75
C ARG A 86 -18.85 32.28 -8.04
N ASN A 87 -18.18 32.39 -9.20
CA ASN A 87 -18.86 32.44 -10.49
C ASN A 87 -18.79 31.07 -11.14
N GLY A 88 -19.85 30.28 -10.97
CA GLY A 88 -19.96 28.99 -11.62
C GLY A 88 -21.12 28.92 -12.57
N LEU A 89 -22.17 28.19 -12.19
CA LEU A 89 -23.40 28.14 -12.97
C LEU A 89 -24.26 29.34 -12.59
N CYS A 90 -24.32 30.33 -13.48
CA CYS A 90 -25.12 31.52 -13.21
C CYS A 90 -26.60 31.17 -13.08
N TYR A 91 -27.14 30.46 -14.05
CA TYR A 91 -28.47 29.88 -13.91
C TYR A 91 -28.35 28.57 -13.13
N PRO A 92 -29.11 28.38 -12.06
CA PRO A 92 -28.92 27.20 -11.21
C PRO A 92 -29.15 25.90 -11.97
N GLY A 93 -28.42 24.87 -11.57
CA GLY A 93 -28.54 23.59 -12.22
C GLY A 93 -27.46 22.63 -11.73
N SER A 94 -27.21 21.60 -12.55
CA SER A 94 -26.24 20.56 -12.23
C SER A 94 -25.33 20.34 -13.44
N PHE A 95 -24.39 19.41 -13.27
CA PHE A 95 -23.41 19.09 -14.32
C PHE A 95 -23.02 17.63 -14.14
N ASN A 96 -23.60 16.76 -14.98
CA ASN A 96 -23.36 15.33 -14.85
C ASN A 96 -21.91 14.98 -15.20
N ASP A 97 -21.33 14.07 -14.41
CA ASP A 97 -19.97 13.59 -14.61
C ASP A 97 -18.97 14.74 -14.61
N TYR A 98 -19.09 15.62 -13.61
CA TYR A 98 -18.18 16.75 -13.48
C TYR A 98 -16.76 16.28 -13.16
N GLU A 99 -16.63 15.36 -12.21
CA GLU A 99 -15.32 14.90 -11.78
C GLU A 99 -14.61 14.11 -12.87
N GLU A 100 -15.35 13.38 -13.70
CA GLU A 100 -14.73 12.71 -14.84
C GLU A 100 -14.18 13.72 -15.83
N LEU A 101 -14.92 14.80 -16.07
CA LEU A 101 -14.43 15.86 -16.94
C LEU A 101 -13.17 16.51 -16.37
N LYS A 102 -13.14 16.73 -15.06
CA LYS A 102 -11.93 17.28 -14.44
C LYS A 102 -10.76 16.33 -14.55
N HIS A 103 -11.00 15.02 -14.38
CA HIS A 103 -9.95 14.04 -14.56
C HIS A 103 -9.41 14.06 -15.99
N LEU A 104 -10.30 14.19 -16.97
CA LEU A 104 -9.85 14.31 -18.35
C LEU A 104 -9.04 15.59 -18.56
N LEU A 105 -9.50 16.70 -17.99
CA LEU A 105 -8.79 17.97 -18.14
C LEU A 105 -7.44 17.97 -17.46
N SER A 106 -7.24 17.11 -16.46
CA SER A 106 -5.94 17.04 -15.79
C SER A 106 -4.83 16.50 -16.70
N SER A 107 -5.10 16.20 -17.97
CA SER A 107 -4.06 15.77 -18.91
C SER A 107 -4.19 16.47 -20.25
N VAL A 108 -4.78 17.67 -20.26
CA VAL A 108 -4.96 18.47 -21.47
C VAL A 108 -4.24 19.79 -21.24
N THR A 109 -3.45 20.20 -22.24
CA THR A 109 -2.60 21.38 -22.12
C THR A 109 -3.10 22.58 -22.92
N HIS A 110 -3.70 22.35 -24.08
CA HIS A 110 -4.23 23.45 -24.89
C HIS A 110 -5.61 23.07 -25.42
N PHE A 111 -6.43 24.10 -25.65
CA PHE A 111 -7.75 23.95 -26.26
C PHE A 111 -7.85 24.89 -27.45
N GLU A 112 -8.68 24.51 -28.41
CA GLU A 112 -8.94 25.34 -29.58
C GLU A 112 -10.43 25.28 -29.89
N LYS A 113 -11.08 26.44 -29.90
CA LYS A 113 -12.53 26.53 -30.00
C LYS A 113 -12.96 26.58 -31.46
N VAL A 114 -13.90 25.71 -31.84
CA VAL A 114 -14.41 25.62 -33.19
C VAL A 114 -15.90 25.89 -33.18
N LYS A 115 -16.36 26.77 -34.07
CA LYS A 115 -17.79 27.04 -34.24
C LYS A 115 -18.39 25.92 -35.06
N ILE A 116 -19.30 25.16 -34.47
CA ILE A 116 -19.85 23.95 -35.09
C ILE A 116 -21.31 24.13 -35.43
N LEU A 117 -22.02 24.96 -34.66
CA LEU A 117 -23.43 25.23 -34.90
C LEU A 117 -23.63 26.73 -34.77
N PRO A 118 -23.39 27.49 -35.85
CA PRO A 118 -23.50 28.95 -35.77
C PRO A 118 -24.91 29.36 -35.35
N LYS A 119 -24.97 30.46 -34.59
CA LYS A 119 -26.23 30.88 -33.98
C LYS A 119 -27.27 31.28 -35.01
N ASP A 120 -26.87 31.55 -36.25
CA ASP A 120 -27.79 32.04 -37.27
C ASP A 120 -28.39 30.93 -38.12
N ARG A 121 -28.11 29.66 -37.83
CA ARG A 121 -28.75 28.59 -38.57
C ARG A 121 -30.17 28.30 -38.09
N TRP A 122 -30.54 28.81 -36.92
CA TRP A 122 -31.87 28.59 -36.36
C TRP A 122 -32.81 29.68 -36.88
N THR A 123 -33.29 29.47 -38.11
CA THR A 123 -34.18 30.42 -38.75
C THR A 123 -35.64 30.19 -38.41
N GLN A 124 -35.95 29.16 -37.63
CA GLN A 124 -37.32 28.86 -37.25
C GLN A 124 -37.56 28.99 -35.75
N HIS A 125 -36.57 29.47 -35.00
CA HIS A 125 -36.68 29.60 -33.56
C HIS A 125 -36.13 30.97 -33.14
N THR A 126 -36.15 31.23 -31.84
CA THR A 126 -35.57 32.44 -31.27
C THR A 126 -34.32 32.08 -30.48
N THR A 127 -33.25 32.83 -30.71
CA THR A 127 -31.95 32.54 -30.10
C THR A 127 -31.47 33.68 -29.21
N THR A 128 -32.37 34.53 -28.73
CA THR A 128 -32.00 35.67 -27.90
C THR A 128 -32.56 35.56 -26.49
N GLY A 129 -32.80 34.34 -26.03
CA GLY A 129 -33.28 34.15 -24.67
C GLY A 129 -32.23 34.51 -23.65
N GLY A 130 -32.69 34.95 -22.48
CA GLY A 130 -31.79 35.35 -21.42
C GLY A 130 -32.48 35.28 -20.07
N SER A 131 -31.69 35.51 -19.03
CA SER A 131 -32.19 35.46 -17.66
C SER A 131 -31.50 36.53 -16.83
N ARG A 132 -32.15 36.91 -15.73
CA ARG A 132 -31.59 37.88 -14.81
C ARG A 132 -30.63 37.27 -13.80
N ALA A 133 -30.51 35.94 -13.77
CA ALA A 133 -29.57 35.30 -12.86
C ALA A 133 -28.14 35.70 -13.17
N CYS A 134 -27.78 35.73 -14.45
CA CYS A 134 -26.49 36.24 -14.91
C CYS A 134 -26.76 37.34 -15.91
N ALA A 135 -26.73 38.58 -15.44
CA ALA A 135 -27.04 39.76 -16.24
C ALA A 135 -25.84 40.70 -16.27
N VAL A 136 -25.60 41.31 -17.42
CA VAL A 136 -24.53 42.28 -17.60
C VAL A 136 -25.15 43.68 -17.67
N SER A 137 -24.62 44.60 -16.86
CA SER A 137 -25.09 45.98 -16.81
C SER A 137 -26.59 46.07 -16.55
N GLY A 138 -27.11 45.15 -15.74
CA GLY A 138 -28.52 45.13 -15.42
C GLY A 138 -29.37 44.41 -16.45
N ASN A 139 -28.99 44.50 -17.72
CA ASN A 139 -29.74 43.83 -18.76
C ASN A 139 -29.49 42.32 -18.72
N PRO A 140 -30.52 41.50 -18.93
CA PRO A 140 -30.34 40.05 -18.85
C PRO A 140 -29.42 39.53 -19.95
N SER A 141 -28.76 38.42 -19.65
CA SER A 141 -27.83 37.78 -20.58
C SER A 141 -27.88 36.27 -20.37
N PHE A 142 -26.89 35.57 -20.91
CA PHE A 142 -26.85 34.12 -20.85
C PHE A 142 -25.41 33.67 -21.06
N PHE A 143 -25.19 32.36 -20.99
CA PHE A 143 -23.88 31.79 -21.27
C PHE A 143 -23.43 32.16 -22.69
N ARG A 144 -22.16 32.53 -22.81
CA ARG A 144 -21.64 33.00 -24.08
C ARG A 144 -21.36 31.89 -25.08
N ASN A 145 -21.27 30.64 -24.63
CA ASN A 145 -20.94 29.52 -25.50
C ASN A 145 -22.13 28.64 -25.83
N MET A 146 -23.32 28.96 -25.34
CA MET A 146 -24.50 28.13 -25.55
C MET A 146 -25.66 28.98 -26.03
N VAL A 147 -26.65 28.33 -26.63
CA VAL A 147 -27.81 28.99 -27.23
C VAL A 147 -29.07 28.47 -26.55
N TRP A 148 -29.93 29.40 -26.15
CA TRP A 148 -31.23 29.07 -25.57
C TRP A 148 -32.30 29.25 -26.64
N LEU A 149 -32.97 28.16 -27.00
CA LEU A 149 -33.93 28.15 -28.10
C LEU A 149 -35.34 28.27 -27.55
N THR A 150 -36.13 29.18 -28.13
CA THR A 150 -37.49 29.43 -27.69
C THR A 150 -38.39 29.60 -28.90
N LYS A 151 -39.60 30.08 -28.65
CA LYS A 151 -40.63 30.23 -29.68
C LYS A 151 -40.27 31.33 -30.67
N LYS A 152 -40.81 31.20 -31.88
CA LYS A 152 -40.84 32.29 -32.86
C LYS A 152 -42.30 32.45 -33.26
N GLY A 153 -43.00 33.32 -32.56
CA GLY A 153 -44.44 33.50 -32.78
C GLY A 153 -45.26 32.67 -31.79
N SER A 154 -45.87 31.59 -32.30
CA SER A 154 -46.66 30.70 -31.45
C SER A 154 -46.43 29.25 -31.81
N ASN A 155 -45.23 28.91 -32.29
CA ASN A 155 -44.92 27.54 -32.67
C ASN A 155 -43.46 27.23 -32.37
N TYR A 156 -43.19 25.95 -32.10
CA TYR A 156 -41.83 25.46 -31.86
C TYR A 156 -41.62 24.24 -32.75
N PRO A 157 -41.10 24.45 -33.95
CA PRO A 157 -40.83 23.31 -34.83
C PRO A 157 -39.71 22.44 -34.30
N VAL A 158 -39.64 21.21 -34.82
CA VAL A 158 -38.60 20.28 -34.39
C VAL A 158 -37.24 20.82 -34.79
N ALA A 159 -36.33 20.88 -33.84
CA ALA A 159 -34.99 21.42 -34.05
C ALA A 159 -34.02 20.29 -34.34
N LYS A 160 -33.24 20.43 -35.40
CA LYS A 160 -32.27 19.41 -35.81
C LYS A 160 -30.92 20.07 -36.06
N GLY A 161 -29.85 19.36 -35.70
CA GLY A 161 -28.51 19.84 -35.91
C GLY A 161 -27.49 18.72 -35.92
N SER A 162 -26.53 18.79 -36.84
CA SER A 162 -25.52 17.74 -36.97
C SER A 162 -24.15 18.37 -37.18
N TYR A 163 -23.11 17.62 -36.84
CA TYR A 163 -21.75 18.04 -37.09
C TYR A 163 -20.87 16.81 -37.30
N ASN A 164 -20.02 16.87 -38.32
CA ASN A 164 -19.05 15.82 -38.63
C ASN A 164 -17.67 16.32 -38.22
N ASN A 165 -16.97 15.54 -37.41
CA ASN A 165 -15.71 15.98 -36.81
C ASN A 165 -14.59 15.85 -37.83
N THR A 166 -14.31 16.96 -38.53
CA THR A 166 -13.21 17.04 -39.47
C THR A 166 -12.10 17.97 -39.00
N SER A 167 -12.05 18.27 -37.70
CA SER A 167 -11.08 19.20 -37.17
C SER A 167 -9.69 18.59 -37.02
N GLY A 168 -9.58 17.26 -37.00
CA GLY A 168 -8.30 16.60 -36.91
C GLY A 168 -7.92 16.07 -35.55
N GLU A 169 -8.79 16.20 -34.55
CA GLU A 169 -8.50 15.72 -33.21
C GLU A 169 -9.80 15.45 -32.48
N GLN A 170 -9.69 14.80 -31.32
CA GLN A 170 -10.86 14.56 -30.49
C GLN A 170 -11.45 15.88 -29.99
N MET A 171 -12.76 15.88 -29.75
CA MET A 171 -13.50 17.09 -29.50
C MET A 171 -14.45 16.91 -28.32
N LEU A 172 -14.62 17.98 -27.54
CA LEU A 172 -15.51 17.98 -26.37
C LEU A 172 -16.74 18.83 -26.68
N VAL A 173 -17.92 18.23 -26.50
CA VAL A 173 -19.19 18.89 -26.80
C VAL A 173 -20.07 18.83 -25.54
N ILE A 174 -20.72 19.94 -25.23
CA ILE A 174 -21.57 20.07 -24.05
C ILE A 174 -22.93 20.60 -24.48
N TRP A 175 -23.99 19.96 -24.00
CA TRP A 175 -25.36 20.42 -24.22
C TRP A 175 -26.10 20.46 -22.89
N GLY A 176 -27.37 20.82 -22.92
CA GLY A 176 -28.13 20.95 -21.69
C GLY A 176 -29.62 20.84 -21.91
N VAL A 177 -30.33 20.69 -20.79
CA VAL A 177 -31.79 20.56 -20.76
C VAL A 177 -32.33 21.47 -19.67
N HIS A 178 -33.44 22.15 -19.96
CA HIS A 178 -34.05 23.10 -19.03
C HIS A 178 -35.26 22.47 -18.36
N HIS A 179 -35.29 22.55 -17.02
CA HIS A 179 -36.43 22.07 -16.24
C HIS A 179 -37.19 23.27 -15.68
N PRO A 180 -38.38 23.57 -16.16
CA PRO A 180 -39.15 24.72 -15.64
C PRO A 180 -39.76 24.40 -14.28
N ASN A 181 -40.45 25.39 -13.72
CA ASN A 181 -41.05 25.26 -12.41
C ASN A 181 -42.57 25.17 -12.43
N ASP A 182 -43.21 25.47 -13.55
CA ASP A 182 -44.66 25.30 -13.68
C ASP A 182 -45.01 25.18 -15.16
N GLU A 183 -46.22 24.70 -15.42
CA GLU A 183 -46.67 24.53 -16.80
C GLU A 183 -46.83 25.86 -17.52
N ALA A 184 -47.11 26.93 -16.78
CA ALA A 184 -47.23 28.25 -17.41
C ALA A 184 -45.91 28.68 -18.04
N GLU A 185 -44.80 28.44 -17.33
CA GLU A 185 -43.49 28.74 -17.89
C GLU A 185 -43.22 27.90 -19.13
N GLN A 186 -43.56 26.62 -19.08
CA GLN A 186 -43.34 25.74 -20.22
C GLN A 186 -44.11 26.21 -21.45
N ARG A 187 -45.38 26.60 -21.26
CA ARG A 187 -46.17 27.06 -22.39
C ARG A 187 -45.70 28.42 -22.88
N THR A 188 -45.26 29.29 -21.98
CA THR A 188 -44.76 30.59 -22.39
C THR A 188 -43.45 30.46 -23.16
N LEU A 189 -42.65 29.43 -22.87
CA LEU A 189 -41.36 29.29 -23.51
C LEU A 189 -41.37 28.39 -24.75
N TYR A 190 -42.29 27.43 -24.84
CA TYR A 190 -42.22 26.46 -25.92
C TYR A 190 -43.55 26.12 -26.60
N GLN A 191 -44.72 26.42 -26.01
CA GLN A 191 -46.01 25.95 -26.53
C GLN A 191 -45.99 24.46 -26.85
N ASN A 192 -45.47 23.67 -25.92
CA ASN A 192 -45.46 22.23 -26.08
C ASN A 192 -45.32 21.57 -24.71
N VAL A 193 -46.10 20.51 -24.50
CA VAL A 193 -46.05 19.72 -23.27
C VAL A 193 -45.74 18.29 -23.65
N GLY A 194 -44.77 17.69 -22.95
CA GLY A 194 -44.29 16.38 -23.32
C GLY A 194 -43.08 16.39 -24.24
N THR A 195 -42.29 17.46 -24.21
CA THR A 195 -41.13 17.58 -25.09
C THR A 195 -40.04 16.60 -24.67
N TYR A 196 -39.03 16.47 -25.53
CA TYR A 196 -37.91 15.59 -25.28
C TYR A 196 -36.65 16.21 -25.87
N VAL A 197 -35.50 15.78 -25.37
CA VAL A 197 -34.20 16.15 -25.91
C VAL A 197 -33.43 14.85 -26.17
N SER A 198 -33.12 14.59 -27.44
CA SER A 198 -32.43 13.38 -27.85
C SER A 198 -31.08 13.74 -28.46
N VAL A 199 -30.04 13.07 -27.99
CA VAL A 199 -28.68 13.26 -28.50
C VAL A 199 -28.14 11.89 -28.89
N GLY A 200 -27.60 11.78 -30.10
CA GLY A 200 -27.12 10.50 -30.58
C GLY A 200 -25.83 10.55 -31.35
N THR A 201 -24.85 9.75 -30.92
CA THR A 201 -23.60 9.59 -31.64
C THR A 201 -23.36 8.11 -31.90
N SER A 202 -22.16 7.75 -32.35
CA SER A 202 -21.85 6.35 -32.64
C SER A 202 -21.94 5.49 -31.39
N THR A 203 -21.46 6.00 -30.25
CA THR A 203 -21.44 5.24 -29.00
C THR A 203 -22.23 5.90 -27.89
N VAL A 204 -23.05 6.91 -28.20
CA VAL A 204 -23.83 7.61 -27.20
C VAL A 204 -25.28 7.67 -27.67
N ASN A 205 -26.20 7.33 -26.77
CA ASN A 205 -27.64 7.37 -27.08
C ASN A 205 -28.36 7.80 -25.81
N LYS A 206 -28.94 9.00 -25.85
CA LYS A 206 -29.59 9.57 -24.67
C LYS A 206 -30.92 10.19 -25.06
N ARG A 207 -31.82 10.27 -24.08
CA ARG A 207 -33.11 10.92 -24.27
C ARG A 207 -33.59 11.45 -22.93
N SER A 208 -33.79 12.76 -22.85
CA SER A 208 -34.16 13.43 -21.61
C SER A 208 -35.57 14.00 -21.72
N ILE A 209 -36.32 13.90 -20.64
CA ILE A 209 -37.66 14.45 -20.53
C ILE A 209 -37.63 15.52 -19.46
N PRO A 210 -38.01 16.77 -19.76
CA PRO A 210 -37.97 17.83 -18.75
C PRO A 210 -38.90 17.53 -17.57
N GLU A 211 -38.46 17.93 -16.38
CA GLU A 211 -39.22 17.74 -15.16
C GLU A 211 -39.73 19.10 -14.68
N ILE A 212 -41.01 19.16 -14.31
CA ILE A 212 -41.63 20.37 -13.80
C ILE A 212 -41.96 20.13 -12.33
N ALA A 213 -41.45 20.99 -11.46
CA ALA A 213 -41.63 20.84 -10.02
C ALA A 213 -41.45 22.19 -9.36
N THR A 214 -41.88 22.27 -8.11
CA THR A 214 -41.72 23.48 -7.29
C THR A 214 -40.51 23.29 -6.39
N ARG A 215 -39.53 24.17 -6.54
CA ARG A 215 -38.26 24.10 -5.81
C ARG A 215 -37.96 25.47 -5.20
N PRO A 216 -37.13 25.52 -4.17
CA PRO A 216 -36.71 26.81 -3.63
C PRO A 216 -35.92 27.61 -4.67
N LYS A 217 -35.88 28.92 -4.44
CA LYS A 217 -35.28 29.84 -5.39
C LYS A 217 -33.78 29.94 -5.14
N VAL A 218 -33.00 29.65 -6.18
CA VAL A 218 -31.55 29.82 -6.17
C VAL A 218 -31.22 30.91 -7.18
N ASN A 219 -30.59 31.99 -6.70
CA ASN A 219 -30.31 33.17 -7.52
C ASN A 219 -31.59 33.74 -8.14
N GLY A 220 -32.72 33.59 -7.45
CA GLY A 220 -33.97 34.16 -7.88
C GLY A 220 -34.76 33.33 -8.87
N GLN A 221 -34.31 32.12 -9.20
CA GLN A 221 -34.97 31.28 -10.19
C GLN A 221 -35.41 29.97 -9.55
N GLY A 222 -36.58 29.49 -9.98
CA GLY A 222 -37.10 28.23 -9.53
C GLY A 222 -36.84 27.05 -10.45
N GLY A 223 -36.24 27.30 -11.62
CA GLY A 223 -35.90 26.24 -12.54
C GLY A 223 -34.42 25.89 -12.51
N ARG A 224 -34.11 24.75 -13.13
CA ARG A 224 -32.75 24.22 -13.16
C ARG A 224 -32.39 23.82 -14.58
N MET A 225 -31.09 23.80 -14.84
CA MET A 225 -30.54 23.39 -16.13
C MET A 225 -29.54 22.27 -15.90
N GLU A 226 -29.76 21.13 -16.56
CA GLU A 226 -28.90 19.96 -16.42
C GLU A 226 -27.99 19.84 -17.62
N PHE A 227 -26.69 19.75 -17.38
CA PHE A 227 -25.67 19.76 -18.43
C PHE A 227 -24.99 18.41 -18.54
N SER A 228 -24.80 17.96 -19.78
CA SER A 228 -24.10 16.72 -20.08
C SER A 228 -23.02 16.99 -21.12
N TRP A 229 -22.10 16.04 -21.26
CA TRP A 229 -20.98 16.21 -22.17
C TRP A 229 -20.59 14.87 -22.76
N THR A 230 -19.82 14.92 -23.86
CA THR A 230 -19.28 13.74 -24.48
C THR A 230 -18.03 14.12 -25.26
N ILE A 231 -17.22 13.12 -25.60
CA ILE A 231 -16.03 13.29 -26.40
C ILE A 231 -16.31 12.72 -27.79
N LEU A 232 -16.13 13.54 -28.81
CA LEU A 232 -16.44 13.16 -30.18
C LEU A 232 -15.18 12.68 -30.87
N ASP A 233 -15.21 11.44 -31.38
CA ASP A 233 -14.05 10.87 -32.03
C ASP A 233 -13.88 11.47 -33.42
N MET A 234 -12.71 11.23 -34.01
CA MET A 234 -12.41 11.75 -35.32
C MET A 234 -13.32 11.14 -36.38
N LEU A 235 -13.78 11.98 -37.31
CA LEU A 235 -14.62 11.56 -38.43
C LEU A 235 -15.93 10.96 -37.96
N ASP A 236 -16.44 11.41 -36.81
CA ASP A 236 -17.70 10.96 -36.26
C ASP A 236 -18.72 12.10 -36.34
N THR A 237 -19.99 11.73 -36.21
CA THR A 237 -21.11 12.66 -36.35
C THR A 237 -21.96 12.65 -35.10
N ILE A 238 -22.35 13.84 -34.65
CA ILE A 238 -23.25 14.01 -33.51
C ILE A 238 -24.55 14.61 -34.01
N ASN A 239 -25.66 14.09 -33.52
CA ASN A 239 -26.99 14.53 -33.95
C ASN A 239 -27.79 15.04 -32.76
N PHE A 240 -28.50 16.15 -32.98
CA PHE A 240 -29.37 16.74 -31.98
C PHE A 240 -30.80 16.77 -32.50
N GLU A 241 -31.75 16.61 -31.58
CA GLU A 241 -33.17 16.65 -31.93
C GLU A 241 -33.96 16.93 -30.66
N SER A 242 -34.91 17.86 -30.75
CA SER A 242 -35.68 18.23 -29.56
C SER A 242 -36.99 18.89 -29.98
N THR A 243 -38.05 18.59 -29.24
CA THR A 243 -39.32 19.30 -29.33
C THR A 243 -39.36 20.47 -28.35
N GLY A 244 -38.38 20.57 -27.46
CA GLY A 244 -38.30 21.70 -26.54
C GLY A 244 -37.25 21.44 -25.49
N ASN A 245 -36.99 22.49 -24.71
CA ASN A 245 -36.10 22.41 -23.55
C ASN A 245 -34.68 22.03 -23.95
N LEU A 246 -34.21 22.53 -25.08
CA LEU A 246 -32.85 22.26 -25.55
C LEU A 246 -31.99 23.51 -25.40
N ILE A 247 -30.85 23.35 -24.74
CA ILE A 247 -29.84 24.41 -24.67
C ILE A 247 -28.66 23.97 -25.52
N ALA A 248 -28.65 24.38 -26.79
CA ALA A 248 -27.72 23.85 -27.76
C ALA A 248 -26.35 24.52 -27.65
N PRO A 249 -25.29 23.80 -28.02
CA PRO A 249 -23.96 24.42 -28.07
C PRO A 249 -23.72 25.16 -29.38
N GLU A 250 -22.88 26.19 -29.30
CA GLU A 250 -22.39 26.88 -30.46
C GLU A 250 -20.93 26.58 -30.79
N TYR A 251 -20.12 26.34 -29.77
CA TYR A 251 -18.71 26.07 -29.93
C TYR A 251 -18.37 24.68 -29.41
N GLY A 252 -17.38 24.07 -30.02
CA GLY A 252 -16.81 22.82 -29.53
C GLY A 252 -15.34 23.01 -29.23
N PHE A 253 -14.85 22.25 -28.26
CA PHE A 253 -13.47 22.37 -27.79
C PHE A 253 -12.65 21.23 -28.35
N LYS A 254 -11.57 21.57 -29.05
CA LYS A 254 -10.72 20.60 -29.73
C LYS A 254 -9.43 20.43 -28.94
N ILE A 255 -9.10 19.19 -28.58
CA ILE A 255 -7.87 18.92 -27.85
C ILE A 255 -6.69 19.08 -28.80
N SER A 256 -5.73 19.91 -28.41
CA SER A 256 -4.63 20.28 -29.30
C SER A 256 -3.28 19.76 -28.82
N LYS A 257 -2.86 20.06 -27.59
CA LYS A 257 -1.50 19.76 -27.18
C LYS A 257 -1.37 18.41 -26.47
N ARG A 258 -2.10 18.24 -25.36
CA ARG A 258 -2.00 17.07 -24.49
C ARG A 258 -0.66 17.02 -23.76
N GLY A 259 -0.67 16.52 -22.52
CA GLY A 259 0.55 16.47 -21.75
C GLY A 259 0.26 16.15 -20.30
N SER A 260 1.24 16.40 -19.44
CA SER A 260 1.13 16.16 -18.01
C SER A 260 0.89 17.48 -17.29
N SER A 261 -0.27 17.61 -16.66
CA SER A 261 -0.63 18.83 -15.94
C SER A 261 -1.54 18.44 -14.79
N GLY A 262 -2.25 19.41 -14.23
CA GLY A 262 -3.19 19.12 -13.15
C GLY A 262 -3.92 20.39 -12.74
N ILE A 263 -4.82 20.21 -11.79
CA ILE A 263 -5.60 21.30 -11.22
C ILE A 263 -5.16 21.49 -9.77
N MET A 264 -4.72 22.69 -9.45
CA MET A 264 -4.19 23.00 -8.13
C MET A 264 -5.13 23.94 -7.39
N LYS A 265 -5.51 23.56 -6.18
CA LYS A 265 -6.42 24.35 -5.35
C LYS A 265 -5.60 25.36 -4.56
N THR A 266 -5.67 26.63 -4.96
CA THR A 266 -4.93 27.69 -4.30
C THR A 266 -5.77 28.96 -4.28
N GLU A 267 -5.44 29.86 -3.35
CA GLU A 267 -6.08 31.15 -3.24
C GLU A 267 -5.14 32.30 -3.59
N GLY A 268 -4.02 32.00 -4.25
CA GLY A 268 -3.01 32.99 -4.54
C GLY A 268 -3.08 33.50 -5.98
N THR A 269 -2.18 34.45 -6.26
CA THR A 269 -2.09 35.11 -7.55
C THR A 269 -0.72 34.84 -8.17
N LEU A 270 -0.68 34.78 -9.50
CA LEU A 270 0.55 34.48 -10.20
C LEU A 270 1.56 35.62 -10.07
N GLU A 271 2.83 35.26 -10.02
CA GLU A 271 3.95 36.20 -9.97
C GLU A 271 4.99 35.77 -11.00
N ASN A 272 6.05 36.57 -11.12
CA ASN A 272 7.06 36.36 -12.15
C ASN A 272 8.21 35.53 -11.57
N CYS A 273 8.27 34.25 -11.94
CA CYS A 273 9.41 33.41 -11.63
C CYS A 273 9.61 32.42 -12.78
N GLU A 274 10.58 31.54 -12.61
CA GLU A 274 10.79 30.40 -13.51
C GLU A 274 11.24 29.23 -12.63
N THR A 275 10.30 28.34 -12.31
CA THR A 275 10.56 27.20 -11.46
C THR A 275 10.53 25.91 -12.28
N LYS A 276 10.96 24.82 -11.64
CA LYS A 276 10.94 23.50 -12.26
C LYS A 276 9.82 22.62 -11.75
N CYS A 277 9.39 22.79 -10.50
CA CYS A 277 8.14 22.18 -10.03
C CYS A 277 7.48 23.14 -9.06
N GLN A 278 6.16 22.97 -8.91
CA GLN A 278 5.36 23.90 -8.15
C GLN A 278 4.49 23.13 -7.14
N THR A 279 4.45 23.63 -5.92
CA THR A 279 3.55 23.17 -4.88
C THR A 279 2.52 24.24 -4.57
N PRO A 280 1.36 23.87 -4.02
CA PRO A 280 0.34 24.88 -3.70
C PRO A 280 0.81 25.94 -2.72
N LEU A 281 1.84 25.65 -1.92
CA LEU A 281 2.37 26.63 -0.98
C LEU A 281 3.49 27.47 -1.58
N GLY A 282 4.23 26.94 -2.54
CA GLY A 282 5.32 27.68 -3.13
C GLY A 282 6.10 26.84 -4.12
N ALA A 283 7.19 27.40 -4.59
CA ALA A 283 8.08 26.74 -5.56
C ALA A 283 9.34 26.22 -4.86
N ILE A 284 9.97 25.24 -5.49
CA ILE A 284 11.11 24.53 -4.92
C ILE A 284 12.27 24.60 -5.90
N ASN A 285 13.45 24.97 -5.40
CA ASN A 285 14.69 25.00 -6.18
C ASN A 285 15.76 24.29 -5.35
N THR A 286 15.95 23.00 -5.61
CA THR A 286 16.88 22.21 -4.83
C THR A 286 17.39 21.03 -5.64
N THR A 287 18.51 20.48 -5.20
CA THR A 287 19.09 19.28 -5.78
C THR A 287 19.02 18.08 -4.84
N LEU A 288 18.39 18.23 -3.68
CA LEU A 288 18.25 17.15 -2.71
C LEU A 288 17.19 16.15 -3.16
N PRO A 289 17.28 14.90 -2.73
CA PRO A 289 16.31 13.88 -3.15
C PRO A 289 15.06 13.76 -2.29
N PHE A 290 14.80 14.67 -1.36
CA PHE A 290 13.61 14.61 -0.54
C PHE A 290 13.12 16.02 -0.22
N HIS A 291 11.85 16.12 0.12
CA HIS A 291 11.26 17.37 0.58
C HIS A 291 10.05 17.05 1.45
N ASN A 292 9.63 18.03 2.24
CA ASN A 292 8.53 17.86 3.18
C ASN A 292 7.59 19.06 3.16
N ILE A 293 7.25 19.55 1.96
CA ILE A 293 6.42 20.74 1.84
C ILE A 293 4.96 20.36 1.65
N HIS A 294 4.66 19.66 0.55
CA HIS A 294 3.29 19.32 0.22
C HIS A 294 3.27 18.04 -0.62
N PRO A 295 2.36 17.11 -0.34
CA PRO A 295 2.34 15.85 -1.10
C PRO A 295 1.96 16.01 -2.56
N LEU A 296 1.29 17.09 -2.95
CA LEU A 296 0.80 17.28 -4.31
C LEU A 296 1.70 18.28 -5.01
N THR A 297 2.50 17.80 -5.97
CA THR A 297 3.43 18.63 -6.72
C THR A 297 3.24 18.40 -8.21
N ILE A 298 3.58 19.43 -8.99
CA ILE A 298 3.49 19.38 -10.45
C ILE A 298 4.86 19.72 -11.01
N GLY A 299 5.39 18.85 -11.88
CA GLY A 299 6.69 19.03 -12.48
C GLY A 299 7.64 17.91 -12.11
N GLU A 300 8.93 18.23 -12.08
CA GLU A 300 9.97 17.30 -11.67
C GLU A 300 10.72 17.89 -10.49
N CYS A 301 10.71 17.18 -9.35
CA CYS A 301 11.38 17.58 -8.12
C CYS A 301 11.28 16.45 -7.11
N PRO A 302 11.98 16.50 -5.97
CA PRO A 302 12.20 15.28 -5.18
C PRO A 302 10.93 14.70 -4.59
N LYS A 303 11.09 13.53 -3.97
CA LYS A 303 10.00 12.79 -3.36
C LYS A 303 9.62 13.42 -2.03
N TYR A 304 8.44 13.05 -1.54
CA TYR A 304 7.84 13.64 -0.35
C TYR A 304 7.86 12.64 0.81
N VAL A 305 8.19 13.14 2.00
CA VAL A 305 8.19 12.35 3.22
C VAL A 305 7.74 13.25 4.38
N LYS A 306 7.01 12.64 5.32
CA LYS A 306 6.63 13.32 6.55
C LYS A 306 7.72 13.13 7.61
N SER A 307 8.81 13.87 7.42
CA SER A 307 9.93 13.83 8.34
C SER A 307 10.42 15.24 8.60
N GLU A 308 10.96 15.45 9.80
CA GLU A 308 11.53 16.75 10.16
C GLU A 308 13.02 16.84 9.91
N LYS A 309 13.72 15.71 9.81
CA LYS A 309 15.15 15.72 9.52
C LYS A 309 15.57 14.38 8.94
N LEU A 310 16.54 14.42 8.02
CA LEU A 310 17.12 13.21 7.43
C LEU A 310 18.58 13.55 7.09
N VAL A 311 19.47 13.23 8.02
CA VAL A 311 20.89 13.53 7.89
C VAL A 311 21.68 12.23 7.91
N LEU A 312 22.54 12.05 6.91
CA LEU A 312 23.36 10.86 6.79
C LEU A 312 24.77 11.16 7.28
N ALA A 313 25.29 10.30 8.15
CA ALA A 313 26.63 10.48 8.71
C ALA A 313 27.66 9.92 7.73
N THR A 314 28.37 10.80 7.06
CA THR A 314 29.41 10.42 6.11
C THR A 314 30.81 10.60 6.69
N GLY A 315 30.92 10.83 7.99
CA GLY A 315 32.21 11.07 8.60
C GLY A 315 32.42 10.31 9.89
N LEU A 316 33.48 10.68 10.62
CA LEU A 316 33.85 9.98 11.83
C LEU A 316 33.08 10.55 13.02
N ARG A 317 33.46 10.15 14.23
CA ARG A 317 32.88 10.66 15.46
C ARG A 317 33.78 11.74 16.03
N ASN A 318 33.18 12.87 16.40
CA ASN A 318 33.94 14.01 16.92
C ASN A 318 34.09 13.86 18.42
N VAL A 319 35.18 13.22 18.83
CA VAL A 319 35.55 13.12 20.23
C VAL A 319 36.98 13.62 20.37
N PRO A 320 37.19 14.93 20.46
CA PRO A 320 38.55 15.46 20.51
C PRO A 320 39.23 15.14 21.84
N GLN A 321 40.56 15.18 21.82
CA GLN A 321 41.34 14.89 23.02
C GLN A 321 41.18 16.06 23.99
N ILE A 322 40.25 15.90 24.94
CA ILE A 322 39.91 17.00 25.85
C ILE A 322 41.13 17.42 26.66
N GLU A 323 41.87 16.44 27.18
CA GLU A 323 43.11 16.76 27.88
C GLU A 323 44.14 17.30 26.90
N SER A 324 44.90 18.30 27.36
CA SER A 324 45.94 18.94 26.54
C SER A 324 47.15 19.18 27.45
N ARG A 325 48.06 18.22 27.47
CA ARG A 325 49.27 18.34 28.28
C ARG A 325 50.17 19.42 27.68
N GLY A 326 50.21 20.58 28.34
CA GLY A 326 50.99 21.69 27.86
C GLY A 326 52.47 21.38 27.73
N LEU A 327 53.05 21.72 26.58
CA LEU A 327 54.46 21.49 26.31
C LEU A 327 54.84 20.02 26.47
N PHE A 328 55.34 19.67 27.66
CA PHE A 328 55.75 18.30 27.91
C PHE A 328 54.56 17.35 27.85
N GLY A 329 54.79 16.16 27.30
CA GLY A 329 53.75 15.15 27.20
C GLY A 329 53.76 14.42 25.88
N ALA A 330 53.80 13.09 25.93
CA ALA A 330 53.79 12.29 24.72
C ALA A 330 52.42 12.32 24.06
N ILE A 331 52.42 12.31 22.74
CA ILE A 331 51.18 12.35 21.97
C ILE A 331 50.55 10.97 21.96
N ALA A 332 49.27 10.90 22.33
CA ALA A 332 48.57 9.65 22.52
C ALA A 332 47.99 9.15 21.20
N GLY A 333 47.12 8.15 21.27
CA GLY A 333 46.59 7.54 20.08
C GLY A 333 45.08 7.65 19.93
N PHE A 334 44.42 6.52 19.69
CA PHE A 334 43.01 6.51 19.34
C PHE A 334 42.08 6.10 20.47
N ILE A 335 42.60 5.56 21.57
CA ILE A 335 41.72 5.18 22.67
C ILE A 335 41.23 6.40 23.43
N GLU A 336 42.07 7.41 23.58
CA GLU A 336 41.71 8.61 24.33
C GLU A 336 41.43 9.81 23.41
N GLY A 337 40.81 9.55 22.27
CA GLY A 337 40.27 10.62 21.44
C GLY A 337 41.00 10.76 20.12
N GLY A 338 40.49 11.70 19.32
CA GLY A 338 41.02 11.98 18.00
C GLY A 338 42.01 13.14 18.01
N TRP A 339 42.63 13.36 16.85
CA TRP A 339 43.66 14.37 16.67
C TRP A 339 43.09 15.57 15.91
N GLN A 340 43.75 16.72 16.10
CA GLN A 340 43.39 17.94 15.38
C GLN A 340 44.40 18.34 14.31
N GLY A 341 45.69 18.06 14.52
CA GLY A 341 46.71 18.41 13.55
C GLY A 341 46.60 17.68 12.23
N MET A 342 45.83 16.60 12.18
CA MET A 342 45.59 15.89 10.93
C MET A 342 44.71 16.73 10.01
N VAL A 343 45.17 16.91 8.77
CA VAL A 343 44.43 17.68 7.77
C VAL A 343 44.34 16.96 6.43
N ASP A 344 44.96 15.80 6.29
CA ASP A 344 45.04 15.12 4.99
C ASP A 344 43.96 14.06 4.83
N GLY A 345 43.90 13.10 5.74
CA GLY A 345 42.96 12.01 5.62
C GLY A 345 42.23 11.68 6.91
N TRP A 346 41.58 10.52 6.96
CA TRP A 346 40.80 10.11 8.11
C TRP A 346 41.62 9.32 9.13
N TYR A 347 42.48 8.43 8.67
CA TYR A 347 43.28 7.58 9.54
C TYR A 347 44.76 7.88 9.32
N GLY A 348 45.49 8.15 10.41
CA GLY A 348 46.81 8.72 10.32
C GLY A 348 47.88 7.88 11.03
N TYR A 349 49.12 8.30 10.85
CA TYR A 349 50.29 7.55 11.28
C TYR A 349 51.33 8.47 11.91
N HIS A 350 50.92 9.28 12.89
CA HIS A 350 51.85 10.20 13.52
C HIS A 350 53.07 9.47 14.08
N HIS A 351 54.24 10.01 13.79
CA HIS A 351 55.51 9.42 14.21
C HIS A 351 56.41 10.50 14.78
N SER A 352 57.32 10.09 15.64
CA SER A 352 58.24 11.00 16.32
C SER A 352 59.64 10.38 16.30
N ASN A 353 60.41 10.74 15.28
CA ASN A 353 61.78 10.28 15.16
C ASN A 353 62.70 11.24 15.93
N ASP A 354 64.01 11.08 15.75
CA ASP A 354 64.96 11.97 16.42
C ASP A 354 65.23 13.24 15.62
N GLN A 355 65.12 13.18 14.29
CA GLN A 355 65.33 14.37 13.47
C GLN A 355 64.05 15.14 13.19
N GLY A 356 62.90 14.64 13.58
CA GLY A 356 61.67 15.39 13.39
C GLY A 356 60.46 14.54 13.69
N SER A 357 59.32 15.22 13.80
CA SER A 357 58.02 14.61 14.00
C SER A 357 57.22 14.65 12.71
N GLY A 358 55.98 14.19 12.78
CA GLY A 358 55.14 14.18 11.59
C GLY A 358 53.71 13.81 11.93
N TYR A 359 52.83 14.09 10.98
CA TYR A 359 51.40 13.83 11.12
C TYR A 359 50.86 13.26 9.82
N ALA A 360 51.56 12.28 9.24
CA ALA A 360 51.21 11.75 7.93
C ALA A 360 49.88 11.02 7.97
N ALA A 361 49.31 10.82 6.78
CA ALA A 361 48.01 10.20 6.61
C ALA A 361 48.15 8.92 5.78
N ASP A 362 47.49 7.86 6.23
CA ASP A 362 47.43 6.64 5.44
C ASP A 362 46.45 6.83 4.28
N LYS A 363 46.88 6.44 3.08
CA LYS A 363 46.08 6.64 1.89
C LYS A 363 45.34 5.39 1.43
N GLU A 364 45.82 4.20 1.78
CA GLU A 364 45.13 2.98 1.36
C GLU A 364 43.80 2.82 2.08
N SER A 365 43.77 3.07 3.40
CA SER A 365 42.53 2.90 4.14
C SER A 365 41.55 4.02 3.86
N THR A 366 42.04 5.26 3.77
CA THR A 366 41.16 6.41 3.57
C THR A 366 40.41 6.30 2.25
N GLN A 367 41.10 5.92 1.17
CA GLN A 367 40.46 5.82 -0.13
C GLN A 367 39.40 4.72 -0.14
N LYS A 368 39.69 3.58 0.48
CA LYS A 368 38.71 2.50 0.55
C LYS A 368 37.48 2.93 1.34
N ALA A 369 37.69 3.63 2.46
CA ALA A 369 36.56 4.11 3.25
C ALA A 369 35.72 5.11 2.46
N ILE A 370 36.38 6.00 1.71
CA ILE A 370 35.66 6.98 0.91
C ILE A 370 34.83 6.28 -0.16
N ASP A 371 35.43 5.29 -0.83
CA ASP A 371 34.69 4.54 -1.85
C ASP A 371 33.48 3.84 -1.25
N GLY A 372 33.67 3.19 -0.10
CA GLY A 372 32.55 2.51 0.55
C GLY A 372 31.43 3.44 0.93
N ILE A 373 31.78 4.60 1.52
CA ILE A 373 30.74 5.53 1.96
C ILE A 373 30.03 6.14 0.76
N THR A 374 30.75 6.45 -0.31
CA THR A 374 30.12 6.97 -1.51
C THR A 374 29.15 5.95 -2.12
N ASN A 375 29.57 4.68 -2.18
CA ASN A 375 28.68 3.64 -2.67
C ASN A 375 27.44 3.51 -1.78
N LYS A 376 27.63 3.61 -0.45
CA LYS A 376 26.50 3.52 0.46
C LYS A 376 25.50 4.64 0.24
N VAL A 377 25.99 5.87 0.09
CA VAL A 377 25.10 7.01 -0.15
C VAL A 377 24.38 6.85 -1.48
N ASN A 378 25.10 6.42 -2.52
CA ASN A 378 24.48 6.24 -3.82
C ASN A 378 23.39 5.18 -3.77
N SER A 379 23.65 4.07 -3.06
CA SER A 379 22.64 3.02 -2.95
C SER A 379 21.43 3.50 -2.18
N VAL A 380 21.64 4.25 -1.10
CA VAL A 380 20.51 4.77 -0.33
C VAL A 380 19.65 5.68 -1.17
N ILE A 381 20.26 6.57 -1.95
CA ILE A 381 19.49 7.47 -2.80
C ILE A 381 18.81 6.70 -3.92
N GLU A 382 19.48 5.69 -4.48
CA GLU A 382 18.91 4.91 -5.58
C GLU A 382 17.67 4.16 -5.13
N LYS A 383 17.73 3.51 -3.96
CA LYS A 383 16.63 2.65 -3.53
C LYS A 383 15.32 3.39 -3.34
N MET A 384 15.35 4.71 -3.15
CA MET A 384 14.15 5.47 -2.83
C MET A 384 13.60 6.25 -4.01
N ASN A 385 14.05 5.96 -5.23
CA ASN A 385 13.52 6.63 -6.42
C ASN A 385 12.27 5.96 -6.97
N THR A 386 11.89 4.80 -6.44
CA THR A 386 10.69 4.08 -6.84
C THR A 386 9.54 4.32 -5.87
N GLN A 387 9.43 5.53 -5.35
CA GLN A 387 8.49 5.86 -4.29
C GLN A 387 7.08 5.99 -4.87
N PHE A 388 6.16 6.47 -4.03
CA PHE A 388 4.77 6.68 -4.39
C PHE A 388 4.51 8.17 -4.58
N GLU A 389 3.96 8.55 -5.73
CA GLU A 389 3.62 9.92 -6.04
C GLU A 389 2.12 10.09 -6.05
N ALA A 390 1.62 11.09 -5.34
CA ALA A 390 0.19 11.33 -5.21
C ALA A 390 -0.35 12.12 -6.39
N VAL A 391 -1.62 11.87 -6.72
CA VAL A 391 -2.31 12.54 -7.80
C VAL A 391 -3.64 13.05 -7.28
N GLY A 392 -3.94 14.32 -7.56
CA GLY A 392 -5.18 14.92 -7.08
C GLY A 392 -6.39 14.43 -7.85
N LYS A 393 -7.44 14.09 -7.12
CA LYS A 393 -8.70 13.64 -7.70
C LYS A 393 -9.86 14.28 -6.94
N GLU A 394 -10.96 14.47 -7.63
CA GLU A 394 -12.15 15.09 -7.07
C GLU A 394 -13.30 14.08 -7.02
N PHE A 395 -14.15 14.23 -6.01
CA PHE A 395 -15.26 13.32 -5.80
C PHE A 395 -16.51 14.11 -5.43
N SER A 396 -17.67 13.50 -5.65
CA SER A 396 -18.95 14.17 -5.45
C SER A 396 -19.46 13.93 -4.03
N ASN A 397 -20.69 14.34 -3.78
CA ASN A 397 -21.29 14.24 -2.44
C ASN A 397 -21.86 12.86 -2.15
N LEU A 398 -21.97 11.98 -3.16
CA LEU A 398 -22.46 10.63 -2.97
C LEU A 398 -21.36 9.59 -3.21
N GLU A 399 -20.10 10.02 -3.20
CA GLU A 399 -18.95 9.13 -3.40
C GLU A 399 -17.99 9.23 -2.22
N LYS A 400 -18.53 9.29 -1.01
CA LYS A 400 -17.69 9.42 0.18
C LYS A 400 -16.85 8.17 0.40
N ARG A 401 -17.39 7.00 0.08
CA ARG A 401 -16.64 5.76 0.23
C ARG A 401 -15.38 5.75 -0.64
N LEU A 402 -15.53 6.15 -1.90
CA LEU A 402 -14.39 6.19 -2.81
C LEU A 402 -13.36 7.23 -2.37
N GLU A 403 -13.83 8.38 -1.90
CA GLU A 403 -12.92 9.40 -1.41
C GLU A 403 -12.12 8.92 -0.20
N ASN A 404 -12.80 8.23 0.72
CA ASN A 404 -12.11 7.66 1.87
C ASN A 404 -11.09 6.62 1.44
N LEU A 405 -11.45 5.78 0.46
CA LEU A 405 -10.52 4.79 -0.05
C LEU A 405 -9.26 5.43 -0.62
N ASN A 406 -9.45 6.46 -1.45
CA ASN A 406 -8.30 7.15 -2.03
C ASN A 406 -7.42 7.79 -0.96
N LYS A 407 -8.05 8.46 0.01
CA LYS A 407 -7.29 9.12 1.07
C LYS A 407 -6.49 8.11 1.88
N LYS A 408 -7.12 6.99 2.25
CA LYS A 408 -6.43 5.97 3.03
C LYS A 408 -5.28 5.36 2.25
N MET A 409 -5.48 5.09 0.96
CA MET A 409 -4.40 4.52 0.15
C MET A 409 -3.20 5.45 0.10
N GLU A 410 -3.43 6.72 -0.23
CA GLU A 410 -2.33 7.68 -0.33
C GLU A 410 -1.62 7.83 1.01
N ASP A 411 -2.38 7.98 2.09
CA ASP A 411 -1.78 8.17 3.40
C ASP A 411 -0.95 6.95 3.81
N GLY A 412 -1.49 5.75 3.60
CA GLY A 412 -0.78 4.55 4.01
C GLY A 412 0.53 4.37 3.27
N PHE A 413 0.51 4.58 1.95
CA PHE A 413 1.76 4.51 1.20
C PHE A 413 2.76 5.56 1.68
N LEU A 414 2.24 6.75 2.03
CA LEU A 414 3.11 7.80 2.54
C LEU A 414 3.81 7.38 3.84
N ASP A 415 3.04 6.83 4.79
CA ASP A 415 3.67 6.40 6.04
C ASP A 415 4.65 5.26 5.81
N VAL A 416 4.32 4.32 4.92
CA VAL A 416 5.23 3.21 4.65
C VAL A 416 6.58 3.74 4.17
N TRP A 417 6.55 4.69 3.21
CA TRP A 417 7.80 5.17 2.66
C TRP A 417 8.56 6.04 3.65
N THR A 418 7.86 6.82 4.47
CA THR A 418 8.54 7.59 5.52
C THR A 418 9.26 6.67 6.50
N TYR A 419 8.58 5.61 6.93
CA TYR A 419 9.19 4.63 7.82
C TYR A 419 10.42 4.00 7.19
N ASN A 420 10.32 3.61 5.91
CA ASN A 420 11.45 3.01 5.23
C ASN A 420 12.66 3.95 5.23
N ALA A 421 12.45 5.19 4.84
CA ALA A 421 13.56 6.14 4.75
C ALA A 421 14.21 6.36 6.11
N GLU A 422 13.39 6.58 7.15
CA GLU A 422 13.94 6.86 8.47
C GLU A 422 14.73 5.68 9.00
N LEU A 423 14.18 4.46 8.88
CA LEU A 423 14.88 3.29 9.38
C LEU A 423 16.19 3.06 8.64
N LEU A 424 16.19 3.25 7.32
CA LEU A 424 17.41 3.07 6.55
C LEU A 424 18.48 4.06 7.00
N VAL A 425 18.10 5.32 7.21
CA VAL A 425 19.07 6.32 7.63
C VAL A 425 19.68 5.95 8.98
N LEU A 426 18.83 5.56 9.94
CA LEU A 426 19.33 5.24 11.27
C LEU A 426 20.30 4.06 11.23
N MET A 427 19.90 2.98 10.57
CA MET A 427 20.75 1.79 10.53
C MET A 427 22.07 2.08 9.81
N GLU A 428 22.01 2.87 8.74
CA GLU A 428 23.22 3.17 8.00
C GLU A 428 24.17 4.02 8.84
N ASN A 429 23.63 4.95 9.64
CA ASN A 429 24.48 5.74 10.53
C ASN A 429 25.19 4.85 11.54
N GLU A 430 24.45 3.94 12.17
CA GLU A 430 25.06 3.02 13.12
C GLU A 430 26.21 2.24 12.46
N ARG A 431 25.93 1.67 11.29
CA ARG A 431 26.95 0.86 10.61
C ARG A 431 28.15 1.70 10.20
N THR A 432 27.93 2.96 9.81
CA THR A 432 29.04 3.82 9.41
C THR A 432 29.98 4.09 10.59
N LEU A 433 29.40 4.42 11.74
CA LEU A 433 30.24 4.71 12.91
C LEU A 433 31.03 3.47 13.34
N ASP A 434 30.35 2.32 13.42
CA ASP A 434 31.07 1.09 13.75
C ASP A 434 32.13 0.76 12.70
N PHE A 435 31.86 1.08 11.44
CA PHE A 435 32.82 0.84 10.37
C PHE A 435 34.11 1.63 10.58
N HIS A 436 33.97 2.91 10.94
CA HIS A 436 35.16 3.72 11.19
C HIS A 436 35.95 3.19 12.38
N ASP A 437 35.25 2.82 13.47
CA ASP A 437 35.96 2.29 14.62
C ASP A 437 36.70 0.99 14.26
N SER A 438 36.04 0.11 13.51
CA SER A 438 36.67 -1.14 13.10
C SER A 438 37.87 -0.89 12.21
N ASN A 439 37.80 0.12 11.34
CA ASN A 439 38.93 0.43 10.48
C ASN A 439 40.14 0.86 11.27
N VAL A 440 39.94 1.73 12.27
CA VAL A 440 41.07 2.16 13.09
C VAL A 440 41.67 0.96 13.84
N LYS A 441 40.80 0.12 14.43
CA LYS A 441 41.30 -1.05 15.14
C LYS A 441 42.05 -1.99 14.21
N ASN A 442 41.55 -2.15 12.99
CA ASN A 442 42.22 -3.02 12.02
C ASN A 442 43.59 -2.49 11.65
N LEU A 443 43.73 -1.17 11.48
CA LEU A 443 45.05 -0.60 11.21
C LEU A 443 46.01 -0.90 12.35
N TYR A 444 45.55 -0.69 13.59
CA TYR A 444 46.43 -0.95 14.73
C TYR A 444 46.83 -2.42 14.80
N ASP A 445 45.86 -3.32 14.62
CA ASP A 445 46.16 -4.75 14.70
C ASP A 445 47.10 -5.20 13.58
N LYS A 446 46.90 -4.66 12.37
CA LYS A 446 47.77 -5.02 11.26
C LYS A 446 49.21 -4.59 11.54
N VAL A 447 49.39 -3.37 12.04
CA VAL A 447 50.77 -2.93 12.31
C VAL A 447 51.36 -3.74 13.46
N ARG A 448 50.56 -4.08 14.46
CA ARG A 448 51.07 -4.91 15.56
C ARG A 448 51.52 -6.28 15.05
N MET A 449 50.71 -6.91 14.18
CA MET A 449 51.08 -8.21 13.64
C MET A 449 52.34 -8.12 12.79
N GLN A 450 52.44 -7.09 11.96
CA GLN A 450 53.63 -6.92 11.12
C GLN A 450 54.87 -6.71 11.97
N LEU A 451 54.76 -5.90 13.02
CA LEU A 451 55.90 -5.50 13.83
C LEU A 451 56.29 -6.52 14.89
N ARG A 452 55.44 -7.52 15.15
CA ARG A 452 55.74 -8.60 16.08
C ARG A 452 56.09 -8.10 17.47
N ASP A 453 57.31 -8.39 17.92
CA ASP A 453 57.71 -8.14 19.29
C ASP A 453 58.93 -7.23 19.42
N ASN A 454 59.30 -6.51 18.37
CA ASN A 454 60.42 -5.58 18.45
C ASN A 454 59.96 -4.19 18.86
N ALA A 455 59.15 -4.11 19.91
CA ALA A 455 58.68 -2.87 20.51
C ALA A 455 57.95 -3.22 21.79
N LYS A 456 57.41 -2.19 22.45
CA LYS A 456 56.59 -2.36 23.64
C LYS A 456 55.36 -1.47 23.50
N GLU A 457 54.18 -2.09 23.57
CA GLU A 457 52.94 -1.32 23.50
C GLU A 457 52.72 -0.57 24.80
N LEU A 458 52.39 0.71 24.69
CA LEU A 458 52.02 1.50 25.87
C LEU A 458 50.52 1.50 26.14
N GLY A 459 49.72 0.89 25.26
CA GLY A 459 48.30 0.82 25.47
C GLY A 459 47.54 2.11 25.27
N ASN A 460 48.23 3.25 25.17
CA ASN A 460 47.59 4.52 24.88
C ASN A 460 47.33 4.74 23.40
N GLY A 461 47.75 3.82 22.53
CA GLY A 461 47.47 3.92 21.12
C GLY A 461 48.64 3.56 20.24
N CYS A 462 49.81 3.37 20.83
CA CYS A 462 51.01 3.17 20.05
C CYS A 462 52.11 2.57 20.93
N PHE A 463 53.28 2.39 20.33
CA PHE A 463 54.36 1.64 20.93
C PHE A 463 55.71 2.25 20.58
N GLU A 464 56.68 2.09 21.49
CA GLU A 464 58.05 2.55 21.29
C GLU A 464 58.93 1.39 20.86
N PHE A 465 59.76 1.64 19.86
CA PHE A 465 60.59 0.60 19.28
C PHE A 465 61.69 0.18 20.24
N TYR A 466 62.20 -1.03 20.02
CA TYR A 466 63.34 -1.55 20.77
C TYR A 466 64.66 -1.35 20.05
N HIS A 467 64.67 -0.52 19.00
CA HIS A 467 65.86 -0.31 18.20
C HIS A 467 65.75 1.03 17.48
N LYS A 468 66.89 1.55 17.05
CA LYS A 468 66.92 2.84 16.38
C LYS A 468 66.35 2.71 14.98
N CYS A 469 65.39 3.57 14.65
CA CYS A 469 64.78 3.59 13.33
C CYS A 469 64.84 5.01 12.75
N ASP A 470 64.84 5.07 11.42
CA ASP A 470 64.91 6.34 10.71
C ASP A 470 63.75 6.48 9.73
N ASP A 471 63.81 7.48 8.85
CA ASP A 471 62.69 7.71 7.92
C ASP A 471 62.42 6.48 7.06
N GLU A 472 63.46 5.76 6.66
CA GLU A 472 63.27 4.58 5.83
C GLU A 472 62.51 3.50 6.57
N CYS A 473 62.86 3.25 7.84
CA CYS A 473 62.16 2.22 8.60
C CYS A 473 60.72 2.65 8.90
N MET A 474 60.51 3.94 9.19
CA MET A 474 59.16 4.46 9.36
C MET A 474 58.34 4.23 8.10
N ASN A 475 58.90 4.55 6.94
CA ASN A 475 58.20 4.37 5.68
C ASN A 475 57.92 2.89 5.42
N SER A 476 58.86 2.02 5.78
CA SER A 476 58.67 0.59 5.59
C SER A 476 57.52 0.07 6.44
N VAL A 477 57.44 0.52 7.70
CA VAL A 477 56.34 0.09 8.56
C VAL A 477 55.01 0.64 8.04
N LYS A 478 55.00 1.90 7.60
CA LYS A 478 53.75 2.48 7.12
C LYS A 478 53.28 1.83 5.82
N ASN A 479 54.21 1.49 4.92
CA ASN A 479 53.83 0.90 3.64
C ASN A 479 53.41 -0.56 3.81
N GLY A 480 54.07 -1.30 4.67
CA GLY A 480 53.74 -2.70 4.88
C GLY A 480 54.81 -3.66 4.39
N THR A 481 56.07 -3.27 4.50
CA THR A 481 57.20 -4.09 4.09
C THR A 481 58.27 -4.10 5.18
N TYR A 482 57.84 -4.25 6.43
CA TYR A 482 58.78 -4.30 7.55
C TYR A 482 59.61 -5.58 7.48
N ASP A 483 60.91 -5.44 7.75
CA ASP A 483 61.86 -6.53 7.63
C ASP A 483 62.31 -6.96 9.03
N TYR A 484 61.61 -7.96 9.57
CA TYR A 484 62.01 -8.54 10.86
C TYR A 484 63.40 -9.17 10.81
N PRO A 485 63.76 -10.02 9.83
CA PRO A 485 64.99 -10.82 9.96
C PRO A 485 66.28 -10.01 9.87
N LYS A 486 66.19 -8.68 9.84
CA LYS A 486 67.37 -7.85 9.79
C LYS A 486 67.58 -7.02 11.06
N TYR A 487 66.59 -6.97 11.95
CA TYR A 487 66.70 -6.23 13.20
C TYR A 487 66.70 -7.11 14.44
N GLU A 488 66.53 -8.43 14.30
CA GLU A 488 66.23 -9.26 15.45
C GLU A 488 67.36 -9.28 16.48
N GLU A 489 68.61 -9.29 16.01
CA GLU A 489 69.74 -9.38 16.94
C GLU A 489 69.84 -8.13 17.80
N GLU A 490 69.83 -6.95 17.17
CA GLU A 490 69.93 -5.71 17.93
C GLU A 490 68.74 -5.53 18.85
N SER A 491 67.53 -5.85 18.37
CA SER A 491 66.35 -5.71 19.20
C SER A 491 66.42 -6.62 20.42
N LYS A 492 66.83 -7.88 20.23
CA LYS A 492 66.95 -8.78 21.36
C LYS A 492 68.01 -8.30 22.33
N LEU A 493 69.15 -7.83 21.83
CA LEU A 493 70.22 -7.35 22.70
C LEU A 493 69.76 -6.16 23.54
N ASN A 494 69.05 -5.22 22.91
CA ASN A 494 68.55 -4.07 23.65
C ASN A 494 67.49 -4.47 24.67
N ARG A 495 66.60 -5.40 24.29
CA ARG A 495 65.52 -5.80 25.20
C ARG A 495 66.04 -6.58 26.39
N ASN A 496 67.15 -7.31 26.22
CA ASN A 496 67.71 -8.07 27.34
C ASN A 496 68.12 -7.16 28.49
N GLU A 497 68.57 -5.95 28.19
CA GLU A 497 68.97 -5.00 29.21
C GLU A 497 67.79 -4.60 30.09
N ASP B 1 57.59 -27.08 13.21
CA ASP B 1 56.24 -27.49 13.59
C ASP B 1 55.32 -26.28 13.69
N GLN B 2 54.27 -26.26 12.86
CA GLN B 2 53.39 -25.10 12.80
C GLN B 2 52.03 -25.51 12.29
N ILE B 3 50.98 -25.03 12.94
CA ILE B 3 49.60 -25.23 12.50
C ILE B 3 49.07 -23.89 12.01
N CYS B 4 48.59 -23.85 10.78
CA CYS B 4 48.13 -22.61 10.17
C CYS B 4 46.63 -22.64 9.94
N ILE B 5 46.01 -21.47 10.09
CA ILE B 5 44.56 -21.31 10.04
C ILE B 5 44.21 -20.53 8.78
N GLY B 6 43.25 -21.05 8.03
CA GLY B 6 42.83 -20.41 6.80
C GLY B 6 41.45 -20.89 6.41
N TYR B 7 41.02 -20.45 5.23
CA TYR B 7 39.68 -20.80 4.76
C TYR B 7 39.74 -21.43 3.37
N HIS B 8 38.57 -21.67 2.78
CA HIS B 8 38.46 -22.38 1.51
C HIS B 8 38.54 -21.41 0.33
N SER B 9 38.99 -21.93 -0.80
CA SER B 9 38.99 -21.18 -2.05
C SER B 9 38.82 -22.14 -3.21
N ASN B 10 38.17 -21.67 -4.26
CA ASN B 10 37.90 -22.50 -5.44
C ASN B 10 37.90 -21.59 -6.66
N ASN B 11 37.36 -22.10 -7.77
CA ASN B 11 37.41 -21.41 -9.06
C ASN B 11 36.04 -20.93 -9.52
N SER B 12 35.14 -20.62 -8.57
CA SER B 12 33.84 -20.08 -8.93
C SER B 12 33.96 -18.65 -9.43
N THR B 13 32.97 -18.23 -10.21
CA THR B 13 32.95 -16.90 -10.79
C THR B 13 31.68 -16.12 -10.46
N GLU B 14 30.86 -16.63 -9.54
CA GLU B 14 29.64 -15.94 -9.16
C GLU B 14 29.95 -14.60 -8.51
N LYS B 15 29.08 -13.62 -8.77
CA LYS B 15 29.26 -12.28 -8.24
C LYS B 15 28.00 -11.84 -7.50
N VAL B 16 28.17 -11.32 -6.29
CA VAL B 16 27.07 -10.86 -5.46
C VAL B 16 27.22 -9.37 -5.23
N ASP B 17 26.18 -8.78 -4.65
CA ASP B 17 26.13 -7.35 -4.39
C ASP B 17 26.03 -7.09 -2.89
N THR B 18 26.60 -5.97 -2.46
CA THR B 18 26.60 -5.55 -1.07
C THR B 18 26.35 -4.05 -1.03
N ILE B 19 25.86 -3.58 0.12
CA ILE B 19 25.60 -2.15 0.27
C ILE B 19 26.90 -1.37 0.18
N LEU B 20 27.96 -1.85 0.82
CA LEU B 20 29.22 -1.13 0.87
C LEU B 20 30.10 -1.38 -0.35
N GLU B 21 29.81 -2.41 -1.16
CA GLU B 21 30.69 -2.78 -2.26
C GLU B 21 29.92 -3.59 -3.28
N ARG B 22 30.20 -3.35 -4.56
CA ARG B 22 29.64 -4.15 -5.65
C ARG B 22 30.72 -5.02 -6.26
N ASN B 23 30.31 -5.91 -7.16
CA ASN B 23 31.23 -6.71 -7.96
C ASN B 23 32.11 -7.59 -7.07
N VAL B 24 31.46 -8.46 -6.29
CA VAL B 24 32.15 -9.28 -5.29
C VAL B 24 32.06 -10.74 -5.69
N THR B 25 33.21 -11.38 -5.85
CA THR B 25 33.26 -12.79 -6.23
C THR B 25 33.20 -13.65 -4.96
N VAL B 26 32.41 -14.72 -5.02
CA VAL B 26 32.20 -15.61 -3.88
C VAL B 26 32.43 -17.05 -4.32
N THR B 27 32.41 -17.95 -3.33
CA THR B 27 32.55 -19.37 -3.61
C THR B 27 31.22 -19.99 -4.04
N HIS B 28 30.21 -19.92 -3.16
CA HIS B 28 28.90 -20.48 -3.44
C HIS B 28 27.85 -19.39 -3.32
N ALA B 29 26.87 -19.41 -4.21
CA ALA B 29 25.80 -18.44 -4.20
C ALA B 29 24.50 -19.13 -4.63
N GLN B 30 23.39 -18.58 -4.17
CA GLN B 30 22.06 -19.12 -4.46
C GLN B 30 21.25 -18.08 -5.21
N ASP B 31 20.64 -18.51 -6.32
CA ASP B 31 19.82 -17.63 -7.13
C ASP B 31 18.36 -17.81 -6.75
N LEU B 32 17.66 -16.70 -6.54
CA LEU B 32 16.26 -16.71 -6.14
C LEU B 32 15.32 -16.18 -7.20
N LEU B 33 15.83 -15.77 -8.36
CA LEU B 33 15.02 -15.12 -9.38
C LEU B 33 15.00 -15.97 -10.65
N GLU B 34 13.81 -16.18 -11.19
CA GLU B 34 13.61 -16.92 -12.44
C GLU B 34 13.19 -15.94 -13.53
N LYS B 35 13.89 -15.98 -14.66
CA LYS B 35 13.68 -15.04 -15.76
C LYS B 35 13.63 -15.77 -17.10
N THR B 36 12.86 -16.85 -17.17
CA THR B 36 12.76 -17.62 -18.39
C THR B 36 11.37 -18.22 -18.52
N HIS B 37 10.86 -18.25 -19.75
CA HIS B 37 9.58 -18.87 -20.06
C HIS B 37 9.64 -19.46 -21.46
N ASN B 38 8.73 -20.37 -21.76
CA ASN B 38 8.72 -21.05 -23.05
C ASN B 38 7.95 -20.29 -24.13
N GLY B 39 7.25 -19.22 -23.77
CA GLY B 39 6.56 -18.41 -24.75
C GLY B 39 5.46 -19.13 -25.50
N LYS B 40 4.71 -19.99 -24.81
CA LYS B 40 3.63 -20.74 -25.43
C LYS B 40 2.44 -20.79 -24.49
N LEU B 41 1.24 -20.65 -25.07
CA LEU B 41 -0.01 -20.72 -24.31
C LEU B 41 -0.54 -22.15 -24.31
N CYS B 42 -0.65 -22.75 -23.13
CA CYS B 42 -1.09 -24.14 -23.05
C CYS B 42 -1.71 -24.53 -21.71
N LYS B 43 -1.93 -25.84 -21.52
CA LYS B 43 -2.95 -26.36 -20.62
C LYS B 43 -2.52 -26.34 -19.16
N LEU B 44 -3.48 -26.05 -18.27
CA LEU B 44 -3.23 -25.91 -16.84
C LEU B 44 -3.79 -27.13 -16.11
N ASN B 45 -2.90 -27.99 -15.62
CA ASN B 45 -3.26 -29.19 -14.87
C ASN B 45 -4.20 -30.11 -15.65
N GLY B 46 -4.00 -30.19 -16.97
CA GLY B 46 -4.74 -31.12 -17.79
C GLY B 46 -6.04 -30.61 -18.38
N ILE B 47 -6.49 -29.41 -17.99
CA ILE B 47 -7.74 -28.83 -18.47
C ILE B 47 -7.39 -27.74 -19.47
N PRO B 48 -7.78 -27.88 -20.74
CA PRO B 48 -7.47 -26.83 -21.71
C PRO B 48 -8.30 -25.59 -21.45
N PRO B 49 -7.80 -24.42 -21.82
CA PRO B 49 -8.55 -23.18 -21.62
C PRO B 49 -9.58 -22.97 -22.72
N LEU B 50 -10.37 -21.92 -22.56
CA LEU B 50 -11.38 -21.53 -23.54
C LEU B 50 -10.79 -20.47 -24.47
N GLU B 51 -10.66 -20.82 -25.75
CA GLU B 51 -10.11 -19.93 -26.75
C GLU B 51 -11.27 -19.25 -27.48
N LEU B 52 -11.41 -17.94 -27.27
CA LEU B 52 -12.49 -17.18 -27.90
C LEU B 52 -12.15 -16.76 -29.33
N GLY B 53 -10.89 -16.84 -29.74
CA GLY B 53 -10.55 -16.45 -31.10
C GLY B 53 -10.79 -14.98 -31.32
N ASP B 54 -11.57 -14.67 -32.36
CA ASP B 54 -11.94 -13.30 -32.69
C ASP B 54 -13.31 -12.92 -32.14
N CYS B 55 -13.68 -13.49 -31.00
CA CYS B 55 -14.99 -13.26 -30.39
C CYS B 55 -14.82 -12.74 -28.98
N SER B 56 -15.78 -11.92 -28.54
CA SER B 56 -15.79 -11.37 -27.20
C SER B 56 -16.75 -12.16 -26.32
N ILE B 57 -16.74 -11.82 -25.02
CA ILE B 57 -17.61 -12.52 -24.07
C ILE B 57 -19.07 -12.28 -24.41
N ALA B 58 -19.43 -11.03 -24.74
CA ALA B 58 -20.79 -10.73 -25.12
C ALA B 58 -21.19 -11.46 -26.40
N GLY B 59 -20.29 -11.49 -27.38
CA GLY B 59 -20.58 -12.21 -28.61
C GLY B 59 -20.74 -13.71 -28.40
N TRP B 60 -20.00 -14.28 -27.46
CA TRP B 60 -20.13 -15.69 -27.15
C TRP B 60 -21.45 -15.98 -26.43
N LEU B 61 -21.78 -15.16 -25.43
CA LEU B 61 -22.98 -15.43 -24.63
C LEU B 61 -24.25 -15.15 -25.41
N LEU B 62 -24.25 -14.12 -26.25
CA LEU B 62 -25.44 -13.79 -27.04
C LEU B 62 -25.64 -14.74 -28.20
N GLY B 63 -24.56 -15.33 -28.72
CA GLY B 63 -24.68 -16.26 -29.82
C GLY B 63 -24.45 -15.63 -31.19
N ASN B 64 -23.33 -14.93 -31.35
CA ASN B 64 -23.00 -14.33 -32.62
C ASN B 64 -22.85 -15.42 -33.68
N PRO B 65 -23.35 -15.20 -34.90
CA PRO B 65 -23.24 -16.24 -35.94
C PRO B 65 -21.80 -16.60 -36.28
N GLU B 66 -20.85 -15.67 -36.12
CA GLU B 66 -19.46 -15.98 -36.38
C GLU B 66 -18.85 -16.85 -35.29
N CYS B 67 -19.34 -16.73 -34.06
CA CYS B 67 -18.87 -17.57 -32.96
C CYS B 67 -19.73 -18.82 -32.80
N ASP B 68 -19.90 -19.57 -33.89
CA ASP B 68 -20.76 -20.74 -33.90
C ASP B 68 -20.09 -21.99 -33.37
N ARG B 69 -18.78 -21.97 -33.15
CA ARG B 69 -18.07 -23.10 -32.57
C ARG B 69 -18.09 -23.10 -31.05
N LEU B 70 -18.64 -22.04 -30.44
CA LEU B 70 -18.76 -21.95 -28.99
C LEU B 70 -20.20 -22.16 -28.52
N LEU B 71 -21.03 -22.78 -29.34
CA LEU B 71 -22.41 -23.06 -28.93
C LEU B 71 -22.44 -24.02 -27.74
N THR B 72 -21.56 -25.02 -27.75
CA THR B 72 -21.35 -25.91 -26.61
C THR B 72 -19.88 -25.89 -26.24
N VAL B 73 -19.58 -25.68 -24.97
CA VAL B 73 -18.20 -25.50 -24.52
C VAL B 73 -17.94 -26.39 -23.31
N PRO B 74 -16.84 -27.15 -23.29
CA PRO B 74 -16.51 -27.98 -22.12
C PRO B 74 -15.90 -27.19 -20.99
N GLU B 75 -15.44 -27.90 -19.96
CA GLU B 75 -14.78 -27.27 -18.83
C GLU B 75 -13.49 -26.58 -19.26
N TRP B 76 -13.16 -25.49 -18.58
CA TRP B 76 -11.98 -24.71 -18.91
C TRP B 76 -11.25 -24.29 -17.64
N SER B 77 -9.99 -23.87 -17.81
CA SER B 77 -9.18 -23.36 -16.72
C SER B 77 -9.01 -21.85 -16.74
N TYR B 78 -8.97 -21.24 -17.93
CA TYR B 78 -8.95 -19.80 -18.07
C TYR B 78 -9.47 -19.45 -19.45
N ILE B 79 -9.65 -18.16 -19.70
CA ILE B 79 -10.25 -17.67 -20.93
C ILE B 79 -9.24 -16.79 -21.65
N MET B 80 -9.06 -17.03 -22.95
CA MET B 80 -8.20 -16.21 -23.79
C MET B 80 -9.06 -15.23 -24.56
N GLU B 81 -8.75 -13.94 -24.44
CA GLU B 81 -9.47 -12.89 -25.12
C GLU B 81 -8.48 -11.90 -25.72
N LYS B 82 -8.86 -11.31 -26.85
CA LYS B 82 -8.02 -10.34 -27.52
C LYS B 82 -8.33 -8.93 -27.02
N GLU B 83 -7.37 -8.02 -27.21
CA GLU B 83 -7.54 -6.65 -26.74
C GLU B 83 -8.69 -5.96 -27.46
N ASN B 84 -8.80 -6.15 -28.78
CA ASN B 84 -9.86 -5.56 -29.59
C ASN B 84 -10.50 -6.66 -30.43
N PRO B 85 -11.42 -7.42 -29.86
CA PRO B 85 -12.09 -8.48 -30.63
C PRO B 85 -12.90 -7.91 -31.78
N ARG B 86 -13.00 -8.67 -32.85
CA ARG B 86 -13.67 -8.23 -34.07
C ARG B 86 -15.16 -8.58 -34.07
N ASN B 87 -15.52 -9.75 -33.56
CA ASN B 87 -16.91 -10.21 -33.56
C ASN B 87 -17.48 -10.05 -32.17
N GLY B 88 -18.17 -8.93 -31.94
CA GLY B 88 -18.85 -8.69 -30.68
C GLY B 88 -20.34 -8.62 -30.86
N LEU B 89 -20.90 -7.41 -30.75
CA LEU B 89 -22.32 -7.17 -31.02
C LEU B 89 -22.46 -6.89 -32.50
N CYS B 90 -22.95 -7.87 -33.26
CA CYS B 90 -23.14 -7.68 -34.70
C CYS B 90 -24.14 -6.57 -34.96
N TYR B 91 -25.25 -6.56 -34.24
CA TYR B 91 -26.17 -5.43 -34.27
C TYR B 91 -25.68 -4.37 -33.28
N PRO B 92 -25.52 -3.12 -33.70
CA PRO B 92 -24.96 -2.11 -32.80
C PRO B 92 -25.80 -1.92 -31.55
N GLY B 93 -25.10 -1.65 -30.44
CA GLY B 93 -25.80 -1.46 -29.18
C GLY B 93 -24.82 -1.40 -28.02
N SER B 94 -25.36 -1.63 -26.82
CA SER B 94 -24.59 -1.56 -25.58
C SER B 94 -24.88 -2.79 -24.74
N PHE B 95 -24.22 -2.85 -23.58
CA PHE B 95 -24.34 -4.00 -22.67
C PHE B 95 -24.13 -3.48 -21.25
N ASN B 96 -25.23 -3.39 -20.49
CA ASN B 96 -25.15 -2.82 -19.15
C ASN B 96 -24.36 -3.72 -18.21
N ASP B 97 -23.52 -3.10 -17.39
CA ASP B 97 -22.72 -3.78 -16.37
C ASP B 97 -21.90 -4.91 -16.97
N TYR B 98 -21.23 -4.61 -18.09
CA TYR B 98 -20.39 -5.59 -18.76
C TYR B 98 -19.21 -5.99 -17.89
N GLU B 99 -18.57 -5.02 -17.24
CA GLU B 99 -17.39 -5.30 -16.42
C GLU B 99 -17.76 -6.10 -15.18
N GLU B 100 -18.92 -5.84 -14.60
CA GLU B 100 -19.38 -6.65 -13.47
C GLU B 100 -19.61 -8.09 -13.89
N LEU B 101 -20.18 -8.30 -15.09
CA LEU B 101 -20.37 -9.65 -15.60
C LEU B 101 -19.03 -10.35 -15.82
N LYS B 102 -18.04 -9.63 -16.36
CA LYS B 102 -16.73 -10.23 -16.55
C LYS B 102 -16.08 -10.57 -15.21
N HIS B 103 -16.23 -9.71 -14.21
CA HIS B 103 -15.70 -10.01 -12.88
C HIS B 103 -16.35 -11.26 -12.31
N LEU B 104 -17.67 -11.39 -12.47
CA LEU B 104 -18.35 -12.60 -12.00
C LEU B 104 -17.85 -13.83 -12.75
N LEU B 105 -17.66 -13.72 -14.06
CA LEU B 105 -17.18 -14.84 -14.86
C LEU B 105 -15.75 -15.22 -14.52
N SER B 106 -14.97 -14.30 -13.95
CA SER B 106 -13.59 -14.58 -13.60
C SER B 106 -13.45 -15.65 -12.52
N SER B 107 -14.57 -16.18 -12.03
CA SER B 107 -14.54 -17.25 -11.04
C SER B 107 -15.55 -18.35 -11.36
N VAL B 108 -15.84 -18.56 -12.65
CA VAL B 108 -16.73 -19.61 -13.10
C VAL B 108 -15.96 -20.49 -14.07
N THR B 109 -16.09 -21.80 -13.91
CA THR B 109 -15.28 -22.76 -14.66
C THR B 109 -16.07 -23.53 -15.71
N HIS B 110 -17.34 -23.84 -15.46
CA HIS B 110 -18.16 -24.53 -16.44
C HIS B 110 -19.55 -23.92 -16.47
N PHE B 111 -20.22 -24.03 -17.62
CA PHE B 111 -21.58 -23.59 -17.82
C PHE B 111 -22.44 -24.74 -18.32
N GLU B 112 -23.74 -24.52 -18.36
CA GLU B 112 -24.68 -25.52 -18.85
C GLU B 112 -25.90 -24.80 -19.41
N LYS B 113 -26.04 -24.82 -20.73
CA LYS B 113 -27.14 -24.12 -21.37
C LYS B 113 -28.45 -24.85 -21.14
N VAL B 114 -29.46 -24.12 -20.65
CA VAL B 114 -30.78 -24.67 -20.36
C VAL B 114 -31.81 -23.92 -21.21
N LYS B 115 -32.62 -24.66 -21.95
CA LYS B 115 -33.69 -24.08 -22.75
C LYS B 115 -34.87 -23.76 -21.84
N ILE B 116 -35.07 -22.48 -21.54
CA ILE B 116 -36.06 -22.08 -20.55
C ILE B 116 -37.30 -21.48 -21.19
N LEU B 117 -37.18 -20.78 -22.32
CA LEU B 117 -38.32 -20.22 -23.03
C LEU B 117 -38.22 -20.66 -24.49
N PRO B 118 -38.76 -21.83 -24.82
CA PRO B 118 -38.63 -22.34 -26.19
C PRO B 118 -39.24 -21.40 -27.21
N LYS B 119 -38.64 -21.36 -28.40
CA LYS B 119 -39.07 -20.45 -29.45
C LYS B 119 -40.47 -20.77 -29.93
N ASP B 120 -40.89 -22.04 -29.85
CA ASP B 120 -42.21 -22.43 -30.34
C ASP B 120 -43.35 -21.96 -29.44
N ARG B 121 -43.06 -21.45 -28.25
CA ARG B 121 -44.12 -21.04 -27.35
C ARG B 121 -44.80 -19.74 -27.77
N TRP B 122 -44.13 -18.93 -28.59
CA TRP B 122 -44.69 -17.65 -29.03
C TRP B 122 -45.58 -17.90 -30.25
N THR B 123 -46.81 -18.29 -29.97
CA THR B 123 -47.77 -18.65 -31.02
C THR B 123 -48.57 -17.47 -31.53
N GLN B 124 -48.41 -16.28 -30.95
CA GLN B 124 -49.12 -15.09 -31.41
C GLN B 124 -48.17 -14.04 -31.97
N HIS B 125 -46.90 -14.38 -32.20
CA HIS B 125 -45.92 -13.43 -32.69
C HIS B 125 -45.04 -14.10 -33.73
N THR B 126 -44.35 -13.27 -34.51
CA THR B 126 -43.39 -13.75 -35.50
C THR B 126 -42.01 -13.79 -34.88
N THR B 127 -41.33 -14.93 -35.04
CA THR B 127 -40.04 -15.16 -34.39
C THR B 127 -38.91 -15.36 -35.38
N THR B 128 -39.13 -15.10 -36.67
CA THR B 128 -38.12 -15.29 -37.70
C THR B 128 -37.47 -13.99 -38.14
N GLY B 129 -37.45 -12.99 -37.28
CA GLY B 129 -36.83 -11.72 -37.63
C GLY B 129 -35.32 -11.82 -37.72
N GLY B 130 -34.75 -10.97 -38.57
CA GLY B 130 -33.31 -10.95 -38.76
C GLY B 130 -32.86 -9.60 -39.26
N SER B 131 -31.55 -9.47 -39.41
CA SER B 131 -30.95 -8.23 -39.90
C SER B 131 -29.72 -8.56 -40.73
N ARG B 132 -29.35 -7.62 -41.59
CA ARG B 132 -28.17 -7.77 -42.43
C ARG B 132 -26.87 -7.54 -41.68
N ALA B 133 -26.93 -7.01 -40.45
CA ALA B 133 -25.72 -6.82 -39.67
C ALA B 133 -25.10 -8.16 -39.32
N CYS B 134 -25.92 -9.15 -38.97
CA CYS B 134 -25.47 -10.51 -38.68
C CYS B 134 -26.01 -11.40 -39.79
N ALA B 135 -25.27 -11.50 -40.90
CA ALA B 135 -25.70 -12.22 -42.07
C ALA B 135 -24.82 -13.43 -42.29
N VAL B 136 -25.43 -14.57 -42.58
CA VAL B 136 -24.72 -15.81 -42.89
C VAL B 136 -25.06 -16.20 -44.32
N SER B 137 -24.04 -16.33 -45.16
CA SER B 137 -24.20 -16.67 -46.57
C SER B 137 -25.14 -15.71 -47.28
N GLY B 138 -25.03 -14.43 -46.93
CA GLY B 138 -25.82 -13.40 -47.58
C GLY B 138 -27.18 -13.16 -46.96
N ASN B 139 -27.83 -14.23 -46.50
CA ASN B 139 -29.15 -14.10 -45.92
C ASN B 139 -29.06 -13.47 -44.52
N PRO B 140 -30.03 -12.65 -44.15
CA PRO B 140 -30.02 -12.08 -42.80
C PRO B 140 -30.25 -13.14 -41.73
N SER B 141 -29.69 -12.88 -40.55
CA SER B 141 -29.82 -13.80 -39.42
C SER B 141 -29.84 -12.97 -38.14
N PHE B 142 -29.63 -13.63 -37.00
CA PHE B 142 -29.71 -12.97 -35.71
C PHE B 142 -28.88 -13.77 -34.70
N PHE B 143 -28.82 -13.26 -33.48
CA PHE B 143 -28.17 -14.00 -32.39
C PHE B 143 -28.85 -15.34 -32.18
N ARG B 144 -28.05 -16.38 -31.96
CA ARG B 144 -28.58 -17.74 -31.89
C ARG B 144 -29.29 -18.02 -30.57
N ASN B 145 -28.92 -17.34 -29.50
CA ASN B 145 -29.45 -17.61 -28.17
C ASN B 145 -30.60 -16.68 -27.78
N MET B 146 -31.04 -15.81 -28.68
CA MET B 146 -32.11 -14.86 -28.38
C MET B 146 -33.13 -14.87 -29.51
N VAL B 147 -34.34 -14.44 -29.17
CA VAL B 147 -35.48 -14.42 -30.10
C VAL B 147 -35.92 -12.98 -30.29
N TRP B 148 -36.16 -12.60 -31.53
CA TRP B 148 -36.62 -11.26 -31.89
C TRP B 148 -38.12 -11.35 -32.19
N LEU B 149 -38.93 -10.75 -31.32
CA LEU B 149 -40.38 -10.83 -31.44
C LEU B 149 -40.89 -9.65 -32.26
N THR B 150 -41.57 -9.95 -33.36
CA THR B 150 -42.17 -8.95 -34.22
C THR B 150 -43.66 -9.24 -34.39
N LYS B 151 -44.35 -8.29 -35.01
CA LYS B 151 -45.79 -8.41 -35.18
C LYS B 151 -46.14 -9.56 -36.13
N LYS B 152 -47.30 -10.15 -35.90
CA LYS B 152 -47.83 -11.22 -36.75
C LYS B 152 -49.12 -10.73 -37.38
N GLY B 153 -49.13 -10.61 -38.70
CA GLY B 153 -50.26 -10.03 -39.38
C GLY B 153 -50.26 -8.52 -39.27
N SER B 154 -51.15 -7.98 -38.44
CA SER B 154 -51.17 -6.54 -38.20
C SER B 154 -51.42 -6.20 -36.73
N ASN B 155 -51.22 -7.15 -35.82
CA ASN B 155 -51.41 -6.90 -34.40
C ASN B 155 -50.26 -7.49 -33.61
N TYR B 156 -49.93 -6.85 -32.49
CA TYR B 156 -48.88 -7.28 -31.58
C TYR B 156 -49.49 -7.43 -30.18
N PRO B 157 -49.94 -8.62 -29.82
CA PRO B 157 -50.55 -8.80 -28.50
C PRO B 157 -49.53 -8.70 -27.38
N VAL B 158 -50.03 -8.57 -26.16
CA VAL B 158 -49.17 -8.48 -24.99
C VAL B 158 -48.44 -9.80 -24.80
N ALA B 159 -47.11 -9.73 -24.68
CA ALA B 159 -46.27 -10.92 -24.60
C ALA B 159 -45.90 -11.17 -23.15
N LYS B 160 -46.18 -12.38 -22.67
CA LYS B 160 -45.87 -12.79 -21.31
C LYS B 160 -45.06 -14.07 -21.32
N GLY B 161 -44.15 -14.19 -20.37
CA GLY B 161 -43.33 -15.38 -20.23
C GLY B 161 -42.68 -15.47 -18.87
N SER B 162 -42.69 -16.65 -18.27
CA SER B 162 -42.15 -16.85 -16.94
C SER B 162 -41.34 -18.14 -16.89
N TYR B 163 -40.41 -18.20 -15.95
CA TYR B 163 -39.60 -19.39 -15.75
C TYR B 163 -39.25 -19.52 -14.27
N ASN B 164 -39.51 -20.70 -13.70
CA ASN B 164 -39.18 -20.99 -12.31
C ASN B 164 -37.92 -21.85 -12.29
N ASN B 165 -36.86 -21.31 -11.67
CA ASN B 165 -35.57 -21.99 -11.67
C ASN B 165 -35.62 -23.21 -10.77
N THR B 166 -35.49 -24.39 -11.37
CA THR B 166 -35.44 -25.65 -10.64
C THR B 166 -34.27 -26.50 -11.13
N SER B 167 -33.23 -25.85 -11.65
CA SER B 167 -32.10 -26.56 -12.24
C SER B 167 -31.04 -26.96 -11.23
N GLY B 168 -31.13 -26.50 -9.99
CA GLY B 168 -30.21 -26.91 -8.95
C GLY B 168 -29.07 -25.95 -8.68
N GLU B 169 -28.96 -24.86 -9.43
CA GLU B 169 -27.88 -23.90 -9.21
C GLU B 169 -28.31 -22.54 -9.74
N GLN B 170 -27.54 -21.53 -9.38
CA GLN B 170 -27.81 -20.17 -9.83
C GLN B 170 -27.69 -20.07 -11.35
N MET B 171 -28.44 -19.15 -11.93
CA MET B 171 -28.58 -19.05 -13.38
C MET B 171 -28.34 -17.63 -13.84
N LEU B 172 -27.88 -17.50 -15.08
CA LEU B 172 -27.62 -16.20 -15.71
C LEU B 172 -28.60 -16.03 -16.87
N VAL B 173 -29.35 -14.93 -16.84
CA VAL B 173 -30.38 -14.65 -17.84
C VAL B 173 -30.07 -13.29 -18.47
N ILE B 174 -30.16 -13.22 -19.80
CA ILE B 174 -29.87 -12.02 -20.56
C ILE B 174 -31.06 -11.71 -21.47
N TRP B 175 -31.50 -10.47 -21.48
CA TRP B 175 -32.55 -9.98 -22.37
C TRP B 175 -32.10 -8.66 -22.98
N GLY B 176 -32.95 -8.09 -23.84
CA GLY B 176 -32.59 -6.86 -24.52
C GLY B 176 -33.79 -6.04 -24.92
N VAL B 177 -33.52 -4.79 -25.28
CA VAL B 177 -34.54 -3.83 -25.70
C VAL B 177 -34.04 -3.14 -26.96
N HIS B 178 -34.93 -2.97 -27.94
CA HIS B 178 -34.59 -2.40 -29.24
C HIS B 178 -35.00 -0.93 -29.30
N HIS B 179 -34.08 -0.08 -29.77
CA HIS B 179 -34.35 1.33 -29.99
C HIS B 179 -34.29 1.63 -31.48
N PRO B 180 -35.44 1.80 -32.16
CA PRO B 180 -35.41 2.10 -33.60
C PRO B 180 -34.93 3.52 -33.89
N ASN B 181 -34.89 3.88 -35.17
CA ASN B 181 -34.42 5.20 -35.56
C ASN B 181 -35.51 6.11 -36.11
N ASP B 182 -36.70 5.57 -36.41
CA ASP B 182 -37.81 6.40 -36.85
C ASP B 182 -39.11 5.67 -36.55
N GLU B 183 -40.22 6.43 -36.58
CA GLU B 183 -41.53 5.86 -36.30
C GLU B 183 -41.98 4.89 -37.38
N ALA B 184 -41.47 5.04 -38.61
CA ALA B 184 -41.82 4.09 -39.66
C ALA B 184 -41.32 2.70 -39.32
N GLU B 185 -40.09 2.58 -38.81
CA GLU B 185 -39.57 1.29 -38.39
C GLU B 185 -40.39 0.72 -37.24
N GLN B 186 -40.77 1.57 -36.28
CA GLN B 186 -41.56 1.10 -35.15
C GLN B 186 -42.91 0.56 -35.61
N ARG B 187 -43.56 1.27 -36.54
CA ARG B 187 -44.86 0.80 -37.01
C ARG B 187 -44.74 -0.44 -37.88
N THR B 188 -43.67 -0.55 -38.65
CA THR B 188 -43.50 -1.72 -39.51
C THR B 188 -43.02 -2.94 -38.74
N LEU B 189 -42.49 -2.77 -37.53
CA LEU B 189 -42.03 -3.90 -36.74
C LEU B 189 -43.02 -4.32 -35.66
N TYR B 190 -43.57 -3.36 -34.91
CA TYR B 190 -44.40 -3.66 -33.75
C TYR B 190 -45.82 -3.10 -33.84
N GLN B 191 -46.10 -2.20 -34.77
CA GLN B 191 -47.45 -1.73 -35.09
C GLN B 191 -48.03 -0.87 -33.96
N ASN B 192 -47.33 -0.79 -32.84
CA ASN B 192 -47.76 0.02 -31.71
C ASN B 192 -46.75 1.12 -31.43
N VAL B 193 -47.21 2.18 -30.76
CA VAL B 193 -46.39 3.30 -30.37
C VAL B 193 -46.62 3.58 -28.89
N GLY B 194 -45.54 3.74 -28.15
CA GLY B 194 -45.63 3.94 -26.71
C GLY B 194 -45.52 2.64 -25.95
N THR B 195 -44.62 1.77 -26.42
CA THR B 195 -44.46 0.44 -25.86
C THR B 195 -43.57 0.48 -24.61
N TYR B 196 -43.49 -0.67 -23.94
CA TYR B 196 -42.68 -0.81 -22.74
C TYR B 196 -42.18 -2.24 -22.64
N VAL B 197 -41.11 -2.42 -21.88
CA VAL B 197 -40.57 -3.75 -21.57
C VAL B 197 -40.37 -3.82 -20.06
N SER B 198 -41.03 -4.77 -19.42
CA SER B 198 -40.99 -4.91 -17.97
C SER B 198 -40.45 -6.29 -17.60
N VAL B 199 -39.45 -6.30 -16.72
CA VAL B 199 -38.84 -7.52 -16.22
C VAL B 199 -38.89 -7.47 -14.69
N GLY B 200 -39.33 -8.57 -14.08
CA GLY B 200 -39.47 -8.59 -12.65
C GLY B 200 -39.14 -9.92 -11.99
N THR B 201 -38.26 -9.88 -11.00
CA THR B 201 -37.91 -11.03 -10.17
C THR B 201 -38.13 -10.65 -8.71
N SER B 202 -37.66 -11.52 -7.81
CA SER B 202 -37.82 -11.26 -6.38
C SER B 202 -37.00 -10.06 -5.93
N THR B 203 -35.88 -9.78 -6.59
CA THR B 203 -35.03 -8.65 -6.22
C THR B 203 -34.79 -7.68 -7.37
N VAL B 204 -35.36 -7.91 -8.55
CA VAL B 204 -35.11 -7.08 -9.72
C VAL B 204 -36.45 -6.55 -10.23
N ASN B 205 -36.51 -5.24 -10.47
CA ASN B 205 -37.71 -4.60 -11.02
C ASN B 205 -37.24 -3.51 -11.96
N LYS B 206 -37.49 -3.69 -13.27
CA LYS B 206 -37.06 -2.74 -14.27
C LYS B 206 -38.16 -2.52 -15.30
N ARG B 207 -38.30 -1.27 -15.73
CA ARG B 207 -39.20 -0.92 -16.83
C ARG B 207 -38.44 -0.03 -17.80
N SER B 208 -38.41 -0.43 -19.07
CA SER B 208 -37.63 0.27 -20.09
C SER B 208 -38.57 0.81 -21.16
N ILE B 209 -38.36 2.07 -21.52
CA ILE B 209 -39.10 2.74 -22.59
C ILE B 209 -38.17 2.89 -23.79
N PRO B 210 -38.54 2.40 -24.97
CA PRO B 210 -37.68 2.57 -26.13
C PRO B 210 -37.53 4.02 -26.53
N GLU B 211 -36.35 4.35 -27.05
CA GLU B 211 -36.03 5.71 -27.50
C GLU B 211 -35.84 5.69 -29.00
N ILE B 212 -36.57 6.55 -29.70
CA ILE B 212 -36.52 6.65 -31.16
C ILE B 212 -35.81 7.94 -31.52
N ALA B 213 -34.65 7.83 -32.15
CA ALA B 213 -33.86 8.99 -32.51
C ALA B 213 -32.97 8.65 -33.70
N THR B 214 -32.52 9.70 -34.39
CA THR B 214 -31.60 9.54 -35.51
C THR B 214 -30.17 9.45 -35.00
N ARG B 215 -29.43 8.48 -35.50
CA ARG B 215 -28.07 8.20 -35.05
C ARG B 215 -27.21 7.87 -36.27
N PRO B 216 -25.89 8.02 -36.14
CA PRO B 216 -25.00 7.58 -37.22
C PRO B 216 -25.10 6.07 -37.44
N LYS B 217 -24.88 5.66 -38.67
CA LYS B 217 -25.04 4.26 -39.05
C LYS B 217 -23.79 3.47 -38.65
N VAL B 218 -24.00 2.46 -37.79
CA VAL B 218 -22.95 1.53 -37.39
C VAL B 218 -23.33 0.15 -37.95
N ASN B 219 -22.41 -0.45 -38.70
CA ASN B 219 -22.68 -1.68 -39.44
C ASN B 219 -23.87 -1.52 -40.40
N GLY B 220 -24.06 -0.31 -40.91
CA GLY B 220 -25.15 -0.02 -41.81
C GLY B 220 -26.51 0.11 -41.15
N GLN B 221 -26.56 0.23 -39.83
CA GLN B 221 -27.82 0.26 -39.10
C GLN B 221 -27.88 1.51 -38.23
N GLY B 222 -29.07 2.09 -38.13
CA GLY B 222 -29.27 3.27 -37.31
C GLY B 222 -29.85 2.97 -35.95
N GLY B 223 -30.40 1.78 -35.77
CA GLY B 223 -30.96 1.39 -34.50
C GLY B 223 -29.91 0.80 -33.56
N ARG B 224 -30.31 0.65 -32.29
CA ARG B 224 -29.43 0.11 -31.27
C ARG B 224 -30.22 -0.87 -30.40
N MET B 225 -29.51 -1.84 -29.83
CA MET B 225 -30.07 -2.79 -28.88
C MET B 225 -29.34 -2.66 -27.55
N GLU B 226 -30.11 -2.58 -26.47
CA GLU B 226 -29.56 -2.46 -25.12
C GLU B 226 -29.83 -3.76 -24.37
N PHE B 227 -28.78 -4.38 -23.84
CA PHE B 227 -28.87 -5.68 -23.20
C PHE B 227 -28.64 -5.55 -21.70
N SER B 228 -29.42 -6.32 -20.93
CA SER B 228 -29.29 -6.35 -19.47
C SER B 228 -29.24 -7.80 -19.01
N TRP B 229 -28.68 -8.00 -17.82
CA TRP B 229 -28.48 -9.35 -17.28
C TRP B 229 -28.80 -9.36 -15.79
N THR B 230 -29.01 -10.56 -15.28
CA THR B 230 -29.25 -10.78 -13.85
C THR B 230 -28.88 -12.21 -13.51
N ILE B 231 -28.75 -12.46 -12.21
CA ILE B 231 -28.47 -13.81 -11.69
C ILE B 231 -29.73 -14.29 -10.97
N LEU B 232 -30.27 -15.42 -11.43
CA LEU B 232 -31.49 -15.97 -10.88
C LEU B 232 -31.17 -16.98 -9.79
N ASP B 233 -31.76 -16.79 -8.62
CA ASP B 233 -31.51 -17.68 -7.50
C ASP B 233 -32.34 -18.95 -7.63
N MET B 234 -32.01 -19.95 -6.81
CA MET B 234 -32.72 -21.22 -6.85
C MET B 234 -34.14 -21.05 -6.33
N LEU B 235 -35.08 -21.72 -7.02
CA LEU B 235 -36.51 -21.64 -6.69
C LEU B 235 -37.01 -20.20 -6.71
N ASP B 236 -36.50 -19.41 -7.66
CA ASP B 236 -36.96 -18.05 -7.90
C ASP B 236 -37.41 -17.94 -9.35
N THR B 237 -38.45 -17.16 -9.58
CA THR B 237 -39.06 -17.05 -10.89
C THR B 237 -38.85 -15.67 -11.49
N ILE B 238 -38.72 -15.63 -12.81
CA ILE B 238 -38.53 -14.40 -13.57
C ILE B 238 -39.73 -14.21 -14.49
N ASN B 239 -40.20 -12.97 -14.58
CA ASN B 239 -41.39 -12.65 -15.36
C ASN B 239 -41.07 -11.62 -16.43
N PHE B 240 -41.59 -11.84 -17.63
CA PHE B 240 -41.45 -10.91 -18.74
C PHE B 240 -42.81 -10.40 -19.18
N GLU B 241 -42.87 -9.13 -19.54
CA GLU B 241 -44.09 -8.54 -20.08
C GLU B 241 -43.71 -7.35 -20.94
N SER B 242 -44.24 -7.30 -22.16
CA SER B 242 -43.90 -6.22 -23.07
C SER B 242 -44.98 -6.09 -24.14
N THR B 243 -45.23 -4.85 -24.55
CA THR B 243 -46.07 -4.56 -25.70
C THR B 243 -45.27 -4.34 -26.98
N GLY B 244 -43.96 -4.51 -26.92
CA GLY B 244 -43.12 -4.35 -28.08
C GLY B 244 -41.69 -4.09 -27.68
N ASN B 245 -40.80 -4.20 -28.66
CA ASN B 245 -39.38 -3.89 -28.52
C ASN B 245 -38.69 -4.80 -27.50
N LEU B 246 -39.09 -6.06 -27.46
CA LEU B 246 -38.51 -7.03 -26.53
C LEU B 246 -37.69 -8.05 -27.30
N ILE B 247 -36.44 -8.22 -26.90
CA ILE B 247 -35.57 -9.26 -27.44
C ILE B 247 -35.48 -10.34 -26.35
N ALA B 248 -36.38 -11.31 -26.44
CA ALA B 248 -36.51 -12.32 -25.39
C ALA B 248 -35.40 -13.34 -25.47
N PRO B 249 -35.00 -13.91 -24.33
CA PRO B 249 -34.03 -15.00 -24.35
C PRO B 249 -34.69 -16.35 -24.65
N GLU B 250 -33.86 -17.28 -25.12
CA GLU B 250 -34.26 -18.66 -25.29
C GLU B 250 -33.46 -19.63 -24.42
N TYR B 251 -32.23 -19.28 -24.08
CA TYR B 251 -31.35 -20.15 -23.31
C TYR B 251 -30.88 -19.42 -22.06
N GLY B 252 -30.82 -20.16 -20.96
CA GLY B 252 -30.22 -19.66 -19.74
C GLY B 252 -28.93 -20.38 -19.43
N PHE B 253 -28.02 -19.74 -18.70
CA PHE B 253 -26.72 -20.31 -18.39
C PHE B 253 -26.68 -20.65 -16.91
N LYS B 254 -26.43 -21.92 -16.60
CA LYS B 254 -26.41 -22.43 -15.24
C LYS B 254 -24.96 -22.64 -14.80
N ILE B 255 -24.64 -22.14 -13.60
CA ILE B 255 -23.29 -22.27 -13.08
C ILE B 255 -23.12 -23.69 -12.54
N SER B 256 -22.11 -24.39 -13.06
CA SER B 256 -21.94 -25.81 -12.80
C SER B 256 -20.74 -26.15 -11.93
N LYS B 257 -19.58 -25.53 -12.15
CA LYS B 257 -18.35 -25.97 -11.52
C LYS B 257 -17.83 -25.00 -10.47
N ARG B 258 -17.61 -23.73 -10.83
CA ARG B 258 -16.99 -22.73 -9.96
C ARG B 258 -15.55 -23.09 -9.63
N GLY B 259 -14.74 -22.08 -9.33
CA GLY B 259 -13.34 -22.32 -9.01
C GLY B 259 -12.51 -21.07 -9.24
N SER B 260 -11.21 -21.27 -9.33
CA SER B 260 -10.25 -20.20 -9.54
C SER B 260 -9.87 -20.16 -11.02
N SER B 261 -10.12 -19.02 -11.66
CA SER B 261 -9.88 -18.86 -13.08
C SER B 261 -9.55 -17.39 -13.34
N GLY B 262 -9.61 -16.98 -14.60
CA GLY B 262 -9.38 -15.59 -14.95
C GLY B 262 -9.52 -15.40 -16.44
N ILE B 263 -9.52 -14.14 -16.83
CA ILE B 263 -9.58 -13.73 -18.24
C ILE B 263 -8.22 -13.14 -18.60
N MET B 264 -7.53 -13.79 -19.53
CA MET B 264 -6.19 -13.39 -19.94
C MET B 264 -6.24 -12.72 -21.31
N LYS B 265 -5.66 -11.53 -21.39
CA LYS B 265 -5.66 -10.76 -22.64
C LYS B 265 -4.41 -11.12 -23.43
N THR B 266 -4.58 -11.94 -24.46
CA THR B 266 -3.48 -12.37 -25.31
C THR B 266 -3.95 -12.38 -26.76
N GLU B 267 -2.98 -12.53 -27.67
CA GLU B 267 -3.26 -12.63 -29.09
C GLU B 267 -2.72 -13.92 -29.70
N GLY B 268 -2.31 -14.88 -28.88
CA GLY B 268 -1.75 -16.13 -29.37
C GLY B 268 -2.79 -17.23 -29.51
N THR B 269 -2.28 -18.45 -29.70
CA THR B 269 -3.11 -19.62 -29.88
C THR B 269 -2.67 -20.70 -28.90
N LEU B 270 -3.57 -21.64 -28.65
CA LEU B 270 -3.30 -22.72 -27.71
C LEU B 270 -2.36 -23.74 -28.34
N GLU B 271 -1.29 -24.08 -27.63
CA GLU B 271 -0.34 -25.10 -28.03
C GLU B 271 -0.47 -26.31 -27.11
N ASN B 272 0.40 -27.28 -27.29
CA ASN B 272 0.38 -28.54 -26.55
C ASN B 272 1.48 -28.53 -25.50
N CYS B 273 1.11 -28.33 -24.24
CA CYS B 273 2.06 -28.44 -23.14
C CYS B 273 1.37 -29.18 -21.99
N GLU B 274 1.99 -29.06 -20.80
CA GLU B 274 1.33 -29.35 -19.54
C GLU B 274 2.05 -28.52 -18.47
N THR B 275 1.46 -27.40 -18.11
CA THR B 275 2.09 -26.45 -17.21
C THR B 275 1.28 -26.30 -15.92
N LYS B 276 1.89 -25.62 -14.95
CA LYS B 276 1.26 -25.32 -13.68
C LYS B 276 1.06 -23.83 -13.44
N CYS B 277 1.87 -22.97 -14.06
CA CYS B 277 1.70 -21.52 -13.98
C CYS B 277 1.73 -20.95 -15.39
N GLN B 278 0.78 -20.07 -15.68
CA GLN B 278 0.62 -19.50 -17.01
C GLN B 278 0.57 -17.98 -16.91
N THR B 279 1.41 -17.32 -17.69
CA THR B 279 1.44 -15.87 -17.84
C THR B 279 1.08 -15.49 -19.27
N PRO B 280 0.64 -14.25 -19.49
CA PRO B 280 0.28 -13.84 -20.86
C PRO B 280 1.42 -13.97 -21.86
N LEU B 281 2.67 -13.92 -21.42
CA LEU B 281 3.81 -14.07 -22.32
C LEU B 281 4.25 -15.52 -22.48
N GLY B 282 4.00 -16.36 -21.49
CA GLY B 282 4.42 -17.75 -21.56
C GLY B 282 4.16 -18.47 -20.26
N ALA B 283 4.63 -19.71 -20.21
CA ALA B 283 4.47 -20.57 -19.04
C ALA B 283 5.77 -20.67 -18.27
N ILE B 284 5.66 -20.99 -16.98
CA ILE B 284 6.78 -21.02 -16.06
C ILE B 284 6.90 -22.44 -15.49
N ASN B 285 8.13 -22.98 -15.51
CA ASN B 285 8.44 -24.27 -14.91
C ASN B 285 9.70 -24.08 -14.07
N THR B 286 9.51 -23.81 -12.78
CA THR B 286 10.64 -23.53 -11.91
C THR B 286 10.26 -23.86 -10.47
N THR B 287 11.28 -24.02 -9.63
CA THR B 287 11.11 -24.20 -8.20
C THR B 287 11.64 -23.03 -7.40
N LEU B 288 12.04 -21.94 -8.06
CA LEU B 288 12.58 -20.76 -7.42
C LEU B 288 11.48 -19.92 -6.79
N PRO B 289 11.79 -19.14 -5.75
CA PRO B 289 10.74 -18.40 -5.03
C PRO B 289 10.36 -17.06 -5.66
N PHE B 290 11.05 -16.60 -6.70
CA PHE B 290 10.72 -15.32 -7.31
C PHE B 290 10.78 -15.42 -8.82
N HIS B 291 10.05 -14.52 -9.49
CA HIS B 291 10.07 -14.40 -10.94
C HIS B 291 9.79 -12.97 -11.33
N ASN B 292 10.15 -12.62 -12.57
CA ASN B 292 9.99 -11.26 -13.07
C ASN B 292 9.46 -11.25 -14.49
N ILE B 293 8.49 -12.11 -14.79
CA ILE B 293 7.97 -12.22 -16.15
C ILE B 293 6.79 -11.28 -16.35
N HIS B 294 5.72 -11.47 -15.58
CA HIS B 294 4.53 -10.64 -15.73
C HIS B 294 3.77 -10.62 -14.42
N PRO B 295 3.22 -9.48 -14.01
CA PRO B 295 2.45 -9.44 -12.76
C PRO B 295 1.20 -10.33 -12.77
N LEU B 296 0.55 -10.49 -13.93
CA LEU B 296 -0.67 -11.28 -14.01
C LEU B 296 -0.32 -12.75 -14.20
N THR B 297 -0.95 -13.61 -13.40
CA THR B 297 -0.60 -15.01 -13.32
C THR B 297 -1.82 -15.83 -12.93
N ILE B 298 -1.98 -16.99 -13.57
CA ILE B 298 -3.02 -17.94 -13.24
C ILE B 298 -2.36 -19.28 -12.92
N GLY B 299 -2.72 -19.85 -11.77
CA GLY B 299 -2.12 -21.07 -11.29
C GLY B 299 -1.40 -20.87 -9.97
N GLU B 300 -0.40 -21.72 -9.72
CA GLU B 300 0.49 -21.56 -8.57
C GLU B 300 1.92 -21.52 -9.05
N CYS B 301 2.63 -20.45 -8.70
CA CYS B 301 4.02 -20.23 -9.11
C CYS B 301 4.56 -19.03 -8.32
N PRO B 302 5.88 -18.73 -8.39
CA PRO B 302 6.45 -17.75 -7.45
C PRO B 302 5.91 -16.34 -7.57
N LYS B 303 6.37 -15.47 -6.67
CA LYS B 303 5.93 -14.09 -6.62
C LYS B 303 6.68 -13.24 -7.64
N TYR B 304 6.18 -12.02 -7.84
CA TYR B 304 6.66 -11.13 -8.89
C TYR B 304 7.40 -9.95 -8.27
N VAL B 305 8.58 -9.64 -8.81
CA VAL B 305 9.38 -8.49 -8.38
C VAL B 305 10.04 -7.89 -9.60
N LYS B 306 10.12 -6.56 -9.64
CA LYS B 306 10.81 -5.86 -10.74
C LYS B 306 12.29 -5.75 -10.42
N SER B 307 12.99 -6.87 -10.59
CA SER B 307 14.43 -6.93 -10.38
C SER B 307 15.07 -7.73 -11.50
N GLU B 308 16.33 -7.43 -11.75
CA GLU B 308 17.10 -8.15 -12.77
C GLU B 308 18.00 -9.23 -12.19
N LYS B 309 18.41 -9.10 -10.93
CA LYS B 309 19.24 -10.11 -10.30
C LYS B 309 19.04 -10.08 -8.79
N LEU B 310 18.78 -11.26 -8.21
CA LEU B 310 18.63 -11.45 -6.77
C LEU B 310 19.44 -12.68 -6.39
N VAL B 311 20.69 -12.48 -5.99
CA VAL B 311 21.61 -13.56 -5.64
C VAL B 311 22.00 -13.41 -4.18
N LEU B 312 21.94 -14.51 -3.44
CA LEU B 312 22.30 -14.53 -2.03
C LEU B 312 23.67 -15.17 -1.85
N ALA B 313 24.57 -14.47 -1.17
CA ALA B 313 25.93 -14.97 -0.95
C ALA B 313 25.91 -15.97 0.18
N THR B 314 26.21 -17.24 -0.14
CA THR B 314 26.26 -18.30 0.85
C THR B 314 27.68 -18.62 1.30
N GLY B 315 28.63 -18.60 0.40
CA GLY B 315 30.00 -18.98 0.69
C GLY B 315 30.88 -17.81 1.10
N LEU B 316 32.18 -17.97 0.88
CA LEU B 316 33.20 -17.04 1.32
C LEU B 316 33.70 -16.21 0.15
N ARG B 317 34.44 -15.15 0.49
CA ARG B 317 35.07 -14.33 -0.53
C ARG B 317 36.15 -15.13 -1.25
N ASN B 318 36.22 -14.96 -2.56
CA ASN B 318 37.17 -15.70 -3.40
C ASN B 318 38.37 -14.82 -3.72
N VAL B 319 39.35 -14.84 -2.83
CA VAL B 319 40.64 -14.24 -3.09
C VAL B 319 41.72 -15.31 -2.91
N PRO B 320 42.38 -15.73 -3.99
CA PRO B 320 43.37 -16.80 -3.87
C PRO B 320 44.65 -16.34 -3.19
N GLN B 321 45.65 -17.22 -3.14
CA GLN B 321 46.91 -16.94 -2.48
C GLN B 321 47.91 -16.22 -3.39
N ILE B 322 47.46 -15.77 -4.57
CA ILE B 322 48.30 -15.07 -5.53
C ILE B 322 49.50 -15.94 -5.88
N GLU B 323 49.26 -17.03 -6.59
CA GLU B 323 50.31 -17.96 -7.03
C GLU B 323 51.13 -18.49 -5.85
N LEU B 327 59.43 -20.38 -2.89
CA LEU B 327 59.27 -21.74 -3.40
C LEU B 327 59.03 -22.71 -2.25
N PHE B 328 59.88 -22.64 -1.23
CA PHE B 328 59.78 -23.51 -0.07
C PHE B 328 59.24 -22.74 1.13
N GLY B 329 58.55 -23.46 2.01
CA GLY B 329 57.97 -22.84 3.19
C GLY B 329 56.91 -21.81 2.89
N ALA B 330 56.05 -22.09 1.91
CA ALA B 330 54.98 -21.18 1.51
C ALA B 330 53.62 -21.66 2.01
N ILE B 331 53.59 -22.23 3.22
CA ILE B 331 52.33 -22.73 3.78
C ILE B 331 51.36 -21.59 4.03
N ALA B 332 51.88 -20.39 4.34
CA ALA B 332 51.09 -19.17 4.42
C ALA B 332 49.98 -19.25 5.47
N GLY B 333 48.94 -18.44 5.30
CA GLY B 333 47.85 -18.40 6.24
C GLY B 333 46.70 -17.59 5.71
N PHE B 334 45.75 -17.30 6.59
CA PHE B 334 44.56 -16.56 6.19
C PHE B 334 44.78 -15.06 6.11
N ILE B 335 45.96 -14.57 6.52
CA ILE B 335 46.23 -13.14 6.44
C ILE B 335 46.33 -12.69 4.98
N GLU B 336 46.98 -13.49 4.14
CA GLU B 336 47.22 -13.09 2.76
C GLU B 336 46.23 -13.69 1.77
N GLY B 337 45.48 -14.72 2.14
CA GLY B 337 44.49 -15.27 1.24
C GLY B 337 44.05 -16.65 1.68
N GLY B 338 43.14 -17.21 0.88
CA GLY B 338 42.61 -18.53 1.14
C GLY B 338 43.47 -19.65 0.56
N TRP B 339 43.06 -20.88 0.86
CA TRP B 339 43.76 -22.07 0.42
C TRP B 339 42.96 -22.75 -0.69
N GLN B 340 43.64 -23.02 -1.80
CA GLN B 340 43.00 -23.70 -2.92
C GLN B 340 43.01 -25.21 -2.80
N GLY B 341 43.76 -25.76 -1.85
CA GLY B 341 43.93 -27.20 -1.78
C GLY B 341 43.24 -27.89 -0.63
N MET B 342 42.25 -27.24 -0.03
CA MET B 342 41.52 -27.88 1.07
C MET B 342 40.44 -28.82 0.56
N VAL B 343 39.47 -28.27 -0.16
CA VAL B 343 38.35 -29.01 -0.80
C VAL B 343 37.72 -30.01 0.16
N ASP B 344 37.83 -29.75 1.46
CA ASP B 344 37.28 -30.67 2.46
C ASP B 344 36.21 -29.99 3.29
N GLY B 345 36.43 -28.73 3.64
CA GLY B 345 35.48 -27.96 4.43
C GLY B 345 35.59 -26.49 4.12
N TRP B 346 35.28 -25.66 5.11
CA TRP B 346 35.33 -24.20 4.97
C TRP B 346 36.52 -23.58 5.68
N TYR B 347 36.68 -23.85 6.96
CA TYR B 347 37.79 -23.34 7.75
C TYR B 347 38.71 -24.49 8.12
N GLY B 348 40.01 -24.30 7.92
CA GLY B 348 40.97 -25.40 7.97
C GLY B 348 42.08 -25.20 8.98
N TYR B 349 42.90 -26.25 9.09
CA TYR B 349 43.96 -26.36 10.10
C TYR B 349 45.24 -26.91 9.50
N HIS B 350 45.68 -26.32 8.38
CA HIS B 350 46.88 -26.82 7.71
C HIS B 350 48.06 -26.88 8.67
N HIS B 351 48.80 -27.98 8.62
CA HIS B 351 49.82 -28.29 9.61
C HIS B 351 51.05 -28.86 8.92
N SER B 352 52.17 -28.82 9.64
CA SER B 352 53.42 -29.39 9.15
C SER B 352 54.18 -29.94 10.37
N ASN B 353 53.99 -31.24 10.63
CA ASN B 353 54.66 -31.91 11.73
C ASN B 353 56.00 -32.43 11.23
N ASP B 354 56.89 -32.78 12.17
CA ASP B 354 58.23 -33.24 11.81
C ASP B 354 58.21 -34.47 10.92
N GLN B 355 57.12 -35.25 10.94
CA GLN B 355 57.02 -36.43 10.10
C GLN B 355 55.99 -36.32 8.98
N GLY B 356 54.91 -35.55 9.18
CA GLY B 356 53.85 -35.48 8.20
C GLY B 356 53.31 -34.07 8.06
N SER B 357 52.53 -33.88 6.99
CA SER B 357 51.89 -32.61 6.71
C SER B 357 50.57 -32.89 5.99
N GLY B 358 49.67 -31.92 6.05
CA GLY B 358 48.37 -32.12 5.45
C GLY B 358 47.54 -30.85 5.44
N TYR B 359 46.26 -31.01 5.11
CA TYR B 359 45.31 -29.93 4.96
C TYR B 359 44.01 -30.27 5.70
N ALA B 360 44.13 -30.69 6.95
CA ALA B 360 42.96 -31.07 7.72
C ALA B 360 42.00 -29.89 7.90
N ALA B 361 40.71 -30.19 7.88
CA ALA B 361 39.67 -29.17 7.94
C ALA B 361 38.85 -29.33 9.21
N ASP B 362 38.47 -28.21 9.80
CA ASP B 362 37.68 -28.22 11.02
C ASP B 362 36.25 -28.67 10.74
N LYS B 363 35.60 -29.20 11.77
CA LYS B 363 34.25 -29.75 11.64
C LYS B 363 33.21 -29.05 12.49
N GLU B 364 33.57 -28.63 13.71
CA GLU B 364 32.59 -28.02 14.59
C GLU B 364 32.18 -26.64 14.10
N SER B 365 33.15 -25.80 13.73
CA SER B 365 32.84 -24.45 13.28
C SER B 365 32.11 -24.46 11.95
N THR B 366 32.52 -25.34 11.03
CA THR B 366 31.87 -25.41 9.72
C THR B 366 30.41 -25.80 9.85
N GLN B 367 30.10 -26.75 10.73
CA GLN B 367 28.72 -27.16 10.93
C GLN B 367 27.87 -26.01 11.46
N LYS B 368 28.39 -25.26 12.43
CA LYS B 368 27.66 -24.12 12.96
C LYS B 368 27.42 -23.07 11.89
N ALA B 369 28.45 -22.76 11.09
CA ALA B 369 28.29 -21.78 10.03
C ALA B 369 27.27 -22.23 9.00
N ILE B 370 27.30 -23.51 8.62
CA ILE B 370 26.36 -24.03 7.64
C ILE B 370 24.94 -23.99 8.18
N ASP B 371 24.75 -24.36 9.45
CA ASP B 371 23.42 -24.28 10.04
C ASP B 371 22.91 -22.86 10.07
N GLY B 372 23.79 -21.90 10.43
CA GLY B 372 23.37 -20.51 10.45
C GLY B 372 22.98 -20.00 9.08
N ILE B 373 23.79 -20.33 8.06
CA ILE B 373 23.51 -19.84 6.71
C ILE B 373 22.21 -20.46 6.18
N THR B 374 22.00 -21.76 6.43
CA THR B 374 20.78 -22.40 5.99
C THR B 374 19.56 -21.80 6.68
N ASN B 375 19.67 -21.53 7.99
CA ASN B 375 18.58 -20.87 8.70
C ASN B 375 18.31 -19.49 8.11
N LYS B 376 19.36 -18.75 7.77
CA LYS B 376 19.18 -17.43 7.18
C LYS B 376 18.46 -17.51 5.84
N VAL B 377 18.86 -18.45 5.00
CA VAL B 377 18.21 -18.60 3.69
C VAL B 377 16.75 -18.97 3.86
N ASN B 378 16.46 -19.93 4.75
CA ASN B 378 15.09 -20.34 4.99
C ASN B 378 14.25 -19.19 5.53
N SER B 379 14.82 -18.40 6.45
CA SER B 379 14.09 -17.26 7.00
C SER B 379 13.81 -16.21 5.92
N VAL B 380 14.79 -15.95 5.05
CA VAL B 380 14.59 -14.97 3.98
C VAL B 380 13.47 -15.43 3.05
N ILE B 381 13.48 -16.71 2.68
CA ILE B 381 12.42 -17.22 1.81
C ILE B 381 11.07 -17.17 2.51
N GLU B 382 11.03 -17.56 3.79
CA GLU B 382 9.78 -17.64 4.54
C GLU B 382 9.23 -16.27 4.90
N LYS B 383 10.04 -15.22 4.83
CA LYS B 383 9.52 -13.88 5.09
C LYS B 383 8.74 -13.30 3.92
N MET B 384 8.69 -13.98 2.77
CA MET B 384 8.14 -13.40 1.55
C MET B 384 7.15 -14.33 0.85
N ASN B 385 6.41 -15.15 1.60
CA ASN B 385 5.29 -15.89 1.01
C ASN B 385 3.95 -15.23 1.30
N THR B 386 3.96 -14.07 1.95
CA THR B 386 2.75 -13.31 2.23
C THR B 386 2.75 -12.01 1.43
N GLN B 387 3.17 -12.08 0.18
CA GLN B 387 3.34 -10.93 -0.68
C GLN B 387 1.97 -10.48 -1.22
N PHE B 388 2.00 -9.57 -2.19
CA PHE B 388 0.81 -9.04 -2.81
C PHE B 388 0.63 -9.67 -4.19
N GLU B 389 -0.58 -10.15 -4.48
CA GLU B 389 -0.91 -10.74 -5.76
C GLU B 389 -1.89 -9.84 -6.51
N ALA B 390 -1.64 -9.64 -7.79
CA ALA B 390 -2.47 -8.78 -8.61
C ALA B 390 -3.59 -9.60 -9.27
N VAL B 391 -4.78 -9.01 -9.33
CA VAL B 391 -5.95 -9.63 -9.93
C VAL B 391 -6.45 -8.71 -11.04
N GLY B 392 -6.69 -9.28 -12.22
CA GLY B 392 -7.14 -8.48 -13.34
C GLY B 392 -8.55 -7.96 -13.17
N LYS B 393 -8.77 -6.76 -13.69
CA LYS B 393 -10.09 -6.12 -13.62
C LYS B 393 -10.27 -5.26 -14.86
N GLU B 394 -11.53 -5.04 -15.23
CA GLU B 394 -11.88 -4.24 -16.39
C GLU B 394 -12.76 -3.08 -15.97
N PHE B 395 -12.59 -1.94 -16.65
CA PHE B 395 -13.31 -0.73 -16.34
C PHE B 395 -13.83 -0.08 -17.62
N SER B 396 -14.92 0.67 -17.48
CA SER B 396 -15.58 1.28 -18.63
C SER B 396 -14.94 2.62 -18.96
N ASN B 397 -15.48 3.29 -19.98
CA ASN B 397 -14.92 4.56 -20.44
C ASN B 397 -15.15 5.69 -19.45
N LEU B 398 -16.15 5.57 -18.58
CA LEU B 398 -16.45 6.60 -17.60
C LEU B 398 -16.08 6.18 -16.18
N GLU B 399 -15.10 5.29 -16.06
CA GLU B 399 -14.58 4.83 -14.77
C GLU B 399 -13.06 4.99 -14.72
N LYS B 400 -12.59 6.16 -15.14
CA LYS B 400 -11.15 6.39 -15.21
C LYS B 400 -10.53 6.63 -13.83
N ARG B 401 -11.26 7.27 -12.92
CA ARG B 401 -10.75 7.46 -11.57
C ARG B 401 -10.52 6.12 -10.88
N LEU B 402 -11.49 5.21 -10.99
CA LEU B 402 -11.35 3.90 -10.36
C LEU B 402 -10.21 3.10 -10.98
N GLU B 403 -10.07 3.14 -12.30
CA GLU B 403 -8.99 2.44 -12.97
C GLU B 403 -7.63 2.98 -12.55
N ASN B 404 -7.51 4.31 -12.46
CA ASN B 404 -6.27 4.92 -12.00
C ASN B 404 -5.96 4.52 -10.57
N LEU B 405 -6.98 4.48 -9.70
CA LEU B 405 -6.78 4.05 -8.32
C LEU B 405 -6.26 2.63 -8.26
N ASN B 406 -6.88 1.71 -9.02
CA ASN B 406 -6.44 0.32 -9.02
C ASN B 406 -5.01 0.18 -9.52
N LYS B 407 -4.68 0.88 -10.61
CA LYS B 407 -3.33 0.80 -11.16
C LYS B 407 -2.30 1.33 -10.18
N LYS B 408 -2.60 2.47 -9.54
CA LYS B 408 -1.68 3.04 -8.56
C LYS B 408 -1.48 2.10 -7.38
N MET B 409 -2.56 1.49 -6.90
CA MET B 409 -2.44 0.56 -5.77
C MET B 409 -1.55 -0.64 -6.13
N GLU B 410 -1.79 -1.24 -7.30
CA GLU B 410 -0.99 -2.39 -7.71
C GLU B 410 0.49 -2.01 -7.85
N ASP B 411 0.76 -0.89 -8.52
CA ASP B 411 2.14 -0.48 -8.73
C ASP B 411 2.82 -0.16 -7.41
N GLY B 412 2.12 0.50 -6.48
CA GLY B 412 2.72 0.84 -5.21
C GLY B 412 3.09 -0.39 -4.40
N PHE B 413 2.17 -1.36 -4.32
CA PHE B 413 2.48 -2.56 -3.56
C PHE B 413 3.64 -3.33 -4.19
N LEU B 414 3.66 -3.40 -5.52
CA LEU B 414 4.75 -4.10 -6.19
C LEU B 414 6.10 -3.42 -5.91
N ASP B 415 6.13 -2.08 -5.97
CA ASP B 415 7.37 -1.37 -5.68
C ASP B 415 7.82 -1.58 -4.24
N VAL B 416 6.88 -1.56 -3.30
CA VAL B 416 7.23 -1.77 -1.89
C VAL B 416 7.87 -3.14 -1.70
N TRP B 417 7.26 -4.18 -2.27
CA TRP B 417 7.80 -5.52 -2.06
C TRP B 417 9.14 -5.71 -2.77
N THR B 418 9.30 -5.10 -3.95
CA THR B 418 10.59 -5.18 -4.63
C THR B 418 11.69 -4.53 -3.78
N TYR B 419 11.41 -3.35 -3.23
CA TYR B 419 12.39 -2.67 -2.38
C TYR B 419 12.73 -3.52 -1.17
N ASN B 420 11.73 -4.14 -0.54
CA ASN B 420 11.98 -5.00 0.61
C ASN B 420 12.93 -6.14 0.23
N ALA B 421 12.66 -6.81 -0.89
CA ALA B 421 13.48 -7.95 -1.27
C ALA B 421 14.93 -7.53 -1.54
N GLU B 422 15.11 -6.44 -2.29
CA GLU B 422 16.48 -6.02 -2.62
C GLU B 422 17.25 -5.62 -1.36
N LEU B 423 16.62 -4.85 -0.47
CA LEU B 423 17.32 -4.43 0.74
C LEU B 423 17.68 -5.62 1.61
N LEU B 424 16.75 -6.58 1.75
CA LEU B 424 17.04 -7.77 2.55
C LEU B 424 18.23 -8.53 1.99
N VAL B 425 18.26 -8.73 0.66
CA VAL B 425 19.37 -9.48 0.07
C VAL B 425 20.70 -8.77 0.30
N LEU B 426 20.73 -7.45 0.09
CA LEU B 426 21.99 -6.71 0.25
C LEU B 426 22.50 -6.79 1.69
N MET B 427 21.62 -6.51 2.65
CA MET B 427 22.06 -6.53 4.05
C MET B 427 22.50 -7.93 4.47
N GLU B 428 21.78 -8.97 4.02
CA GLU B 428 22.16 -10.32 4.38
C GLU B 428 23.53 -10.69 3.80
N ASN B 429 23.82 -10.23 2.58
CA ASN B 429 25.14 -10.50 1.99
C ASN B 429 26.24 -9.85 2.82
N GLU B 430 26.04 -8.59 3.22
CA GLU B 430 27.03 -7.93 4.06
C GLU B 430 27.26 -8.70 5.36
N ARG B 431 26.18 -9.08 6.03
CA ARG B 431 26.33 -9.79 7.30
C ARG B 431 26.97 -11.16 7.10
N THR B 432 26.72 -11.82 5.97
CA THR B 432 27.33 -13.13 5.72
C THR B 432 28.84 -13.02 5.57
N LEU B 433 29.30 -12.04 4.78
CA LEU B 433 30.75 -11.86 4.62
C LEU B 433 31.40 -11.50 5.95
N ASP B 434 30.78 -10.60 6.72
CA ASP B 434 31.32 -10.25 8.03
C ASP B 434 31.34 -11.47 8.95
N PHE B 435 30.31 -12.32 8.86
CA PHE B 435 30.24 -13.52 9.68
C PHE B 435 31.40 -14.45 9.38
N HIS B 436 31.70 -14.67 8.10
CA HIS B 436 32.81 -15.56 7.75
C HIS B 436 34.14 -15.01 8.26
N ASP B 437 34.38 -13.71 8.08
CA ASP B 437 35.62 -13.12 8.57
C ASP B 437 35.73 -13.27 10.09
N SER B 438 34.62 -13.00 10.79
CA SER B 438 34.63 -13.10 12.25
C SER B 438 34.88 -14.53 12.71
N ASN B 439 34.31 -15.52 12.01
CA ASN B 439 34.51 -16.90 12.40
C ASN B 439 35.97 -17.31 12.25
N VAL B 440 36.61 -16.92 11.14
CA VAL B 440 38.03 -17.25 10.97
C VAL B 440 38.86 -16.58 12.07
N LYS B 441 38.57 -15.31 12.35
CA LYS B 441 39.33 -14.61 13.39
C LYS B 441 39.12 -15.25 14.76
N ASN B 442 37.89 -15.70 15.05
CA ASN B 442 37.61 -16.35 16.33
C ASN B 442 38.38 -17.65 16.45
N LEU B 443 38.44 -18.44 15.38
CA LEU B 443 39.23 -19.66 15.40
C LEU B 443 40.69 -19.35 15.72
N TYR B 444 41.26 -18.36 15.03
CA TYR B 444 42.66 -18.01 15.26
C TYR B 444 42.89 -17.55 16.69
N ASP B 445 41.99 -16.71 17.21
CA ASP B 445 42.15 -16.22 18.59
C ASP B 445 42.02 -17.35 19.60
N LYS B 446 41.12 -18.29 19.37
CA LYS B 446 40.97 -19.41 20.30
C LYS B 446 42.24 -20.27 20.32
N VAL B 447 42.82 -20.54 19.15
CA VAL B 447 44.06 -21.31 19.14
C VAL B 447 45.19 -20.54 19.83
N ARG B 448 45.27 -19.22 19.59
CA ARG B 448 46.30 -18.43 20.25
C ARG B 448 46.14 -18.46 21.77
N MET B 449 44.90 -18.34 22.25
CA MET B 449 44.65 -18.39 23.69
C MET B 449 45.04 -19.74 24.27
N GLN B 450 44.69 -20.82 23.57
CA GLN B 450 45.02 -22.15 24.07
C GLN B 450 46.53 -22.38 24.10
N LEU B 451 47.24 -21.93 23.07
CA LEU B 451 48.68 -22.22 22.99
C LEU B 451 49.47 -21.44 24.04
N ARG B 452 48.96 -20.29 24.47
CA ARG B 452 49.55 -19.48 25.55
C ARG B 452 50.96 -19.08 25.15
N ASP B 453 51.99 -19.39 25.95
CA ASP B 453 53.32 -18.85 25.76
C ASP B 453 54.15 -19.71 24.82
N ASN B 454 53.99 -21.04 24.88
CA ASN B 454 54.84 -21.96 24.11
C ASN B 454 54.48 -21.92 22.63
N ALA B 455 54.60 -20.73 22.05
CA ALA B 455 54.32 -20.51 20.64
C ALA B 455 54.98 -19.21 20.21
N LYS B 456 55.49 -19.19 18.99
CA LYS B 456 56.09 -18.00 18.40
C LYS B 456 55.21 -17.57 17.23
N GLU B 457 54.28 -16.64 17.51
CA GLU B 457 53.39 -16.14 16.48
C GLU B 457 54.21 -15.44 15.42
N LEU B 458 53.93 -15.74 14.15
CA LEU B 458 54.76 -15.28 13.04
C LEU B 458 54.18 -14.10 12.28
N GLY B 459 52.87 -13.91 12.31
CA GLY B 459 52.22 -12.82 11.64
C GLY B 459 51.62 -13.17 10.29
N ASN B 460 52.06 -14.27 9.68
CA ASN B 460 51.42 -14.75 8.46
C ASN B 460 50.05 -15.35 8.72
N GLY B 461 49.71 -15.60 9.98
CA GLY B 461 48.48 -16.27 10.35
C GLY B 461 48.67 -17.51 11.19
N CYS B 462 49.89 -17.89 11.53
CA CYS B 462 50.13 -19.09 12.31
C CYS B 462 51.44 -18.99 13.08
N PHE B 463 51.60 -19.90 14.04
CA PHE B 463 52.65 -19.82 15.04
C PHE B 463 53.48 -21.10 15.04
N GLU B 464 54.78 -20.95 15.23
CA GLU B 464 55.70 -22.09 15.35
C GLU B 464 55.83 -22.47 16.82
N PHE B 465 55.70 -23.76 17.11
CA PHE B 465 55.75 -24.24 18.48
C PHE B 465 57.16 -24.15 19.05
N TYR B 466 57.25 -24.00 20.36
CA TYR B 466 58.51 -24.00 21.07
C TYR B 466 58.92 -25.40 21.53
N HIS B 467 58.10 -26.40 21.26
CA HIS B 467 58.40 -27.80 21.58
C HIS B 467 58.09 -28.65 20.36
N LYS B 468 58.88 -29.72 20.19
CA LYS B 468 58.68 -30.65 19.08
C LYS B 468 57.63 -31.67 19.50
N CYS B 469 56.38 -31.22 19.53
CA CYS B 469 55.27 -32.06 19.94
C CYS B 469 54.71 -32.82 18.76
N ASP B 470 54.40 -34.09 18.98
CA ASP B 470 54.05 -35.02 17.91
C ASP B 470 52.60 -34.82 17.49
N ASP B 471 52.07 -35.77 16.72
CA ASP B 471 50.71 -35.65 16.20
C ASP B 471 49.69 -35.52 17.32
N GLU B 472 49.70 -36.46 18.27
CA GLU B 472 48.66 -36.51 19.30
C GLU B 472 48.48 -35.17 19.99
N CYS B 473 49.60 -34.51 20.30
CA CYS B 473 49.56 -33.12 20.76
C CYS B 473 48.76 -32.24 19.82
N MET B 474 48.91 -32.44 18.51
CA MET B 474 48.31 -31.51 17.56
C MET B 474 46.82 -31.79 17.37
N ASN B 475 46.41 -33.07 17.36
CA ASN B 475 44.98 -33.35 17.43
C ASN B 475 44.38 -32.89 18.75
N SER B 476 45.17 -32.87 19.82
CA SER B 476 44.68 -32.28 21.07
C SER B 476 44.46 -30.78 20.92
N VAL B 477 45.37 -30.10 20.23
CA VAL B 477 45.21 -28.66 19.99
C VAL B 477 43.95 -28.40 19.16
N LYS B 478 43.76 -29.19 18.11
CA LYS B 478 42.58 -29.02 17.27
C LYS B 478 41.29 -29.34 18.04
N ASN B 479 41.34 -30.38 18.88
CA ASN B 479 40.16 -30.80 19.65
C ASN B 479 39.86 -29.87 20.82
N GLY B 480 40.84 -29.10 21.28
CA GLY B 480 40.63 -28.23 22.42
C GLY B 480 41.10 -28.77 23.75
N THR B 481 41.84 -29.89 23.77
CA THR B 481 42.31 -30.50 25.00
C THR B 481 43.81 -30.35 25.18
N TYR B 482 44.36 -29.21 24.75
CA TYR B 482 45.79 -28.95 24.91
C TYR B 482 46.11 -28.73 26.39
N ASP B 483 47.07 -29.49 26.91
CA ASP B 483 47.46 -29.42 28.31
C ASP B 483 48.70 -28.55 28.44
N TYR B 484 48.55 -27.38 29.03
CA TYR B 484 49.67 -26.46 29.19
C TYR B 484 50.78 -27.03 30.07
N PRO B 485 50.52 -27.51 31.30
CA PRO B 485 51.64 -27.91 32.17
C PRO B 485 52.24 -29.26 31.83
N LYS B 486 51.64 -30.02 30.91
CA LYS B 486 52.17 -31.34 30.58
C LYS B 486 53.56 -31.25 29.99
N TYR B 487 53.78 -30.29 29.09
CA TYR B 487 55.05 -30.17 28.39
C TYR B 487 55.48 -28.72 28.31
N GLU B 488 55.36 -27.98 29.42
CA GLU B 488 55.75 -26.58 29.44
C GLU B 488 57.20 -26.38 29.88
N GLU B 489 57.76 -27.30 30.67
CA GLU B 489 59.15 -27.15 31.11
C GLU B 489 60.11 -27.23 29.93
N GLU B 490 59.89 -28.18 29.02
CA GLU B 490 60.74 -28.27 27.84
C GLU B 490 60.57 -27.07 26.93
N SER B 491 59.35 -26.55 26.82
CA SER B 491 59.13 -25.35 26.01
C SER B 491 59.89 -24.16 26.60
N LYS B 492 59.85 -23.99 27.92
CA LYS B 492 60.60 -22.92 28.56
C LYS B 492 62.10 -23.10 28.36
N LEU B 493 62.58 -24.35 28.48
CA LEU B 493 64.00 -24.60 28.26
C LEU B 493 64.42 -24.26 26.84
N ASN B 494 63.60 -24.65 25.86
CA ASN B 494 63.91 -24.34 24.47
C ASN B 494 63.89 -22.84 24.21
N ARG B 495 62.92 -22.12 24.80
CA ARG B 495 62.86 -20.69 24.61
C ARG B 495 64.03 -19.97 25.28
N ASN B 496 64.52 -20.49 26.40
CA ASN B 496 65.63 -19.86 27.11
C ASN B 496 66.91 -19.87 26.30
N GLU B 497 67.05 -20.76 25.32
CA GLU B 497 68.24 -20.83 24.50
C GLU B 497 68.33 -19.62 23.56
N ASP C 1 46.79 -13.68 42.73
CA ASP C 1 45.79 -12.62 42.65
C ASP C 1 45.11 -12.62 41.28
N GLN C 2 43.80 -12.78 41.26
CA GLN C 2 43.04 -12.92 40.03
C GLN C 2 41.85 -11.97 40.01
N ILE C 3 41.61 -11.36 38.86
CA ILE C 3 40.40 -10.59 38.60
C ILE C 3 39.79 -11.10 37.29
N CYS C 4 38.57 -11.62 37.36
CA CYS C 4 37.94 -12.26 36.22
C CYS C 4 36.77 -11.44 35.70
N ILE C 5 36.68 -11.35 34.37
CA ILE C 5 35.62 -10.63 33.69
C ILE C 5 34.59 -11.64 33.21
N GLY C 6 33.33 -11.39 33.54
CA GLY C 6 32.26 -12.30 33.16
C GLY C 6 30.93 -11.61 33.01
N TYR C 7 29.84 -12.38 32.94
CA TYR C 7 28.52 -11.82 32.75
C TYR C 7 27.51 -12.56 33.62
N HIS C 8 26.35 -11.94 33.78
CA HIS C 8 25.32 -12.39 34.71
C HIS C 8 24.47 -13.50 34.11
N SER C 9 24.01 -14.40 34.97
CA SER C 9 23.12 -15.48 34.58
C SER C 9 22.07 -15.69 35.65
N ASN C 10 20.93 -16.24 35.25
CA ASN C 10 19.83 -16.51 36.18
C ASN C 10 19.07 -17.73 35.67
N ASN C 11 17.86 -17.93 36.18
CA ASN C 11 17.08 -19.14 35.93
C ASN C 11 15.84 -18.87 35.07
N SER C 12 15.84 -17.80 34.29
CA SER C 12 14.70 -17.51 33.42
C SER C 12 14.63 -18.51 32.27
N THR C 13 13.41 -18.69 31.76
CA THR C 13 13.14 -19.61 30.66
C THR C 13 12.40 -18.90 29.53
N GLU C 14 12.83 -17.69 29.20
CA GLU C 14 12.24 -16.91 28.12
C GLU C 14 13.05 -17.08 26.84
N LYS C 15 12.35 -17.31 25.74
CA LYS C 15 12.99 -17.65 24.46
C LYS C 15 12.63 -16.61 23.40
N VAL C 16 13.64 -16.22 22.62
CA VAL C 16 13.48 -15.26 21.55
C VAL C 16 14.01 -15.89 20.26
N ASP C 17 13.74 -15.21 19.14
CA ASP C 17 14.13 -15.69 17.82
C ASP C 17 15.12 -14.72 17.18
N THR C 18 15.88 -15.24 16.22
CA THR C 18 16.90 -14.48 15.52
C THR C 18 16.96 -14.97 14.08
N ILE C 19 17.65 -14.21 13.23
CA ILE C 19 17.80 -14.61 11.83
C ILE C 19 18.61 -15.90 11.74
N LEU C 20 19.72 -15.98 12.48
CA LEU C 20 20.61 -17.13 12.40
C LEU C 20 20.21 -18.27 13.32
N GLU C 21 19.58 -17.97 14.46
CA GLU C 21 19.23 -18.98 15.45
C GLU C 21 17.76 -18.87 15.81
N ARG C 22 17.22 -19.97 16.33
CA ARG C 22 15.83 -20.02 16.77
C ARG C 22 15.75 -20.63 18.15
N ASN C 23 14.81 -20.13 18.96
CA ASN C 23 14.55 -20.62 20.31
C ASN C 23 15.80 -20.52 21.19
N VAL C 24 16.20 -19.27 21.42
CA VAL C 24 17.38 -18.94 22.22
C VAL C 24 16.90 -18.44 23.58
N THR C 25 17.41 -19.06 24.65
CA THR C 25 17.05 -18.67 26.01
C THR C 25 17.82 -17.41 26.40
N VAL C 26 17.11 -16.45 26.99
CA VAL C 26 17.70 -15.17 27.38
C VAL C 26 17.37 -14.89 28.84
N THR C 27 18.18 -14.01 29.44
CA THR C 27 17.98 -13.66 30.84
C THR C 27 16.72 -12.83 31.04
N HIS C 28 16.54 -11.80 30.20
CA HIS C 28 15.36 -10.95 30.27
C HIS C 28 14.78 -10.77 28.88
N ALA C 29 13.46 -10.57 28.83
CA ALA C 29 12.77 -10.36 27.56
C ALA C 29 11.49 -9.58 27.83
N GLN C 30 10.98 -8.96 26.77
CA GLN C 30 9.76 -8.16 26.85
C GLN C 30 8.79 -8.63 25.78
N ASP C 31 7.52 -8.74 26.16
CA ASP C 31 6.46 -9.16 25.25
C ASP C 31 5.72 -7.93 24.73
N LEU C 32 5.52 -7.88 23.42
CA LEU C 32 4.89 -6.73 22.78
C LEU C 32 3.50 -7.02 22.24
N LEU C 33 2.99 -8.24 22.41
CA LEU C 33 1.75 -8.66 21.76
C LEU C 33 0.77 -9.20 22.80
N GLU C 34 -0.48 -8.76 22.73
CA GLU C 34 -1.55 -9.32 23.53
C GLU C 34 -2.41 -10.26 22.69
N LYS C 35 -2.77 -11.41 23.26
CA LYS C 35 -3.52 -12.43 22.55
C LYS C 35 -4.75 -12.89 23.32
N THR C 36 -5.29 -12.05 24.21
CA THR C 36 -6.42 -12.44 25.05
C THR C 36 -7.48 -11.35 25.06
N HIS C 37 -8.72 -11.77 25.34
CA HIS C 37 -9.85 -10.86 25.45
C HIS C 37 -10.90 -11.51 26.35
N ASN C 38 -11.84 -10.70 26.82
CA ASN C 38 -12.87 -11.18 27.73
C ASN C 38 -14.08 -11.77 27.02
N GLY C 39 -14.15 -11.66 25.70
CA GLY C 39 -15.27 -12.24 24.97
C GLY C 39 -16.61 -11.64 25.33
N LYS C 40 -16.68 -10.32 25.47
CA LYS C 40 -17.89 -9.65 25.91
C LYS C 40 -18.03 -8.32 25.17
N LEU C 41 -19.27 -7.83 25.15
CA LEU C 41 -19.59 -6.51 24.59
C LEU C 41 -20.17 -5.66 25.71
N CYS C 42 -19.58 -4.49 25.94
CA CYS C 42 -20.10 -3.57 26.94
C CYS C 42 -19.66 -2.15 26.60
N LYS C 43 -19.89 -1.24 27.54
CA LYS C 43 -19.87 0.19 27.27
C LYS C 43 -18.47 0.69 26.94
N LEU C 44 -18.41 1.67 26.05
CA LEU C 44 -17.18 2.35 25.68
C LEU C 44 -17.14 3.68 26.43
N ASN C 45 -16.29 3.75 27.45
CA ASN C 45 -16.13 4.96 28.27
C ASN C 45 -17.44 5.36 28.95
N GLY C 46 -18.27 4.37 29.31
CA GLY C 46 -19.47 4.63 30.06
C GLY C 46 -20.72 4.90 29.25
N ILE C 47 -20.61 4.99 27.93
CA ILE C 47 -21.75 5.23 27.06
C ILE C 47 -22.15 3.91 26.42
N PRO C 48 -23.33 3.36 26.74
CA PRO C 48 -23.70 2.07 26.17
C PRO C 48 -23.97 2.18 24.69
N PRO C 49 -23.81 1.10 23.94
CA PRO C 49 -24.05 1.14 22.49
C PRO C 49 -25.53 1.06 22.17
N LEU C 50 -25.83 0.99 20.87
CA LEU C 50 -27.19 0.86 20.36
C LEU C 50 -27.36 -0.57 19.85
N GLU C 51 -28.19 -1.34 20.54
CA GLU C 51 -28.41 -2.75 20.21
C GLU C 51 -29.66 -2.87 19.37
N LEU C 52 -29.49 -3.18 18.08
CA LEU C 52 -30.62 -3.28 17.17
C LEU C 52 -31.39 -4.58 17.36
N GLY C 53 -30.69 -5.67 17.67
CA GLY C 53 -31.34 -6.96 17.85
C GLY C 53 -31.68 -7.63 16.54
N ASP C 54 -32.96 -7.93 16.33
CA ASP C 54 -33.43 -8.58 15.10
C ASP C 54 -33.86 -7.56 14.04
N CYS C 55 -33.33 -6.35 14.09
CA CYS C 55 -33.73 -5.28 13.18
C CYS C 55 -32.52 -4.78 12.41
N SER C 56 -32.80 -4.03 11.35
CA SER C 56 -31.78 -3.42 10.51
C SER C 56 -31.89 -1.90 10.61
N ILE C 57 -30.93 -1.21 10.00
CA ILE C 57 -30.93 0.24 10.03
C ILE C 57 -32.12 0.80 9.28
N ALA C 58 -32.47 0.20 8.13
CA ALA C 58 -33.65 0.63 7.39
C ALA C 58 -34.91 0.41 8.20
N GLY C 59 -35.03 -0.74 8.86
CA GLY C 59 -36.19 -0.99 9.69
C GLY C 59 -36.29 -0.07 10.89
N TRP C 60 -35.16 0.33 11.44
CA TRP C 60 -35.16 1.26 12.57
C TRP C 60 -35.55 2.66 12.12
N LEU C 61 -35.00 3.13 11.00
CA LEU C 61 -35.27 4.48 10.56
C LEU C 61 -36.66 4.63 9.95
N LEU C 62 -37.20 3.55 9.37
CA LEU C 62 -38.53 3.60 8.78
C LEU C 62 -39.64 3.35 9.78
N GLY C 63 -39.35 2.65 10.88
CA GLY C 63 -40.35 2.41 11.89
C GLY C 63 -41.06 1.07 11.76
N ASN C 64 -40.29 0.01 11.60
CA ASN C 64 -40.87 -1.33 11.52
C ASN C 64 -41.57 -1.66 12.84
N PRO C 65 -42.80 -2.16 12.81
CA PRO C 65 -43.53 -2.41 14.07
C PRO C 65 -42.86 -3.42 14.98
N GLU C 66 -42.01 -4.30 14.45
CA GLU C 66 -41.26 -5.20 15.31
C GLU C 66 -40.19 -4.47 16.10
N CYS C 67 -39.64 -3.40 15.55
CA CYS C 67 -38.64 -2.58 16.23
C CYS C 67 -39.27 -1.41 16.96
N ASP C 68 -40.24 -1.71 17.83
CA ASP C 68 -40.95 -0.66 18.56
C ASP C 68 -40.20 -0.17 19.78
N ARG C 69 -39.11 -0.84 20.17
CA ARG C 69 -38.31 -0.39 21.30
C ARG C 69 -37.29 0.68 20.92
N LEU C 70 -37.10 0.92 19.62
CA LEU C 70 -36.14 1.91 19.14
C LEU C 70 -36.80 3.20 18.69
N LEU C 71 -38.05 3.45 19.11
CA LEU C 71 -38.73 4.68 18.72
C LEU C 71 -38.02 5.90 19.28
N THR C 72 -37.58 5.82 20.53
CA THR C 72 -36.77 6.86 21.15
C THR C 72 -35.45 6.24 21.59
N VAL C 73 -34.34 6.83 21.15
CA VAL C 73 -33.03 6.22 21.37
C VAL C 73 -32.08 7.25 21.99
N PRO C 74 -31.40 6.91 23.09
CA PRO C 74 -30.42 7.84 23.67
C PRO C 74 -29.09 7.83 22.94
N GLU C 75 -28.10 8.52 23.51
CA GLU C 75 -26.77 8.57 22.93
C GLU C 75 -26.15 7.18 22.91
N TRP C 76 -25.21 6.99 21.97
CA TRP C 76 -24.57 5.69 21.81
C TRP C 76 -23.13 5.88 21.38
N SER C 77 -22.34 4.81 21.55
CA SER C 77 -20.95 4.76 21.15
C SER C 77 -20.74 4.01 19.83
N TYR C 78 -21.41 2.88 19.65
CA TYR C 78 -21.34 2.12 18.42
C TYR C 78 -22.66 1.39 18.23
N ILE C 79 -22.87 0.87 17.02
CA ILE C 79 -24.12 0.22 16.64
C ILE C 79 -23.83 -1.27 16.43
N MET C 80 -24.65 -2.11 17.06
CA MET C 80 -24.53 -3.56 16.93
C MET C 80 -25.60 -4.06 15.97
N GLU C 81 -25.17 -4.63 14.85
CA GLU C 81 -26.07 -5.11 13.82
C GLU C 81 -25.75 -6.56 13.49
N LYS C 82 -26.78 -7.37 13.32
CA LYS C 82 -26.60 -8.75 12.89
C LYS C 82 -26.26 -8.80 11.40
N GLU C 83 -25.61 -9.90 11.00
CA GLU C 83 -25.23 -10.06 9.60
C GLU C 83 -26.47 -10.13 8.72
N ASN C 84 -27.47 -10.91 9.12
CA ASN C 84 -28.70 -11.09 8.36
C ASN C 84 -29.88 -10.82 9.27
N PRO C 85 -30.23 -9.55 9.48
CA PRO C 85 -31.38 -9.24 10.33
C PRO C 85 -32.68 -9.73 9.72
N ARG C 86 -33.63 -10.06 10.59
CA ARG C 86 -34.91 -10.62 10.16
C ARG C 86 -35.94 -9.55 9.88
N ASN C 87 -35.99 -8.50 10.69
CA ASN C 87 -36.99 -7.44 10.56
C ASN C 87 -36.35 -6.24 9.86
N GLY C 88 -36.52 -6.17 8.55
CA GLY C 88 -36.05 -5.05 7.77
C GLY C 88 -37.20 -4.27 7.16
N LEU C 89 -37.39 -4.43 5.86
CA LEU C 89 -38.52 -3.83 5.16
C LEU C 89 -39.71 -4.78 5.25
N CYS C 90 -40.71 -4.41 6.06
CA CYS C 90 -41.91 -5.22 6.18
C CYS C 90 -42.59 -5.37 4.82
N TYR C 91 -42.85 -4.26 4.15
CA TYR C 91 -43.33 -4.29 2.78
C TYR C 91 -42.13 -4.41 1.84
N PRO C 92 -42.11 -5.39 0.93
CA PRO C 92 -40.92 -5.61 0.11
C PRO C 92 -40.61 -4.40 -0.77
N GLY C 93 -39.32 -4.20 -1.02
CA GLY C 93 -38.90 -3.08 -1.83
C GLY C 93 -37.40 -2.93 -1.85
N SER C 94 -36.94 -1.68 -1.95
CA SER C 94 -35.51 -1.40 -2.04
C SER C 94 -35.23 -0.04 -1.41
N PHE C 95 -33.96 0.16 -1.07
CA PHE C 95 -33.48 1.40 -0.47
C PHE C 95 -32.32 1.93 -1.31
N ASN C 96 -32.46 3.15 -1.81
CA ASN C 96 -31.44 3.72 -2.68
C ASN C 96 -30.31 4.33 -1.86
N ASP C 97 -29.07 4.05 -2.28
CA ASP C 97 -27.87 4.55 -1.61
C ASP C 97 -27.85 4.16 -0.13
N TYR C 98 -28.15 2.88 0.13
CA TYR C 98 -28.15 2.36 1.49
C TYR C 98 -26.76 2.39 2.10
N GLU C 99 -25.74 1.99 1.33
CA GLU C 99 -24.38 1.93 1.86
C GLU C 99 -23.86 3.33 2.17
N GLU C 100 -24.20 4.32 1.35
CA GLU C 100 -23.83 5.70 1.65
C GLU C 100 -24.47 6.17 2.95
N LEU C 101 -25.74 5.78 3.17
CA LEU C 101 -26.40 6.13 4.42
C LEU C 101 -25.70 5.50 5.61
N LYS C 102 -25.30 4.24 5.48
CA LYS C 102 -24.57 3.59 6.57
C LYS C 102 -23.22 4.26 6.82
N HIS C 103 -22.52 4.64 5.76
CA HIS C 103 -21.26 5.35 5.91
C HIS C 103 -21.45 6.68 6.63
N LEU C 104 -22.52 7.40 6.29
CA LEU C 104 -22.83 8.64 6.99
C LEU C 104 -23.16 8.39 8.45
N LEU C 105 -23.93 7.34 8.73
CA LEU C 105 -24.30 7.01 10.10
C LEU C 105 -23.10 6.57 10.93
N SER C 106 -22.04 6.09 10.29
CA SER C 106 -20.87 5.62 11.03
C SER C 106 -20.15 6.74 11.78
N SER C 107 -20.46 8.01 11.50
CA SER C 107 -19.86 9.14 12.20
C SER C 107 -20.91 10.00 12.89
N VAL C 108 -22.04 9.40 13.25
CA VAL C 108 -23.11 10.10 13.95
C VAL C 108 -23.37 9.39 15.27
N THR C 109 -23.48 10.18 16.34
CA THR C 109 -23.59 9.64 17.69
C THR C 109 -24.98 9.77 18.30
N HIS C 110 -25.73 10.82 17.99
CA HIS C 110 -27.07 10.99 18.55
C HIS C 110 -27.98 11.62 17.51
N PHE C 111 -29.24 11.19 17.52
CA PHE C 111 -30.28 11.72 16.65
C PHE C 111 -31.32 12.45 17.49
N GLU C 112 -32.26 13.10 16.79
CA GLU C 112 -33.36 13.80 17.45
C GLU C 112 -34.53 13.83 16.49
N LYS C 113 -35.62 13.15 16.85
CA LYS C 113 -36.78 13.05 15.97
C LYS C 113 -37.63 14.31 16.06
N VAL C 114 -37.92 14.91 14.91
CA VAL C 114 -38.68 16.14 14.81
C VAL C 114 -39.89 15.89 13.92
N LYS C 115 -41.07 16.25 14.39
CA LYS C 115 -42.30 16.10 13.61
C LYS C 115 -42.36 17.22 12.59
N ILE C 116 -42.13 16.89 11.32
CA ILE C 116 -42.01 17.90 10.27
C ILE C 116 -43.29 17.98 9.45
N LEU C 117 -44.04 16.89 9.39
CA LEU C 117 -45.29 16.83 8.64
C LEU C 117 -46.31 16.03 9.44
N PRO C 118 -47.11 16.71 10.28
CA PRO C 118 -48.10 15.99 11.07
C PRO C 118 -49.10 15.27 10.21
N LYS C 119 -49.58 14.12 10.72
CA LYS C 119 -50.47 13.27 9.93
C LYS C 119 -51.81 13.95 9.66
N ASP C 120 -52.25 14.83 10.55
CA ASP C 120 -53.56 15.45 10.43
C ASP C 120 -53.61 16.56 9.39
N ARG C 121 -52.47 16.95 8.83
CA ARG C 121 -52.47 18.03 7.83
C ARG C 121 -53.08 17.60 6.51
N TRP C 122 -53.06 16.30 6.20
CA TRP C 122 -53.63 15.79 4.95
C TRP C 122 -55.13 15.60 5.16
N THR C 123 -55.86 16.72 5.12
CA THR C 123 -57.30 16.69 5.33
C THR C 123 -58.08 16.34 4.07
N GLN C 124 -57.42 16.25 2.92
CA GLN C 124 -58.08 15.90 1.66
C GLN C 124 -57.76 14.49 1.21
N HIS C 125 -57.09 13.69 2.04
CA HIS C 125 -56.72 12.33 1.70
C HIS C 125 -57.04 11.41 2.88
N THR C 126 -56.72 10.14 2.72
CA THR C 126 -56.88 9.14 3.78
C THR C 126 -55.50 8.66 4.20
N THR C 127 -55.23 8.71 5.51
CA THR C 127 -53.93 8.40 6.07
C THR C 127 -53.99 7.21 7.02
N THR C 128 -54.78 6.20 6.67
CA THR C 128 -54.94 5.00 7.49
C THR C 128 -54.73 3.77 6.60
N GLY C 129 -53.63 3.78 5.85
CA GLY C 129 -53.27 2.64 5.05
C GLY C 129 -52.54 1.57 5.86
N GLY C 130 -52.51 0.37 5.30
CA GLY C 130 -51.85 -0.72 5.99
C GLY C 130 -51.67 -1.91 5.07
N SER C 131 -50.97 -2.92 5.58
CA SER C 131 -50.72 -4.14 4.84
C SER C 131 -50.57 -5.29 5.82
N ARG C 132 -50.78 -6.51 5.32
CA ARG C 132 -50.57 -7.70 6.11
C ARG C 132 -49.11 -8.11 6.18
N ALA C 133 -48.24 -7.48 5.39
CA ALA C 133 -46.81 -7.76 5.47
C ALA C 133 -46.25 -7.36 6.83
N CYS C 134 -46.68 -6.20 7.34
CA CYS C 134 -46.33 -5.75 8.69
C CYS C 134 -47.65 -5.54 9.44
N ALA C 135 -48.13 -6.60 10.07
CA ALA C 135 -49.37 -6.58 10.81
C ALA C 135 -49.10 -6.81 12.29
N VAL C 136 -49.86 -6.11 13.14
CA VAL C 136 -49.73 -6.22 14.59
C VAL C 136 -50.98 -6.92 15.12
N SER C 137 -50.79 -8.08 15.74
CA SER C 137 -51.87 -8.86 16.34
C SER C 137 -52.97 -9.16 15.32
N GLY C 138 -52.57 -9.45 14.09
CA GLY C 138 -53.49 -9.78 13.01
C GLY C 138 -53.97 -8.62 12.17
N ASN C 139 -54.29 -7.50 12.80
CA ASN C 139 -54.76 -6.34 12.07
C ASN C 139 -53.61 -5.71 11.28
N PRO C 140 -53.87 -5.20 10.08
CA PRO C 140 -52.79 -4.59 9.28
C PRO C 140 -52.30 -3.30 9.92
N SER C 141 -51.03 -2.99 9.64
CA SER C 141 -50.40 -1.79 10.13
C SER C 141 -49.40 -1.30 9.08
N PHE C 142 -48.54 -0.38 9.47
CA PHE C 142 -47.58 0.22 8.54
C PHE C 142 -46.38 0.73 9.33
N PHE C 143 -45.40 1.25 8.61
CA PHE C 143 -44.26 1.90 9.25
C PHE C 143 -44.73 3.06 10.12
N ARG C 144 -44.14 3.17 11.31
CA ARG C 144 -44.59 4.15 12.28
C ARG C 144 -44.14 5.57 11.95
N ASN C 145 -43.09 5.73 11.15
CA ASN C 145 -42.55 7.05 10.84
C ASN C 145 -42.97 7.56 9.46
N MET C 146 -43.84 6.83 8.76
CA MET C 146 -44.23 7.20 7.40
C MET C 146 -45.74 7.11 7.26
N VAL C 147 -46.27 7.85 6.28
CA VAL C 147 -47.70 7.96 6.04
C VAL C 147 -48.00 7.46 4.63
N TRP C 148 -49.03 6.62 4.52
CA TRP C 148 -49.49 6.11 3.23
C TRP C 148 -50.75 6.88 2.84
N LEU C 149 -50.72 7.53 1.68
CA LEU C 149 -51.80 8.39 1.23
C LEU C 149 -52.67 7.65 0.23
N THR C 150 -53.98 7.73 0.44
CA THR C 150 -54.94 6.92 -0.32
C THR C 150 -56.17 7.78 -0.63
N LYS C 151 -57.02 7.33 -1.54
CA LYS C 151 -58.26 8.04 -1.89
C LYS C 151 -59.03 8.47 -0.65
N LYS C 152 -59.79 9.54 -0.80
CA LYS C 152 -60.77 9.97 0.20
C LYS C 152 -62.11 10.07 -0.53
N GLY C 153 -62.89 8.99 -0.47
CA GLY C 153 -64.10 8.91 -1.25
C GLY C 153 -63.86 8.31 -2.62
N SER C 154 -63.82 9.15 -3.65
CA SER C 154 -63.51 8.69 -5.01
C SER C 154 -62.63 9.69 -5.74
N ASN C 155 -61.81 10.44 -5.02
CA ASN C 155 -60.94 11.44 -5.63
C ASN C 155 -59.63 11.51 -4.89
N TYR C 156 -58.56 11.82 -5.62
CA TYR C 156 -57.22 11.96 -5.08
C TYR C 156 -56.67 13.32 -5.52
N PRO C 157 -56.88 14.36 -4.72
CA PRO C 157 -56.35 15.67 -5.08
C PRO C 157 -54.83 15.70 -5.01
N VAL C 158 -54.25 16.73 -5.62
CA VAL C 158 -52.81 16.90 -5.63
C VAL C 158 -52.33 17.18 -4.21
N ALA C 159 -51.29 16.47 -3.79
CA ALA C 159 -50.76 16.55 -2.43
C ALA C 159 -49.54 17.45 -2.42
N LYS C 160 -49.55 18.45 -1.54
CA LYS C 160 -48.45 19.39 -1.41
C LYS C 160 -48.03 19.49 0.04
N GLY C 161 -46.71 19.58 0.27
CA GLY C 161 -46.17 19.72 1.61
C GLY C 161 -44.76 20.27 1.59
N SER C 162 -44.45 21.18 2.51
CA SER C 162 -43.15 21.82 2.56
C SER C 162 -42.68 21.93 4.00
N TYR C 163 -41.36 21.99 4.17
CA TYR C 163 -40.76 22.17 5.47
C TYR C 163 -39.49 22.99 5.34
N ASN C 164 -39.29 23.91 6.28
CA ASN C 164 -38.13 24.79 6.33
C ASN C 164 -37.27 24.40 7.51
N ASN C 165 -35.99 24.10 7.26
CA ASN C 165 -35.10 23.56 8.28
C ASN C 165 -34.66 24.67 9.23
N THR C 166 -35.49 24.90 10.25
CA THR C 166 -35.19 25.83 11.32
C THR C 166 -34.87 25.10 12.63
N SER C 167 -34.51 23.82 12.56
CA SER C 167 -34.27 23.05 13.77
C SER C 167 -32.97 23.47 14.45
N GLY C 168 -31.90 23.65 13.68
CA GLY C 168 -30.63 24.05 14.25
C GLY C 168 -29.44 23.35 13.66
N GLU C 169 -29.65 22.18 13.06
CA GLU C 169 -28.57 21.40 12.49
C GLU C 169 -29.09 20.69 11.23
N GLN C 170 -28.23 19.89 10.62
CA GLN C 170 -28.60 19.14 9.44
C GLN C 170 -29.65 18.08 9.79
N MET C 171 -30.51 17.78 8.82
CA MET C 171 -31.63 16.86 9.00
C MET C 171 -31.65 15.84 7.88
N LEU C 172 -32.06 14.62 8.22
CA LEU C 172 -32.18 13.52 7.26
C LEU C 172 -33.64 13.20 7.04
N VAL C 173 -34.06 13.20 5.77
CA VAL C 173 -35.45 12.97 5.40
C VAL C 173 -35.51 11.76 4.46
N ILE C 174 -36.55 10.95 4.62
CA ILE C 174 -36.76 9.75 3.81
C ILE C 174 -38.18 9.78 3.25
N TRP C 175 -38.32 9.49 1.96
CA TRP C 175 -39.62 9.34 1.33
C TRP C 175 -39.60 8.09 0.46
N GLY C 176 -40.78 7.72 -0.05
CA GLY C 176 -40.89 6.50 -0.83
C GLY C 176 -41.90 6.60 -1.95
N VAL C 177 -41.80 5.65 -2.87
CA VAL C 177 -42.72 5.51 -4.00
C VAL C 177 -43.23 4.07 -4.02
N HIS C 178 -44.49 3.90 -4.37
CA HIS C 178 -45.14 2.59 -4.38
C HIS C 178 -45.33 2.12 -5.82
N HIS C 179 -44.93 0.86 -6.09
CA HIS C 179 -45.10 0.25 -7.39
C HIS C 179 -46.12 -0.88 -7.29
N PRO C 180 -47.34 -0.70 -7.78
CA PRO C 180 -48.35 -1.77 -7.67
C PRO C 180 -48.09 -2.94 -8.60
N ASN C 181 -48.91 -3.98 -8.51
CA ASN C 181 -48.74 -5.17 -9.33
C ASN C 181 -49.71 -5.25 -10.50
N ASP C 182 -50.83 -4.52 -10.45
CA ASP C 182 -51.78 -4.50 -11.56
C ASP C 182 -52.53 -3.18 -11.55
N GLU C 183 -53.19 -2.89 -12.68
CA GLU C 183 -53.93 -1.65 -12.82
C GLU C 183 -55.10 -1.57 -11.85
N ALA C 184 -55.70 -2.71 -11.50
CA ALA C 184 -56.83 -2.72 -10.59
C ALA C 184 -56.43 -2.19 -9.22
N GLU C 185 -55.29 -2.66 -8.69
CA GLU C 185 -54.83 -2.16 -7.39
C GLU C 185 -54.55 -0.66 -7.44
N GLN C 186 -53.95 -0.20 -8.55
CA GLN C 186 -53.70 1.22 -8.70
C GLN C 186 -54.99 2.03 -8.69
N ARG C 187 -56.02 1.52 -9.38
CA ARG C 187 -57.26 2.28 -9.46
C ARG C 187 -58.02 2.28 -8.13
N THR C 188 -58.01 1.15 -7.41
CA THR C 188 -58.68 1.14 -6.11
C THR C 188 -57.85 1.76 -5.00
N LEU C 189 -56.59 2.09 -5.24
CA LEU C 189 -55.79 2.77 -4.22
C LEU C 189 -55.62 4.26 -4.47
N TYR C 190 -55.61 4.70 -5.74
CA TYR C 190 -55.32 6.09 -6.06
C TYR C 190 -56.29 6.73 -7.05
N GLN C 191 -57.04 5.94 -7.82
CA GLN C 191 -58.02 6.46 -8.78
C GLN C 191 -57.38 7.35 -9.83
N ASN C 192 -56.13 7.06 -10.18
CA ASN C 192 -55.43 7.81 -11.21
C ASN C 192 -54.51 6.88 -11.97
N VAL C 193 -54.17 7.28 -13.19
CA VAL C 193 -53.23 6.54 -14.04
C VAL C 193 -52.26 7.53 -14.64
N GLY C 194 -50.97 7.19 -14.59
CA GLY C 194 -49.94 8.11 -15.04
C GLY C 194 -49.49 9.10 -13.99
N THR C 195 -49.49 8.70 -12.72
CA THR C 195 -49.16 9.60 -11.63
C THR C 195 -47.65 9.85 -11.56
N TYR C 196 -47.24 10.67 -10.60
CA TYR C 196 -45.84 11.02 -10.43
C TYR C 196 -45.63 11.46 -8.98
N VAL C 197 -44.37 11.40 -8.56
CA VAL C 197 -43.95 11.89 -7.25
C VAL C 197 -42.73 12.78 -7.45
N SER C 198 -42.81 14.02 -6.99
CA SER C 198 -41.77 15.01 -7.21
C SER C 198 -41.24 15.51 -5.87
N VAL C 199 -39.92 15.51 -5.73
CA VAL C 199 -39.24 16.03 -4.55
C VAL C 199 -38.15 16.99 -5.02
N GLY C 200 -38.11 18.17 -4.42
CA GLY C 200 -37.13 19.16 -4.81
C GLY C 200 -36.61 20.02 -3.68
N THR C 201 -35.28 20.14 -3.59
CA THR C 201 -34.65 21.05 -2.65
C THR C 201 -33.68 21.97 -3.38
N SER C 202 -32.86 22.69 -2.63
CA SER C 202 -31.88 23.58 -3.25
C SER C 202 -30.83 22.82 -4.05
N THR C 203 -30.66 21.53 -3.80
CA THR C 203 -29.68 20.72 -4.51
C THR C 203 -30.29 19.55 -5.28
N VAL C 204 -31.22 18.82 -4.68
CA VAL C 204 -31.78 17.63 -5.30
C VAL C 204 -33.00 18.01 -6.12
N ASN C 205 -33.25 17.23 -7.18
CA ASN C 205 -34.40 17.47 -8.06
C ASN C 205 -34.75 16.12 -8.71
N LYS C 206 -35.83 15.52 -8.24
CA LYS C 206 -36.19 14.17 -8.65
C LYS C 206 -37.66 14.11 -9.04
N ARG C 207 -37.96 13.18 -9.95
CA ARG C 207 -39.35 12.91 -10.36
C ARG C 207 -39.44 11.44 -10.72
N SER C 208 -40.28 10.69 -10.01
CA SER C 208 -40.39 9.26 -10.19
C SER C 208 -41.76 8.88 -10.74
N ILE C 209 -41.76 7.97 -11.70
CA ILE C 209 -42.97 7.45 -12.33
C ILE C 209 -43.18 6.03 -11.83
N PRO C 210 -44.32 5.71 -11.21
CA PRO C 210 -44.54 4.35 -10.72
C PRO C 210 -44.57 3.33 -11.85
N GLU C 211 -44.12 2.12 -11.54
CA GLU C 211 -44.08 1.02 -12.48
C GLU C 211 -45.04 -0.07 -12.04
N ILE C 212 -45.86 -0.55 -12.97
CA ILE C 212 -46.85 -1.59 -12.71
C ILE C 212 -46.45 -2.82 -13.51
N ALA C 213 -46.20 -3.93 -12.81
CA ALA C 213 -45.77 -5.16 -13.45
C ALA C 213 -46.07 -6.33 -12.53
N THR C 214 -46.04 -7.53 -13.10
CA THR C 214 -46.28 -8.76 -12.36
C THR C 214 -44.95 -9.30 -11.85
N ARG C 215 -44.87 -9.51 -10.55
CA ARG C 215 -43.64 -9.91 -9.86
C ARG C 215 -43.93 -11.04 -8.90
N PRO C 216 -42.93 -11.85 -8.56
CA PRO C 216 -43.13 -12.89 -7.56
C PRO C 216 -43.51 -12.31 -6.21
N LYS C 217 -44.29 -13.08 -5.46
CA LYS C 217 -44.79 -12.61 -4.16
C LYS C 217 -43.72 -12.77 -3.09
N VAL C 218 -43.34 -11.66 -2.48
CA VAL C 218 -42.44 -11.65 -1.33
C VAL C 218 -43.22 -11.11 -0.14
N ASN C 219 -43.24 -11.88 0.96
CA ASN C 219 -44.06 -11.58 2.13
C ASN C 219 -45.54 -11.53 1.78
N GLY C 220 -45.94 -12.24 0.72
CA GLY C 220 -47.32 -12.28 0.29
C GLY C 220 -47.77 -11.13 -0.57
N GLN C 221 -46.87 -10.23 -0.97
CA GLN C 221 -47.22 -9.07 -1.76
C GLN C 221 -46.45 -9.06 -3.08
N GLY C 222 -47.12 -8.60 -4.13
CA GLY C 222 -46.49 -8.46 -5.42
C GLY C 222 -45.97 -7.07 -5.68
N GLY C 223 -46.37 -6.11 -4.84
CA GLY C 223 -45.92 -4.75 -4.99
C GLY C 223 -44.58 -4.49 -4.33
N ARG C 224 -44.01 -3.33 -4.65
CA ARG C 224 -42.71 -2.94 -4.12
C ARG C 224 -42.76 -1.46 -3.74
N MET C 225 -41.88 -1.09 -2.80
CA MET C 225 -41.74 0.30 -2.37
C MET C 225 -40.28 0.69 -2.47
N GLU C 226 -40.01 1.83 -3.10
CA GLU C 226 -38.66 2.32 -3.33
C GLU C 226 -38.43 3.55 -2.47
N PHE C 227 -37.38 3.52 -1.66
CA PHE C 227 -37.11 4.56 -0.67
C PHE C 227 -35.85 5.34 -1.03
N SER C 228 -35.92 6.66 -0.90
CA SER C 228 -34.80 7.55 -1.14
C SER C 228 -34.61 8.45 0.07
N TRP C 229 -33.46 9.13 0.11
CA TRP C 229 -33.14 9.98 1.25
C TRP C 229 -32.29 11.16 0.78
N THR C 230 -32.23 12.19 1.62
CA THR C 230 -31.40 13.36 1.37
C THR C 230 -31.06 14.01 2.70
N ILE C 231 -30.05 14.87 2.68
CA ILE C 231 -29.63 15.65 3.84
C ILE C 231 -30.01 17.09 3.60
N LEU C 232 -30.86 17.63 4.48
CA LEU C 232 -31.35 18.99 4.35
C LEU C 232 -30.48 19.93 5.17
N ASP C 233 -29.91 20.93 4.50
CA ASP C 233 -29.02 21.87 5.17
C ASP C 233 -29.81 22.87 6.00
N MET C 234 -29.09 23.66 6.80
CA MET C 234 -29.73 24.63 7.66
C MET C 234 -30.36 25.75 6.84
N LEU C 235 -31.56 26.16 7.24
CA LEU C 235 -32.33 27.19 6.54
C LEU C 235 -32.59 26.81 5.08
N ASP C 236 -32.86 25.55 4.84
CA ASP C 236 -33.20 25.04 3.52
C ASP C 236 -34.64 24.52 3.53
N THR C 237 -35.17 24.29 2.33
CA THR C 237 -36.56 23.89 2.17
C THR C 237 -36.65 22.64 1.31
N ILE C 238 -37.64 21.81 1.62
CA ILE C 238 -37.94 20.61 0.85
C ILE C 238 -39.41 20.65 0.46
N ASN C 239 -39.70 20.31 -0.78
CA ASN C 239 -41.05 20.37 -1.32
C ASN C 239 -41.50 18.99 -1.80
N PHE C 240 -42.76 18.67 -1.55
CA PHE C 240 -43.36 17.40 -1.96
C PHE C 240 -44.57 17.68 -2.83
N GLU C 241 -44.63 17.03 -3.98
CA GLU C 241 -45.77 17.14 -4.88
C GLU C 241 -46.01 15.79 -5.53
N SER C 242 -47.25 15.31 -5.48
CA SER C 242 -47.56 13.99 -6.02
C SER C 242 -49.04 13.91 -6.34
N THR C 243 -49.36 13.24 -7.45
CA THR C 243 -50.73 12.88 -7.79
C THR C 243 -51.02 11.42 -7.46
N GLY C 244 -50.13 10.74 -6.77
CA GLY C 244 -50.33 9.36 -6.39
C GLY C 244 -49.02 8.66 -6.14
N ASN C 245 -49.13 7.50 -5.49
CA ASN C 245 -47.99 6.62 -5.23
C ASN C 245 -46.92 7.29 -4.37
N LEU C 246 -47.35 8.06 -3.38
CA LEU C 246 -46.45 8.77 -2.48
C LEU C 246 -46.56 8.21 -1.07
N ILE C 247 -45.42 7.86 -0.49
CA ILE C 247 -45.32 7.52 0.93
C ILE C 247 -44.57 8.66 1.59
N ALA C 248 -45.29 9.52 2.30
CA ALA C 248 -44.70 10.73 2.84
C ALA C 248 -44.14 10.51 4.24
N PRO C 249 -43.07 11.22 4.59
CA PRO C 249 -42.53 11.13 5.95
C PRO C 249 -43.35 11.94 6.94
N GLU C 250 -43.27 11.52 8.20
CA GLU C 250 -43.82 12.28 9.32
C GLU C 250 -42.75 12.88 10.22
N TYR C 251 -41.57 12.28 10.26
CA TYR C 251 -40.51 12.70 11.16
C TYR C 251 -39.22 12.93 10.40
N GLY C 252 -38.37 13.79 10.96
CA GLY C 252 -37.04 14.00 10.44
C GLY C 252 -36.01 13.76 11.52
N PHE C 253 -34.84 13.31 11.10
CA PHE C 253 -33.77 12.91 12.01
C PHE C 253 -32.71 14.01 12.02
N LYS C 254 -32.63 14.72 13.14
CA LYS C 254 -31.67 15.81 13.32
C LYS C 254 -30.36 15.25 13.85
N ILE C 255 -29.25 15.68 13.25
CA ILE C 255 -27.93 15.27 13.70
C ILE C 255 -27.54 16.14 14.89
N SER C 256 -27.46 15.54 16.07
CA SER C 256 -27.33 16.29 17.32
C SER C 256 -25.92 16.30 17.87
N LYS C 257 -25.23 15.16 17.88
CA LYS C 257 -23.98 15.02 18.62
C LYS C 257 -22.74 14.94 17.74
N ARG C 258 -22.72 14.02 16.78
CA ARG C 258 -21.56 13.77 15.92
C ARG C 258 -20.36 13.27 16.70
N GLY C 259 -19.39 12.69 16.01
CA GLY C 259 -18.21 12.14 16.64
C GLY C 259 -17.71 10.94 15.87
N SER C 260 -16.89 10.14 16.54
CA SER C 260 -16.30 8.94 15.95
C SER C 260 -17.02 7.71 16.49
N SER C 261 -17.52 6.89 15.58
CA SER C 261 -18.29 5.71 15.94
C SER C 261 -18.08 4.65 14.86
N GLY C 262 -18.95 3.64 14.84
CA GLY C 262 -18.87 2.62 13.82
C GLY C 262 -20.03 1.66 13.95
N ILE C 263 -20.10 0.73 13.01
CA ILE C 263 -21.11 -0.32 12.99
C ILE C 263 -20.41 -1.67 13.08
N MET C 264 -20.80 -2.47 14.06
CA MET C 264 -20.20 -3.78 14.30
C MET C 264 -21.16 -4.87 13.87
N LYS C 265 -20.64 -5.87 13.15
CA LYS C 265 -21.42 -7.02 12.70
C LYS C 265 -21.17 -8.16 13.68
N THR C 266 -22.02 -8.26 14.69
CA THR C 266 -21.92 -9.29 15.72
C THR C 266 -23.28 -9.92 15.97
N GLU C 267 -23.26 -11.16 16.44
CA GLU C 267 -24.47 -11.86 16.85
C GLU C 267 -24.63 -11.92 18.36
N GLY C 268 -23.81 -11.16 19.10
CA GLY C 268 -23.82 -11.21 20.56
C GLY C 268 -24.82 -10.26 21.17
N THR C 269 -24.67 -10.06 22.48
CA THR C 269 -25.58 -9.22 23.25
C THR C 269 -24.77 -8.38 24.22
N LEU C 270 -25.42 -7.34 24.74
CA LEU C 270 -24.78 -6.36 25.61
C LEU C 270 -24.85 -6.83 27.06
N GLU C 271 -23.72 -6.76 27.77
CA GLU C 271 -23.66 -7.09 29.18
C GLU C 271 -23.01 -5.95 29.94
N ASN C 272 -22.92 -6.11 31.26
CA ASN C 272 -22.52 -5.03 32.17
C ASN C 272 -21.03 -5.12 32.47
N CYS C 273 -20.23 -4.41 31.68
CA CYS C 273 -18.83 -4.17 32.00
C CYS C 273 -18.44 -2.83 31.42
N GLU C 274 -17.13 -2.53 31.46
CA GLU C 274 -16.60 -1.27 30.96
C GLU C 274 -15.27 -1.53 30.29
N THR C 275 -15.01 -0.83 29.19
CA THR C 275 -13.79 -1.05 28.42
C THR C 275 -13.37 0.27 27.77
N LYS C 276 -12.12 0.30 27.30
CA LYS C 276 -11.58 1.45 26.59
C LYS C 276 -11.59 1.28 25.09
N CYS C 277 -11.50 0.05 24.59
CA CYS C 277 -11.77 -0.23 23.18
C CYS C 277 -12.45 -1.58 23.07
N GLN C 278 -13.16 -1.78 21.96
CA GLN C 278 -13.99 -2.96 21.77
C GLN C 278 -13.72 -3.56 20.40
N THR C 279 -13.70 -4.89 20.35
CA THR C 279 -13.59 -5.67 19.12
C THR C 279 -14.82 -6.56 18.99
N PRO C 280 -15.13 -7.03 17.78
CA PRO C 280 -16.32 -7.87 17.61
C PRO C 280 -16.29 -9.15 18.42
N LEU C 281 -15.13 -9.63 18.84
CA LEU C 281 -15.04 -10.83 19.65
C LEU C 281 -15.01 -10.54 21.15
N GLY C 282 -14.52 -9.38 21.55
CA GLY C 282 -14.47 -9.04 22.96
C GLY C 282 -13.72 -7.74 23.19
N ALA C 283 -13.55 -7.43 24.46
CA ALA C 283 -12.87 -6.21 24.88
C ALA C 283 -11.40 -6.46 25.14
N ILE C 284 -10.63 -5.38 25.14
CA ILE C 284 -9.18 -5.41 25.32
C ILE C 284 -8.83 -4.49 26.48
N ASN C 285 -7.98 -4.98 27.39
CA ASN C 285 -7.52 -4.20 28.54
C ASN C 285 -6.02 -4.46 28.68
N THR C 286 -5.21 -3.56 28.14
CA THR C 286 -3.76 -3.75 28.16
C THR C 286 -3.07 -2.41 27.98
N THR C 287 -1.76 -2.42 28.28
CA THR C 287 -0.88 -1.27 28.03
C THR C 287 0.24 -1.63 27.05
N LEU C 288 0.12 -2.77 26.36
CA LEU C 288 1.04 -3.28 25.36
C LEU C 288 0.79 -2.60 24.02
N PRO C 289 1.77 -2.57 23.12
CA PRO C 289 1.62 -1.83 21.86
C PRO C 289 1.10 -2.64 20.67
N PHE C 290 0.69 -3.89 20.86
CA PHE C 290 0.23 -4.68 19.73
C PHE C 290 -0.82 -5.69 20.19
N HIS C 291 -1.64 -6.15 19.24
CA HIS C 291 -2.61 -7.20 19.49
C HIS C 291 -2.92 -7.90 18.18
N ASN C 292 -3.50 -9.10 18.30
CA ASN C 292 -3.80 -9.93 17.14
C ASN C 292 -5.19 -10.55 17.27
N ILE C 293 -6.17 -9.75 17.66
CA ILE C 293 -7.52 -10.25 17.92
C ILE C 293 -8.42 -10.01 16.71
N HIS C 294 -8.58 -8.74 16.32
CA HIS C 294 -9.46 -8.44 15.19
C HIS C 294 -9.03 -7.13 14.57
N PRO C 295 -8.95 -7.03 13.24
CA PRO C 295 -8.51 -5.78 12.61
C PRO C 295 -9.43 -4.61 12.86
N LEU C 296 -10.74 -4.83 12.98
CA LEU C 296 -11.72 -3.75 13.11
C LEU C 296 -12.03 -3.54 14.60
N THR C 297 -11.53 -2.44 15.15
CA THR C 297 -11.76 -2.08 16.54
C THR C 297 -12.31 -0.66 16.63
N ILE C 298 -13.03 -0.38 17.71
CA ILE C 298 -13.56 0.94 18.01
C ILE C 298 -13.06 1.33 19.39
N GLY C 299 -12.37 2.45 19.48
CA GLY C 299 -11.84 2.94 20.74
C GLY C 299 -10.41 3.39 20.56
N GLU C 300 -9.64 3.27 21.64
CA GLU C 300 -8.21 3.60 21.65
C GLU C 300 -7.45 2.42 22.26
N CYS C 301 -6.78 1.65 21.41
CA CYS C 301 -6.08 0.46 21.85
C CYS C 301 -5.17 0.00 20.72
N PRO C 302 -4.27 -1.01 20.97
CA PRO C 302 -3.08 -1.17 20.13
C PRO C 302 -3.32 -1.45 18.65
N LYS C 303 -2.23 -1.46 17.89
CA LYS C 303 -2.25 -1.77 16.48
C LYS C 303 -2.39 -3.27 16.25
N TYR C 304 -2.90 -3.63 15.08
CA TYR C 304 -3.16 -5.02 14.73
C TYR C 304 -2.02 -5.57 13.87
N VAL C 305 -1.51 -6.73 14.26
CA VAL C 305 -0.51 -7.46 13.48
C VAL C 305 -0.91 -8.93 13.46
N LYS C 306 -0.84 -9.54 12.27
CA LYS C 306 -1.20 -10.95 12.10
C LYS C 306 0.01 -11.83 12.42
N SER C 307 0.37 -11.84 13.69
CA SER C 307 1.51 -12.62 14.16
C SER C 307 1.15 -13.31 15.47
N GLU C 308 1.83 -14.42 15.75
CA GLU C 308 1.60 -15.17 16.96
C GLU C 308 2.61 -14.87 18.07
N LYS C 309 3.74 -14.25 17.73
CA LYS C 309 4.77 -13.98 18.73
C LYS C 309 5.50 -12.70 18.37
N LEU C 310 5.74 -11.86 19.38
CA LEU C 310 6.57 -10.65 19.22
C LEU C 310 7.27 -10.43 20.57
N VAL C 311 8.48 -10.93 20.70
CA VAL C 311 9.26 -10.88 21.93
C VAL C 311 10.57 -10.17 21.65
N LEU C 312 10.91 -9.19 22.49
CA LEU C 312 12.12 -8.41 22.37
C LEU C 312 13.10 -8.82 23.46
N ALA C 313 14.36 -9.03 23.08
CA ALA C 313 15.38 -9.47 24.02
C ALA C 313 16.07 -8.25 24.62
N THR C 314 15.94 -8.08 25.93
CA THR C 314 16.59 -6.99 26.65
C THR C 314 17.68 -7.48 27.59
N GLY C 315 18.12 -8.73 27.43
CA GLY C 315 19.11 -9.29 28.31
C GLY C 315 20.21 -10.03 27.58
N LEU C 316 20.86 -10.98 28.26
CA LEU C 316 21.98 -11.72 27.72
C LEU C 316 21.60 -13.18 27.53
N ARG C 317 22.52 -13.94 26.94
CA ARG C 317 22.34 -15.37 26.80
C ARG C 317 22.38 -16.05 28.16
N ASN C 318 21.65 -17.16 28.27
CA ASN C 318 21.59 -17.95 29.51
C ASN C 318 22.41 -19.22 29.28
N VAL C 319 23.70 -19.12 29.54
CA VAL C 319 24.62 -20.26 29.39
C VAL C 319 25.42 -20.41 30.68
N PRO C 320 24.82 -20.97 31.73
CA PRO C 320 25.50 -21.04 33.02
C PRO C 320 26.72 -21.95 32.99
N GLN C 321 27.70 -21.61 33.80
CA GLN C 321 28.90 -22.43 33.93
C GLN C 321 28.58 -23.75 34.62
N ILE C 322 29.30 -24.79 34.22
CA ILE C 322 29.09 -26.11 34.79
C ILE C 322 30.40 -26.69 35.32
N PHE C 328 35.73 -27.29 44.47
CA PHE C 328 36.94 -27.10 43.69
C PHE C 328 37.55 -25.72 43.95
N GLY C 329 37.84 -25.00 42.88
CA GLY C 329 38.41 -23.67 43.01
C GLY C 329 38.73 -23.10 41.64
N ALA C 330 39.42 -21.95 41.66
CA ALA C 330 39.85 -21.26 40.44
C ALA C 330 38.64 -20.94 39.54
N ILE C 331 37.79 -20.05 40.07
CA ILE C 331 36.58 -19.64 39.37
C ILE C 331 36.93 -19.15 37.97
N ALA C 332 36.22 -19.66 36.97
CA ALA C 332 36.50 -19.34 35.58
C ALA C 332 35.90 -17.98 35.23
N GLY C 333 35.89 -17.65 33.95
CA GLY C 333 35.44 -16.36 33.47
C GLY C 333 34.37 -16.51 32.41
N PHE C 334 34.38 -15.56 31.47
CA PHE C 334 33.34 -15.48 30.45
C PHE C 334 33.55 -16.47 29.30
N ILE C 335 34.74 -17.08 29.21
CA ILE C 335 34.97 -18.07 28.15
C ILE C 335 34.12 -19.31 28.36
N GLU C 336 33.94 -19.72 29.62
CA GLU C 336 33.22 -20.94 29.91
C GLU C 336 31.73 -20.73 30.12
N GLY C 337 31.29 -19.52 30.41
CA GLY C 337 29.88 -19.25 30.59
C GLY C 337 29.64 -18.15 31.60
N GLY C 338 28.36 -17.98 31.96
CA GLY C 338 27.96 -16.91 32.86
C GLY C 338 28.11 -17.28 34.33
N TRP C 339 27.90 -16.26 35.17
CA TRP C 339 28.04 -16.38 36.61
C TRP C 339 26.67 -16.25 37.26
N GLN C 340 26.34 -17.17 38.16
CA GLN C 340 25.09 -17.10 38.91
C GLN C 340 25.23 -16.32 40.21
N GLY C 341 26.45 -16.12 40.70
CA GLY C 341 26.63 -15.42 41.96
C GLY C 341 26.25 -13.96 41.88
N MET C 342 26.59 -13.29 40.78
CA MET C 342 26.32 -11.87 40.65
C MET C 342 24.82 -11.61 40.56
N VAL C 343 24.38 -10.55 41.25
CA VAL C 343 22.97 -10.17 41.26
C VAL C 343 22.85 -8.68 40.98
N ASP C 344 23.97 -7.97 41.01
CA ASP C 344 23.94 -6.51 40.90
C ASP C 344 23.77 -6.05 39.45
N GLY C 345 24.73 -6.39 38.59
CA GLY C 345 24.70 -5.87 37.23
C GLY C 345 24.84 -6.93 36.16
N TRP C 346 25.20 -6.50 34.95
CA TRP C 346 25.30 -7.38 33.79
C TRP C 346 26.71 -7.86 33.50
N TYR C 347 27.70 -6.97 33.60
CA TYR C 347 29.08 -7.29 33.27
C TYR C 347 29.89 -7.42 34.55
N GLY C 348 30.68 -8.49 34.65
CA GLY C 348 31.28 -8.90 35.91
C GLY C 348 32.75 -8.58 36.06
N TYR C 349 33.15 -8.39 37.32
CA TYR C 349 34.52 -8.03 37.67
C TYR C 349 34.98 -8.79 38.91
N HIS C 350 34.85 -10.12 38.88
CA HIS C 350 35.14 -10.97 40.03
C HIS C 350 36.40 -10.52 40.77
N HIS C 351 36.30 -10.48 42.10
CA HIS C 351 37.31 -9.95 42.99
C HIS C 351 37.88 -11.08 43.83
N SER C 352 39.20 -11.22 43.82
CA SER C 352 39.89 -12.18 44.66
C SER C 352 41.20 -11.57 45.14
N ASN C 353 41.52 -11.79 46.41
CA ASN C 353 42.69 -11.16 47.02
C ASN C 353 43.23 -12.06 48.12
N ASP C 354 44.18 -11.54 48.89
CA ASP C 354 44.80 -12.34 49.93
C ASP C 354 43.89 -12.52 51.15
N GLN C 355 43.13 -11.49 51.51
CA GLN C 355 42.29 -11.55 52.70
C GLN C 355 40.81 -11.75 52.40
N GLY C 356 40.35 -11.41 51.20
CA GLY C 356 38.94 -11.53 50.89
C GLY C 356 38.70 -11.55 49.40
N SER C 357 37.60 -12.18 49.01
CA SER C 357 37.15 -12.26 47.62
C SER C 357 35.85 -11.49 47.46
N GLY C 358 35.26 -11.56 46.28
CA GLY C 358 34.02 -10.85 46.03
C GLY C 358 33.51 -11.10 44.64
N TYR C 359 32.35 -10.51 44.36
CA TYR C 359 31.65 -10.65 43.09
C TYR C 359 31.18 -9.28 42.60
N ALA C 360 32.07 -8.30 42.63
CA ALA C 360 31.72 -6.93 42.32
C ALA C 360 31.28 -6.78 40.87
N ALA C 361 30.42 -5.78 40.63
CA ALA C 361 29.93 -5.45 39.31
C ALA C 361 30.50 -4.11 38.86
N ASP C 362 30.25 -3.77 37.59
CA ASP C 362 30.73 -2.54 36.99
C ASP C 362 29.56 -1.59 36.77
N LYS C 363 29.70 -0.36 37.24
CA LYS C 363 28.64 0.63 37.18
C LYS C 363 28.72 1.54 35.96
N GLU C 364 29.74 1.38 35.11
CA GLU C 364 29.92 2.23 33.95
C GLU C 364 29.41 1.58 32.67
N SER C 365 29.91 0.38 32.35
CA SER C 365 29.47 -0.31 31.14
C SER C 365 28.00 -0.72 31.24
N THR C 366 27.57 -1.14 32.44
CA THR C 366 26.19 -1.57 32.61
C THR C 366 25.21 -0.43 32.35
N GLN C 367 25.52 0.77 32.83
CA GLN C 367 24.65 1.91 32.61
C GLN C 367 24.55 2.24 31.13
N LYS C 368 25.68 2.23 30.42
CA LYS C 368 25.66 2.51 28.99
C LYS C 368 24.85 1.46 28.23
N ALA C 369 25.02 0.18 28.58
CA ALA C 369 24.25 -0.86 27.91
C ALA C 369 22.76 -0.72 28.18
N ILE C 370 22.40 -0.42 29.43
CA ILE C 370 20.99 -0.28 29.77
C ILE C 370 20.37 0.91 29.04
N ASP C 371 21.10 2.03 28.98
CA ASP C 371 20.59 3.19 28.26
C ASP C 371 20.42 2.88 26.77
N GLY C 372 21.39 2.18 26.18
CA GLY C 372 21.27 1.82 24.78
C GLY C 372 20.09 0.90 24.50
N ILE C 373 19.88 -0.10 25.37
CA ILE C 373 18.77 -1.02 25.17
C ILE C 373 17.44 -0.32 25.35
N THR C 374 17.34 0.57 26.34
CA THR C 374 16.11 1.33 26.53
C THR C 374 15.83 2.23 25.33
N ASN C 375 16.87 2.87 24.80
CA ASN C 375 16.70 3.68 23.60
C ASN C 375 16.23 2.83 22.42
N LYS C 376 16.79 1.62 22.29
CA LYS C 376 16.39 0.73 21.20
C LYS C 376 14.93 0.34 21.32
N VAL C 377 14.49 -0.02 22.53
CA VAL C 377 13.10 -0.41 22.74
C VAL C 377 12.16 0.76 22.46
N ASN C 378 12.52 1.94 22.97
CA ASN C 378 11.68 3.13 22.74
C ASN C 378 11.61 3.47 21.26
N SER C 379 12.73 3.35 20.53
CA SER C 379 12.72 3.61 19.11
C SER C 379 11.86 2.61 18.36
N VAL C 380 11.93 1.33 18.76
CA VAL C 380 11.11 0.32 18.11
C VAL C 380 9.63 0.62 18.31
N ILE C 381 9.25 0.98 19.53
CA ILE C 381 7.84 1.26 19.81
C ILE C 381 7.39 2.54 19.10
N GLU C 382 8.24 3.56 19.10
CA GLU C 382 7.87 4.86 18.54
C GLU C 382 7.80 4.85 17.02
N LYS C 383 8.67 4.09 16.36
CA LYS C 383 8.69 4.04 14.90
C LYS C 383 7.47 3.37 14.31
N MET C 384 6.48 2.98 15.11
CA MET C 384 5.35 2.21 14.62
C MET C 384 4.02 2.74 15.15
N ASN C 385 3.98 4.01 15.51
CA ASN C 385 2.76 4.63 16.01
C ASN C 385 1.94 5.27 14.90
N THR C 386 2.41 5.23 13.66
CA THR C 386 1.73 5.82 12.51
C THR C 386 1.47 4.77 11.43
N GLN C 387 1.00 3.60 11.85
CA GLN C 387 0.73 2.51 10.92
C GLN C 387 -0.76 2.47 10.55
N PHE C 388 -1.07 1.60 9.61
CA PHE C 388 -2.40 1.54 9.03
C PHE C 388 -3.46 1.10 10.03
N GLU C 389 -4.67 1.63 9.86
CA GLU C 389 -5.84 1.24 10.64
C GLU C 389 -7.00 0.97 9.69
N ALA C 390 -7.83 0.00 10.08
CA ALA C 390 -8.94 -0.45 9.24
C ALA C 390 -10.24 0.21 9.64
N VAL C 391 -11.08 0.50 8.65
CA VAL C 391 -12.39 1.12 8.85
C VAL C 391 -13.42 0.30 8.10
N GLY C 392 -14.52 -0.03 8.76
CA GLY C 392 -15.55 -0.85 8.13
C GLY C 392 -16.26 -0.13 7.00
N LYS C 393 -16.75 -0.92 6.04
CA LYS C 393 -17.47 -0.39 4.90
C LYS C 393 -18.41 -1.46 4.37
N GLU C 394 -19.47 -1.01 3.69
CA GLU C 394 -20.46 -1.91 3.11
C GLU C 394 -20.62 -1.61 1.63
N PHE C 395 -20.87 -2.66 0.86
CA PHE C 395 -21.00 -2.55 -0.59
C PHE C 395 -22.20 -3.34 -1.06
N SER C 396 -22.77 -2.92 -2.18
CA SER C 396 -23.97 -3.53 -2.73
C SER C 396 -23.62 -4.75 -3.58
N ASN C 397 -24.65 -5.37 -4.15
CA ASN C 397 -24.45 -6.56 -4.97
C ASN C 397 -23.79 -6.25 -6.31
N LEU C 398 -23.89 -5.02 -6.79
CA LEU C 398 -23.32 -4.63 -8.07
C LEU C 398 -22.07 -3.77 -7.92
N GLU C 399 -21.35 -3.94 -6.81
CA GLU C 399 -20.09 -3.24 -6.56
C GLU C 399 -19.03 -4.23 -6.06
N LYS C 400 -18.94 -5.39 -6.70
CA LYS C 400 -17.99 -6.40 -6.26
C LYS C 400 -16.54 -5.99 -6.52
N ARG C 401 -16.29 -5.24 -7.60
CA ARG C 401 -14.94 -4.77 -7.88
C ARG C 401 -14.45 -3.82 -6.79
N LEU C 402 -15.32 -2.90 -6.36
CA LEU C 402 -14.94 -1.99 -5.29
C LEU C 402 -14.67 -2.73 -3.98
N GLU C 403 -15.51 -3.72 -3.67
CA GLU C 403 -15.31 -4.51 -2.46
C GLU C 403 -13.99 -5.27 -2.51
N ASN C 404 -13.67 -5.86 -3.67
CA ASN C 404 -12.40 -6.56 -3.83
C ASN C 404 -11.23 -5.61 -3.68
N LEU C 405 -11.33 -4.41 -4.26
CA LEU C 405 -10.26 -3.42 -4.13
C LEU C 405 -10.03 -3.06 -2.67
N ASN C 406 -11.12 -2.80 -1.93
CA ASN C 406 -10.99 -2.45 -0.52
C ASN C 406 -10.34 -3.57 0.27
N LYS C 407 -10.83 -4.80 0.07
CA LYS C 407 -10.30 -5.95 0.80
C LYS C 407 -8.82 -6.15 0.52
N LYS C 408 -8.44 -6.07 -0.75
CA LYS C 408 -7.04 -6.27 -1.12
C LYS C 408 -6.15 -5.18 -0.54
N MET C 409 -6.62 -3.93 -0.55
CA MET C 409 -5.82 -2.83 -0.02
C MET C 409 -5.58 -3.01 1.48
N GLU C 410 -6.64 -3.32 2.24
CA GLU C 410 -6.48 -3.52 3.68
C GLU C 410 -5.55 -4.70 3.96
N ASP C 411 -5.75 -5.83 3.26
CA ASP C 411 -4.93 -7.00 3.51
C ASP C 411 -3.47 -6.74 3.19
N GLY C 412 -3.20 -6.04 2.09
CA GLY C 412 -1.82 -5.73 1.73
C GLY C 412 -1.15 -4.85 2.76
N PHE C 413 -1.85 -3.82 3.25
CA PHE C 413 -1.23 -2.96 4.25
C PHE C 413 -0.97 -3.71 5.55
N LEU C 414 -1.90 -4.57 5.97
CA LEU C 414 -1.66 -5.37 7.17
C LEU C 414 -0.46 -6.28 7.00
N ASP C 415 -0.33 -6.92 5.82
CA ASP C 415 0.82 -7.79 5.57
C ASP C 415 2.13 -7.00 5.62
N VAL C 416 2.14 -5.81 5.02
CA VAL C 416 3.35 -5.00 5.01
C VAL C 416 3.78 -4.66 6.44
N TRP C 417 2.82 -4.24 7.26
CA TRP C 417 3.18 -3.83 8.61
C TRP C 417 3.61 -5.02 9.47
N THR C 418 2.97 -6.19 9.27
CA THR C 418 3.39 -7.38 9.99
C THR C 418 4.82 -7.78 9.63
N TYR C 419 5.14 -7.73 8.33
CA TYR C 419 6.50 -8.04 7.89
C TYR C 419 7.50 -7.08 8.51
N ASN C 420 7.18 -5.79 8.54
CA ASN C 420 8.08 -4.81 9.13
C ASN C 420 8.32 -5.11 10.60
N ALA C 421 7.25 -5.41 11.34
CA ALA C 421 7.37 -5.71 12.76
C ALA C 421 8.30 -6.90 13.00
N GLU C 422 8.05 -8.01 12.30
CA GLU C 422 8.83 -9.21 12.54
C GLU C 422 10.30 -9.03 12.17
N LEU C 423 10.56 -8.38 11.03
CA LEU C 423 11.95 -8.16 10.62
C LEU C 423 12.68 -7.28 11.61
N LEU C 424 12.02 -6.22 12.08
CA LEU C 424 12.64 -5.33 13.06
C LEU C 424 12.99 -6.08 14.33
N VAL C 425 12.06 -6.91 14.82
CA VAL C 425 12.32 -7.64 16.07
C VAL C 425 13.51 -8.59 15.91
N LEU C 426 13.55 -9.32 14.80
CA LEU C 426 14.65 -10.27 14.59
C LEU C 426 15.99 -9.56 14.51
N MET C 427 16.04 -8.47 13.73
CA MET C 427 17.30 -7.76 13.57
C MET C 427 17.77 -7.15 14.88
N GLU C 428 16.84 -6.60 15.67
CA GLU C 428 17.22 -6.03 16.95
C GLU C 428 17.70 -7.09 17.92
N ASN C 429 17.13 -8.30 17.88
CA ASN C 429 17.62 -9.37 18.75
C ASN C 429 19.05 -9.77 18.40
N GLU C 430 19.33 -9.92 17.11
CA GLU C 430 20.70 -10.18 16.68
C GLU C 430 21.64 -9.10 17.19
N ARG C 431 21.26 -7.83 16.99
CA ARG C 431 22.11 -6.73 17.39
C ARG C 431 22.34 -6.71 18.89
N THR C 432 21.30 -7.02 19.68
CA THR C 432 21.43 -7.00 21.13
C THR C 432 22.41 -8.06 21.62
N LEU C 433 22.29 -9.28 21.10
CA LEU C 433 23.21 -10.34 21.54
C LEU C 433 24.65 -10.00 21.15
N ASP C 434 24.86 -9.54 19.91
CA ASP C 434 26.21 -9.16 19.50
C ASP C 434 26.73 -8.00 20.34
N PHE C 435 25.84 -7.07 20.71
CA PHE C 435 26.23 -5.91 21.51
C PHE C 435 26.73 -6.34 22.89
N HIS C 436 26.02 -7.26 23.53
CA HIS C 436 26.47 -7.72 24.84
C HIS C 436 27.80 -8.46 24.76
N ASP C 437 27.96 -9.33 23.76
CA ASP C 437 29.23 -10.02 23.60
C ASP C 437 30.37 -9.03 23.36
N SER C 438 30.13 -8.02 22.53
CA SER C 438 31.16 -7.02 22.24
C SER C 438 31.50 -6.22 23.49
N ASN C 439 30.50 -5.90 24.32
CA ASN C 439 30.79 -5.17 25.55
C ASN C 439 31.70 -5.97 26.47
N VAL C 440 31.41 -7.27 26.64
CA VAL C 440 32.26 -8.10 27.50
C VAL C 440 33.68 -8.16 26.94
N LYS C 441 33.80 -8.35 25.62
CA LYS C 441 35.12 -8.42 25.00
C LYS C 441 35.87 -7.10 25.17
N ASN C 442 35.18 -5.97 25.04
CA ASN C 442 35.80 -4.67 25.20
C ASN C 442 36.30 -4.46 26.62
N LEU C 443 35.52 -4.90 27.61
CA LEU C 443 36.00 -4.80 28.99
C LEU C 443 37.26 -5.62 29.19
N TYR C 444 37.28 -6.85 28.64
CA TYR C 444 38.47 -7.69 28.78
C TYR C 444 39.69 -7.03 28.11
N ASP C 445 39.49 -6.47 26.92
CA ASP C 445 40.58 -5.82 26.21
C ASP C 445 41.08 -4.59 26.97
N LYS C 446 40.16 -3.85 27.59
CA LYS C 446 40.57 -2.70 28.39
C LYS C 446 41.44 -3.11 29.56
N VAL C 447 41.04 -4.17 30.28
CA VAL C 447 41.86 -4.66 31.38
C VAL C 447 43.23 -5.10 30.87
N ARG C 448 43.26 -5.83 29.76
CA ARG C 448 44.54 -6.31 29.23
C ARG C 448 45.44 -5.15 28.80
N MET C 449 44.86 -4.11 28.22
CA MET C 449 45.65 -2.96 27.80
C MET C 449 46.21 -2.21 29.00
N GLN C 450 45.41 -2.08 30.07
CA GLN C 450 45.93 -1.44 31.28
C GLN C 450 47.07 -2.25 31.89
N LEU C 451 46.90 -3.57 31.95
CA LEU C 451 47.90 -4.45 32.56
C LEU C 451 48.83 -4.94 31.46
N ARG C 452 49.97 -4.27 31.30
CA ARG C 452 50.83 -4.52 30.14
C ARG C 452 51.58 -5.84 30.26
N ASP C 453 52.44 -5.95 31.27
CA ASP C 453 53.29 -7.12 31.45
C ASP C 453 53.22 -7.66 32.88
N ASN C 454 52.88 -6.82 33.85
CA ASN C 454 52.78 -7.23 35.25
C ASN C 454 51.74 -8.31 35.49
N ALA C 455 51.02 -8.75 34.46
CA ALA C 455 50.04 -9.80 34.55
C ALA C 455 50.31 -10.85 33.49
N LYS C 456 49.78 -12.05 33.71
CA LYS C 456 49.87 -13.15 32.75
C LYS C 456 48.48 -13.67 32.48
N GLU C 457 48.18 -13.90 31.19
CA GLU C 457 46.84 -14.33 30.78
C GLU C 457 46.69 -15.82 31.05
N LEU C 458 45.73 -16.17 31.90
CA LEU C 458 45.45 -17.57 32.16
C LEU C 458 44.71 -18.22 30.99
N GLY C 459 44.01 -17.43 30.18
CA GLY C 459 43.38 -17.92 28.97
C GLY C 459 41.90 -18.24 29.11
N ASN C 460 41.40 -18.44 30.33
CA ASN C 460 40.01 -18.77 30.55
C ASN C 460 39.14 -17.56 30.86
N GLY C 461 39.69 -16.36 30.85
CA GLY C 461 38.90 -15.17 31.08
C GLY C 461 39.48 -14.20 32.08
N CYS C 462 40.64 -14.50 32.65
CA CYS C 462 41.22 -13.59 33.63
C CYS C 462 42.72 -13.82 33.77
N PHE C 463 43.35 -12.86 34.44
CA PHE C 463 44.80 -12.78 34.60
C PHE C 463 45.19 -13.08 36.04
N GLU C 464 46.41 -13.56 36.21
CA GLU C 464 47.03 -13.68 37.52
C GLU C 464 48.22 -12.73 37.59
N PHE C 465 48.27 -11.90 38.61
CA PHE C 465 49.26 -10.84 38.68
C PHE C 465 50.65 -11.41 38.94
N TYR C 466 51.65 -10.78 38.32
CA TYR C 466 53.04 -11.12 38.57
C TYR C 466 53.58 -10.47 39.84
N HIS C 467 52.79 -9.63 40.49
CA HIS C 467 53.20 -8.92 41.69
C HIS C 467 52.12 -9.04 42.75
N LYS C 468 52.55 -8.97 44.01
CA LYS C 468 51.61 -8.92 45.11
C LYS C 468 50.95 -7.55 45.16
N CYS C 469 49.67 -7.53 45.56
CA CYS C 469 48.93 -6.28 45.69
C CYS C 469 47.79 -6.49 46.67
N ASP C 470 47.04 -5.42 46.93
CA ASP C 470 45.91 -5.45 47.84
C ASP C 470 44.68 -4.85 47.19
N ASP C 471 43.62 -4.61 47.97
CA ASP C 471 42.37 -4.11 47.41
C ASP C 471 42.57 -2.80 46.66
N GLU C 472 43.56 -2.00 47.06
CA GLU C 472 43.78 -0.72 46.38
C GLU C 472 44.16 -0.91 44.92
N CYS C 473 45.08 -1.86 44.64
CA CYS C 473 45.53 -2.03 43.26
C CYS C 473 44.37 -2.46 42.38
N MET C 474 43.54 -3.37 42.89
CA MET C 474 42.47 -3.94 42.08
C MET C 474 41.32 -2.96 41.90
N ASN C 475 41.05 -2.15 42.93
CA ASN C 475 40.10 -1.05 42.76
C ASN C 475 40.60 -0.05 41.73
N SER C 476 41.92 0.21 41.72
CA SER C 476 42.50 1.07 40.70
C SER C 476 42.35 0.46 39.30
N VAL C 477 42.53 -0.86 39.20
CA VAL C 477 42.32 -1.55 37.93
C VAL C 477 40.88 -1.37 37.46
N LYS C 478 39.92 -1.54 38.38
CA LYS C 478 38.51 -1.38 38.02
C LYS C 478 38.22 0.05 37.59
N ASN C 479 38.82 1.03 38.26
CA ASN C 479 38.55 2.43 38.00
C ASN C 479 39.43 3.01 36.88
N GLY C 480 40.29 2.20 36.28
CA GLY C 480 41.15 2.69 35.22
C GLY C 480 42.22 3.67 35.68
N THR C 481 42.81 3.44 36.85
CA THR C 481 43.89 4.27 37.36
C THR C 481 45.15 3.46 37.63
N TYR C 482 45.28 2.29 37.01
CA TYR C 482 46.44 1.46 37.19
C TYR C 482 47.68 2.16 36.66
N ASP C 483 48.74 2.19 37.46
CA ASP C 483 49.99 2.84 37.08
C ASP C 483 51.11 1.82 36.98
N TYR C 484 51.84 1.89 35.88
CA TYR C 484 52.93 0.97 35.55
C TYR C 484 54.17 1.20 36.40
N PRO C 485 54.70 2.43 36.51
CA PRO C 485 56.03 2.60 37.14
C PRO C 485 56.09 2.18 38.61
N LYS C 486 54.99 2.31 39.37
CA LYS C 486 55.06 2.08 40.81
C LYS C 486 55.53 0.67 41.13
N TYR C 487 54.73 -0.33 40.77
CA TYR C 487 55.11 -1.73 40.90
C TYR C 487 55.61 -2.22 39.53
N GLU C 488 56.83 -1.82 39.20
CA GLU C 488 57.53 -2.23 38.00
C GLU C 488 58.70 -3.15 38.32
N GLU C 489 59.60 -2.69 39.18
CA GLU C 489 60.76 -3.50 39.55
C GLU C 489 60.34 -4.77 40.29
N GLU C 490 59.27 -4.69 41.07
CA GLU C 490 58.75 -5.87 41.76
C GLU C 490 58.36 -6.95 40.76
N SER C 491 57.59 -6.58 39.75
CA SER C 491 57.17 -7.54 38.73
C SER C 491 58.35 -8.01 37.90
N LYS C 492 59.29 -7.12 37.58
CA LYS C 492 60.45 -7.53 36.79
C LYS C 492 61.33 -8.48 37.58
N LEU C 493 61.35 -8.37 38.91
CA LEU C 493 62.09 -9.31 39.73
C LEU C 493 61.39 -10.67 39.77
N ASN C 494 60.07 -10.66 39.94
CA ASN C 494 59.34 -11.93 39.99
C ASN C 494 59.23 -12.62 38.64
N ARG C 495 59.43 -11.90 37.54
CA ARG C 495 59.36 -12.53 36.21
C ARG C 495 60.48 -13.53 35.99
N ASN C 496 61.59 -13.43 36.72
CA ASN C 496 62.69 -14.37 36.55
C ASN C 496 62.32 -15.74 37.09
#